data_7W9K
#
_entry.id   7W9K
#
_cell.length_a   1.00
_cell.length_b   1.00
_cell.length_c   1.00
_cell.angle_alpha   90.00
_cell.angle_beta   90.00
_cell.angle_gamma   90.00
#
_symmetry.space_group_name_H-M   'P 1'
#
loop_
_entity.id
_entity.type
_entity.pdbx_description
1 polymer 'Sodium channel protein type 9 subunit alpha'
2 polymer 'Sodium channel subunit beta-1'
3 polymer 'Sodium channel subunit beta-2'
4 branched 2-acetamido-2-deoxy-beta-D-glucopyranose-(1-4)-2-acetamido-2-deoxy-beta-D-glucopyranose
5 non-polymer 2-acetamido-2-deoxy-beta-D-glucopyranose
6 non-polymer O-[(R)-{[(2R)-2,3-bis(octadecanoyloxy)propyl]oxy}(hydroxy)phosphoryl]-L-serine
7 non-polymer 'CHOLESTEROL HEMISUCCINATE'
8 non-polymer (3beta,14beta,17beta,25R)-3-[4-methoxy-3-(methoxymethyl)butoxy]spirost-5-en
9 non-polymer 'SODIUM ION'
10 non-polymer 1-O-OCTADECYL-SN-GLYCERO-3-PHOSPHOCHOLINE
11 non-polymer '(2S,3R,4E)-2-(acetylamino)-3-hydroxyoctadec-4-en-1-yl dihydrogen phosphate'
12 non-polymer 1,2-DIOLEOYL-SN-GLYCERO-3-PHOSPHOCHOLINE
13 water water
#
loop_
_entity_poly.entity_id
_entity_poly.type
_entity_poly.pdbx_seq_one_letter_code
_entity_poly.pdbx_strand_id
1 'polypeptide(L)'
;MASWSHPQFEKGGGARGGSGGGSWSHPQFEKGFDYKDDDDKGTMAMLPPPGPQSFVHFTKQSLALIEQRIAERKSKEPKE
EKKDDDEEAPKPSSDLEAGKQLPFIYGDIPPGMVSEPLEDLDPYYADKKTFIVLNKGKTIFRFNATPALYMLSPFSPLRR
ISIKILVHSLFSMLIMCTILTNCIFMTMNNPPDWTKNVEYTFTGIYTFESLVKILARGFCVGEFTFLRDPWNWLDFVVIV
FAYLTEFVNLGNVSALRTFRVLRALKTISVIPGLKTIVGALIQSVKKLSDVMILTVFCLSVFALIGLQLFMGNLKHKCFR
NSLENNETLESIMNTLESEEDFRKYFYYLEGSKDALLCGFSTDSGQCPEGYTCVKIGRNPDYGYTSFDTFSWAFLALFRL
MTQDYWENLYQQTLRAAGKTYMIFFVVVIFLGSFYLINLILAVVAMAYEEQNQANIEEAKQKELEFQQMLDRLKKEQEEA
EAIAAAAAEYTSIRRSRIMGLSESSSETSKLSSKSAKERRNRRKKKNQKKLSSGEEKGDAEKLSKSESEDSIRRKSFHLG
VEGHRRAHEKRLSTPNQSPLSIRGSLFSARRSSRTSLFSFKGRGRDIGSETEFADDEHSIFGDNESRRGSLFVPHRPQER
RSSNISQASRSPPMLPVNGKMHSAVDCNGVVSLVDGRSALMLPNGQLLPEVIIDKATSDDSGTTNQIHKKRRCSSYLLSE
DMLNDPNLRQRAMSRASILTNTVEELEESRQKCPPWWYRFAHKFLIWNCSPYWIKFKKCIYFIVMDPFVDLAITICIVLN
TLFMAMEHHPMTEEFKNVLAIGNLVFTGIFAAEMVLKLIAMDPYEYFQVGWNIFDSLIVTLSLVELFLADVEGLSVLRSF
RLLRVFKLAKSWPTLNMLIKIIGNSVGALGNLTLVLAIIVFIFAVVGMQLFGKSYKECVCKINDDCTLPRWHMNDFFHSF
LIVFRVLCGEWIETMWDCMEVAGQAMCLIVYMMVMVIGNLVVLNLFLALLLSSFSSDNLTAIEEDPDANNLQIAVTRIKK
GINYVKQTLREFILKAFSKKPKISREIRQAEDLNTKKENYISNHTLAEMSKGHNFLKEKDKISGFGSSVDKHLMEDSDGQ
SFIHNPSLTVTVPIAPGESDLENMNAEELSSDSDSEYSKVRLNRSSSSECSTVDNPLPGEGEEAEAEPMNSDEPEACFTD
GCVWRFSCCQVNIESGKGKIWWNIRKTCYKIVEHSWFESFIVLMILLSSGALAFEDIYIERKKTIKIILEYADKIFTYIF
ILEMLLKWIAYGYKTYFTNAWCWLDFLIVDVSLVTLVANTLGYSDLGPIKSLRTLRALRPLRALSRFEGMRVVVNALIGA
IPSIMNVLLVCLIFWLIFSIMGVNLFAGKFYECINTTDGSRFPASQVPNRSECFALMNVSQNVRWKNLKVNFDNVGLGYL
SLLQVATFKGWTIIMYAAVDSVNVDKQPKYEYSLYMYIYFVVFIIFGSFFTLNLFIGVIIDNFNQQKKKLGGQDIFMTEE
QKKYYNAMKKLGSKKPQKPIPRPGNKIQGCIFDLVTNQAFDISIMVLICLNMVTMMVEKEGQSQHMTEVLYWINVVFIIL
FTGECVLKLISLRHYYFTVGWNIFDFVVVIISIVGMFLADLIETYFVSPTLFRVIRLARIGRILRLVKGAKGIRTLLFAL
MMSLPALFNIGLLLFLVMFIYAIFGMSNFAYVKKEDGINDMFNFETFGNSMICLFQITTSAGWDGLLAPILNSKPPDCDP
KKVHPGSSVEGDCGNPSVGIFYFVSYIIISFLVVVNMYIAVILENFSVATEESTEPLSEDDFEMFYEVWEKFDPDATQFI
EFSKLSDFAAALDPPLLIAKPNKVQLIAMDLPMVSGDRIHCLDILFAFTKRVLGESGEMDSLRSQMEERFMSANPSKVSY
EPITTTLKRKQEDVSATVIQRAYRRYRLRQNVKNISSIYIKDGDRDDDLLNKKDMAFDNVNENSSPEKTDATSSTTSPPS
YDSVTKPDKEKYEQDRTEKEDKGKDSKESKK
;
A
2 'polypeptide(L)'
;MGRLLALVVGAALVSSACGGCVEVDSETEAVYGMTFKILCISCKRRSETNAETFTEWTFRQKGTEEFVKILRYENEVLQL
EEDERFEGRVVWNGSRGTKDLQDLSIFITNVTYNHSGDYECHVYRLLFFENYEHNTSVVKKIHIEVVDKANRDMASIVSE
IMMYVLIVVLTIWLVAEMIYCYKKIAAATETAAQENASEYLAITSESKENCTGVQVAE
;
B
3 'polypeptide(L)'
;MHRDAWLPRPAFSLTGLSLFFSLVPPGRSMEVTVPATLNVLNGSDARLPCTFNSCYTVNHKQFSLNWTYQECNNCSEEMF
LQFRMKIINLKLERFQDRVEFSGNPSKYDVSVMLRNVQPEDEGIYNCYIMNPPDRHRGHGKIHLQVLMEEPPERDSTVAV
IVGASVGGFLAVVILVLMVVKCVRRKKEQKLSTDDLKTEEEGKTDGEGNPDDGAK
;
C
#
loop_
_chem_comp.id
_chem_comp.type
_chem_comp.name
_chem_comp.formula
1PW non-polymer '(2S,3R,4E)-2-(acetylamino)-3-hydroxyoctadec-4-en-1-yl dihydrogen phosphate' 'C20 H40 N O6 P'
9Z9 non-polymer (3beta,14beta,17beta,25R)-3-[4-methoxy-3-(methoxymethyl)butoxy]spirost-5-en 'C34 H56 O5'
LPE non-polymer 1-O-OCTADECYL-SN-GLYCERO-3-PHOSPHOCHOLINE 'C26 H57 N O6 P 1'
NA non-polymer 'SODIUM ION' 'Na 1'
NAG D-saccharide, beta linking 2-acetamido-2-deoxy-beta-D-glucopyranose 'C8 H15 N O6'
P5S non-polymer O-[(R)-{[(2R)-2,3-bis(octadecanoyloxy)propyl]oxy}(hydroxy)phosphoryl]-L-serine 'C42 H82 N O10 P'
PCW non-polymer 1,2-DIOLEOYL-SN-GLYCERO-3-PHOSPHOCHOLINE 'C44 H85 N O8 P 1'
Y01 non-polymer 'CHOLESTEROL HEMISUCCINATE' 'C31 H50 O4'
#
# COMPACT_ATOMS: atom_id res chain seq x y z
N GLY A 51 30.38 32.62 -37.51
CA GLY A 51 29.00 32.29 -37.87
C GLY A 51 28.89 31.17 -38.88
N PRO A 52 27.86 31.20 -39.75
CA PRO A 52 27.59 30.14 -40.78
C PRO A 52 28.67 29.92 -41.79
N GLN A 53 29.26 30.98 -42.31
CA GLN A 53 30.32 30.91 -43.30
C GLN A 53 31.46 29.98 -42.89
N SER A 54 31.50 29.54 -41.66
CA SER A 54 32.46 28.50 -41.27
C SER A 54 31.98 27.06 -41.59
N PHE A 55 32.21 26.52 -42.80
CA PHE A 55 31.88 25.08 -43.11
C PHE A 55 32.80 24.63 -44.18
N VAL A 56 33.70 23.70 -43.87
CA VAL A 56 34.69 23.30 -44.85
C VAL A 56 35.07 21.87 -44.82
N HIS A 57 35.18 21.27 -46.00
CA HIS A 57 35.55 19.90 -46.13
C HIS A 57 36.95 19.49 -45.62
N PHE A 58 37.02 18.70 -44.56
CA PHE A 58 38.27 18.18 -44.07
C PHE A 58 39.04 17.55 -45.20
N THR A 59 40.00 18.28 -45.77
CA THR A 59 40.91 17.68 -46.77
C THR A 59 42.25 17.36 -46.05
N LYS A 60 43.01 16.38 -46.56
CA LYS A 60 44.26 16.05 -45.94
C LYS A 60 44.98 17.29 -45.45
N GLN A 61 44.80 18.40 -46.14
CA GLN A 61 45.54 19.60 -45.73
C GLN A 61 45.13 20.03 -44.32
N SER A 62 43.84 20.05 -43.98
CA SER A 62 43.41 20.37 -42.62
C SER A 62 43.77 19.29 -41.60
N LEU A 63 43.82 18.01 -41.98
CA LEU A 63 44.46 16.98 -41.15
C LEU A 63 45.92 17.35 -40.84
N ALA A 64 46.72 17.68 -41.86
CA ALA A 64 48.12 18.05 -41.66
C ALA A 64 48.29 19.32 -40.80
N LEU A 65 47.42 20.32 -40.94
CA LEU A 65 47.41 21.53 -40.11
C LEU A 65 46.97 21.27 -38.66
N ILE A 66 46.13 20.27 -38.40
CA ILE A 66 45.82 19.79 -37.05
C ILE A 66 47.03 19.04 -36.48
N GLU A 67 47.66 18.15 -37.26
CA GLU A 67 48.82 17.39 -36.82
C GLU A 67 50.03 18.28 -36.51
N GLN A 68 50.29 19.27 -37.36
CA GLN A 68 51.37 20.22 -37.09
C GLN A 68 51.14 20.94 -35.77
N ARG A 69 49.90 21.37 -35.53
CA ARG A 69 49.57 22.06 -34.28
C ARG A 69 49.81 21.18 -33.06
N ILE A 70 49.43 19.91 -33.13
CA ILE A 70 49.66 18.99 -32.03
C ILE A 70 51.15 18.82 -31.76
N ALA A 71 51.95 18.71 -32.83
CA ALA A 71 53.40 18.61 -32.67
C ALA A 71 53.94 19.87 -32.00
N GLU A 72 53.44 21.02 -32.39
CA GLU A 72 53.86 22.27 -31.76
C GLU A 72 53.53 22.26 -30.28
N ARG A 73 52.33 21.81 -29.93
CA ARG A 73 51.94 21.71 -28.52
C ARG A 73 52.90 20.80 -27.78
N LYS A 74 53.24 19.67 -28.38
CA LYS A 74 54.18 18.73 -27.74
C LYS A 74 55.53 19.38 -27.51
N SER A 75 56.04 20.11 -28.50
CA SER A 75 57.34 20.78 -28.35
C SER A 75 57.27 21.82 -27.24
N LYS A 76 56.15 22.54 -27.15
CA LYS A 76 55.98 23.52 -26.07
C LYS A 76 55.99 22.83 -24.70
N GLU A 77 55.30 21.69 -24.60
CA GLU A 77 55.27 20.96 -23.34
C GLU A 77 56.66 20.47 -22.95
N PRO A 90 39.33 23.80 -20.54
CA PRO A 90 38.84 23.89 -21.91
C PRO A 90 37.66 22.95 -22.11
N LYS A 91 36.48 23.50 -22.09
CA LYS A 91 35.31 22.69 -22.26
C LYS A 91 34.60 23.16 -23.52
N PRO A 92 33.94 22.21 -24.21
CA PRO A 92 33.45 22.65 -25.50
C PRO A 92 32.01 23.10 -25.56
N SER A 93 31.60 23.64 -26.71
CA SER A 93 30.25 24.23 -26.79
C SER A 93 29.19 23.24 -26.50
N SER A 94 28.47 23.42 -25.40
CA SER A 94 27.48 22.38 -25.04
C SER A 94 26.53 22.43 -26.14
N ASP A 95 26.46 23.58 -26.80
CA ASP A 95 25.64 23.73 -27.95
C ASP A 95 26.05 22.75 -28.98
N LEU A 96 27.13 23.02 -29.66
CA LEU A 96 27.69 22.11 -30.62
C LEU A 96 27.78 20.62 -30.19
N GLU A 97 28.11 20.33 -28.93
CA GLU A 97 28.23 18.96 -28.39
C GLU A 97 27.40 17.92 -29.09
N ALA A 98 28.01 16.84 -29.58
CA ALA A 98 27.29 15.89 -30.44
C ALA A 98 25.91 15.46 -30.12
N GLY A 99 25.18 15.11 -31.15
CA GLY A 99 23.83 14.71 -30.97
C GLY A 99 23.00 15.92 -30.72
N LYS A 100 23.22 16.93 -31.51
CA LYS A 100 22.57 18.19 -31.23
C LYS A 100 22.30 18.88 -32.48
N GLN A 101 21.46 19.88 -32.38
CA GLN A 101 21.05 20.55 -33.54
C GLN A 101 22.10 21.52 -33.87
N LEU A 102 22.37 21.73 -35.15
CA LEU A 102 23.35 22.76 -35.49
C LEU A 102 22.69 24.12 -35.28
N PRO A 103 23.33 24.99 -34.46
CA PRO A 103 22.75 26.31 -34.22
C PRO A 103 22.19 27.05 -35.45
N PHE A 104 21.02 27.66 -35.30
CA PHE A 104 20.43 28.42 -36.40
C PHE A 104 21.36 29.56 -36.76
N ILE A 105 22.29 29.89 -35.87
CA ILE A 105 23.25 30.92 -36.15
C ILE A 105 24.03 30.56 -37.40
N TYR A 106 24.13 29.29 -37.73
CA TYR A 106 24.89 28.87 -38.89
C TYR A 106 23.98 28.76 -40.08
N GLY A 107 22.69 28.79 -39.84
CA GLY A 107 21.74 28.65 -40.92
C GLY A 107 21.90 27.41 -41.76
N ASP A 108 21.46 27.50 -43.01
CA ASP A 108 21.49 26.33 -43.90
C ASP A 108 22.87 25.87 -44.34
N ILE A 109 22.97 24.58 -44.64
CA ILE A 109 24.24 23.99 -45.06
C ILE A 109 24.37 24.04 -46.55
N PRO A 110 25.60 24.26 -47.08
CA PRO A 110 25.73 24.17 -48.53
C PRO A 110 25.31 22.78 -48.94
N PRO A 111 24.56 22.68 -50.04
CA PRO A 111 24.05 21.38 -50.49
C PRO A 111 25.10 20.27 -50.70
N GLY A 112 26.37 20.62 -50.82
CA GLY A 112 27.42 19.62 -50.99
C GLY A 112 28.15 19.28 -49.70
N MET A 113 27.94 20.07 -48.66
CA MET A 113 28.66 19.84 -47.40
C MET A 113 27.93 18.89 -46.47
N VAL A 114 26.60 18.79 -46.63
CA VAL A 114 25.83 17.85 -45.84
C VAL A 114 26.32 16.44 -46.02
N SER A 115 26.27 15.64 -44.96
CA SER A 115 26.65 14.24 -45.06
C SER A 115 27.99 14.11 -45.73
N GLU A 116 29.02 14.71 -45.15
CA GLU A 116 30.38 14.64 -45.68
C GLU A 116 31.33 14.89 -44.55
N PRO A 117 32.49 14.21 -44.53
CA PRO A 117 33.45 14.55 -43.50
C PRO A 117 33.78 16.04 -43.55
N LEU A 118 33.30 16.81 -42.59
CA LEU A 118 33.62 18.25 -42.52
C LEU A 118 34.58 18.52 -41.37
N GLU A 119 35.20 19.68 -41.38
CA GLU A 119 36.14 20.07 -40.32
C GLU A 119 35.47 20.39 -39.02
N ASP A 120 36.21 20.30 -37.93
CA ASP A 120 35.63 20.54 -36.62
C ASP A 120 35.29 21.99 -36.37
N LEU A 121 34.05 22.24 -35.96
CA LEU A 121 33.66 23.61 -35.64
C LEU A 121 34.21 23.99 -34.29
N ASP A 122 33.67 23.40 -33.22
CA ASP A 122 34.13 23.70 -31.87
C ASP A 122 35.64 23.88 -31.77
N PRO A 123 36.08 24.99 -31.18
CA PRO A 123 37.50 25.29 -31.07
C PRO A 123 38.22 24.36 -30.13
N TYR A 124 37.59 23.98 -29.04
CA TYR A 124 38.26 23.14 -28.07
C TYR A 124 38.95 22.01 -28.82
N TYR A 125 38.23 21.33 -29.70
CA TYR A 125 38.78 20.19 -30.45
C TYR A 125 39.53 20.61 -31.69
N ALA A 126 39.41 21.86 -32.12
CA ALA A 126 40.04 22.28 -33.37
C ALA A 126 41.51 21.92 -33.42
N ASP A 127 42.14 21.83 -32.26
CA ASP A 127 43.54 21.47 -32.20
C ASP A 127 43.67 19.97 -32.18
N LYS A 128 42.91 19.27 -31.32
CA LYS A 128 42.98 17.80 -31.38
C LYS A 128 42.49 17.24 -32.71
N LYS A 129 42.67 15.95 -32.94
CA LYS A 129 42.31 15.38 -34.26
C LYS A 129 40.90 14.80 -34.34
N THR A 130 40.03 15.42 -35.15
CA THR A 130 38.65 15.02 -35.29
C THR A 130 37.99 15.41 -36.58
N PHE A 131 36.82 14.85 -36.89
CA PHE A 131 36.07 15.28 -38.06
C PHE A 131 34.58 15.17 -37.78
N ILE A 132 33.82 16.23 -38.08
CA ILE A 132 32.39 16.22 -37.77
C ILE A 132 31.56 16.06 -39.03
N VAL A 133 30.39 15.46 -38.92
CA VAL A 133 29.53 15.24 -40.07
C VAL A 133 28.12 15.61 -39.71
N LEU A 134 27.39 16.25 -40.61
CA LEU A 134 26.06 16.71 -40.29
C LEU A 134 25.05 16.15 -41.24
N ASN A 135 23.92 15.70 -40.69
CA ASN A 135 22.88 15.11 -41.51
C ASN A 135 21.91 16.14 -42.01
N LYS A 136 21.03 15.75 -42.92
CA LYS A 136 20.03 16.68 -43.46
C LYS A 136 19.01 17.10 -42.40
N GLY A 137 19.40 17.00 -41.13
CA GLY A 137 18.50 17.37 -40.06
C GLY A 137 19.34 18.18 -39.12
N LYS A 138 20.50 18.65 -39.58
CA LYS A 138 21.43 19.43 -38.76
C LYS A 138 21.80 18.72 -37.46
N THR A 139 22.00 17.41 -37.51
CA THR A 139 22.43 16.67 -36.32
C THR A 139 23.94 16.56 -36.32
N ILE A 140 24.59 17.01 -35.25
CA ILE A 140 26.04 17.03 -35.19
C ILE A 140 26.62 15.68 -34.78
N PHE A 141 27.50 15.12 -35.61
CA PHE A 141 28.12 13.83 -35.31
C PHE A 141 29.64 13.97 -35.32
N ARG A 142 30.29 13.71 -34.19
CA ARG A 142 31.74 13.88 -34.10
C ARG A 142 32.47 12.54 -34.16
N PHE A 143 33.51 12.46 -34.98
CA PHE A 143 34.25 11.20 -35.14
C PHE A 143 35.74 11.35 -34.86
N ASN A 144 36.54 10.36 -35.26
CA ASN A 144 37.98 10.42 -35.06
C ASN A 144 38.71 10.44 -36.38
N ALA A 145 39.56 11.43 -36.58
CA ALA A 145 40.34 11.52 -37.81
C ALA A 145 41.32 10.37 -37.93
N THR A 146 41.73 9.80 -36.80
CA THR A 146 42.65 8.66 -36.79
C THR A 146 42.09 7.49 -37.59
N PRO A 147 42.95 6.82 -38.39
CA PRO A 147 42.51 5.70 -39.21
C PRO A 147 41.80 4.60 -38.43
N ALA A 148 40.69 4.09 -38.98
CA ALA A 148 39.93 3.04 -38.30
C ALA A 148 40.72 1.76 -38.35
N LEU A 149 41.11 1.25 -37.19
CA LEU A 149 41.96 0.05 -37.13
C LEU A 149 43.18 0.25 -38.03
N TYR A 150 43.74 1.45 -38.01
CA TYR A 150 44.92 1.78 -38.84
C TYR A 150 44.72 1.46 -40.31
N MET A 151 43.51 1.71 -40.83
CA MET A 151 43.21 1.42 -42.24
C MET A 151 42.40 2.51 -42.92
N LEU A 152 41.12 2.63 -42.57
CA LEU A 152 40.25 3.60 -43.24
C LEU A 152 40.46 5.04 -42.83
N SER A 153 40.48 5.96 -43.79
CA SER A 153 40.62 7.38 -43.48
C SER A 153 39.33 8.12 -43.80
N PRO A 154 39.11 9.30 -43.19
CA PRO A 154 37.92 10.08 -43.55
C PRO A 154 37.78 10.24 -45.06
N PHE A 155 38.90 10.37 -45.75
CA PHE A 155 38.88 10.61 -47.19
C PHE A 155 38.56 9.35 -47.95
N SER A 156 38.94 8.20 -47.39
CA SER A 156 38.69 6.91 -48.05
C SER A 156 37.22 6.71 -48.39
N PRO A 157 36.94 6.28 -49.64
CA PRO A 157 35.55 6.04 -50.07
C PRO A 157 34.85 4.96 -49.25
N LEU A 158 35.59 3.97 -48.79
CA LEU A 158 35.01 2.90 -47.98
C LEU A 158 34.43 3.46 -46.69
N ARG A 159 35.19 4.30 -45.99
CA ARG A 159 34.67 4.93 -44.78
C ARG A 159 33.60 5.95 -45.14
N ARG A 160 33.82 6.71 -46.21
CA ARG A 160 32.83 7.70 -46.64
C ARG A 160 31.45 7.06 -46.72
N ILE A 161 31.37 5.86 -47.31
CA ILE A 161 30.04 5.13 -47.33
C ILE A 161 29.45 4.65 -45.95
N SER A 162 30.31 4.21 -45.06
CA SER A 162 29.88 3.74 -43.79
C SER A 162 29.29 4.95 -43.13
N ILE A 163 29.97 6.07 -43.24
CA ILE A 163 29.51 7.28 -42.55
C ILE A 163 28.18 7.73 -43.14
N LYS A 164 28.10 7.69 -44.46
CA LYS A 164 26.89 8.10 -45.14
C LYS A 164 25.69 7.33 -44.62
N ILE A 165 25.84 6.02 -44.46
CA ILE A 165 24.74 5.24 -43.90
C ILE A 165 24.50 5.60 -42.41
N LEU A 166 25.53 5.56 -41.58
CA LEU A 166 25.40 5.82 -40.14
C LEU A 166 24.54 7.01 -39.72
N VAL A 167 24.56 8.10 -40.44
CA VAL A 167 23.79 9.29 -40.08
C VAL A 167 22.85 9.63 -41.21
N HIS A 168 21.77 8.86 -41.30
CA HIS A 168 20.73 9.05 -42.27
C HIS A 168 19.48 8.60 -41.46
N SER A 169 18.26 8.74 -41.95
CA SER A 169 17.10 8.26 -41.19
C SER A 169 16.64 6.85 -41.58
N LEU A 170 16.91 6.46 -42.83
CA LEU A 170 16.54 5.12 -43.27
C LEU A 170 17.41 4.10 -42.56
N PHE A 171 18.37 4.58 -41.77
CA PHE A 171 19.23 3.70 -41.01
C PHE A 171 18.48 3.37 -39.75
N SER A 172 18.27 4.37 -38.91
CA SER A 172 17.58 4.14 -37.67
C SER A 172 16.10 3.60 -37.76
N MET A 173 15.31 3.94 -38.74
CA MET A 173 13.93 3.41 -38.91
C MET A 173 13.97 1.97 -39.20
N LEU A 174 14.87 1.60 -40.07
CA LEU A 174 15.10 0.25 -40.32
C LEU A 174 15.39 -0.44 -38.98
N ILE A 175 16.27 0.15 -38.18
CA ILE A 175 16.63 -0.51 -36.94
C ILE A 175 15.45 -0.61 -35.95
N MET A 176 14.67 0.46 -35.84
CA MET A 176 13.50 0.44 -34.98
C MET A 176 12.61 -0.72 -35.38
N CYS A 177 12.35 -0.86 -36.68
CA CYS A 177 11.55 -1.97 -37.17
C CYS A 177 12.09 -3.27 -36.80
N THR A 178 13.32 -3.48 -37.10
CA THR A 178 13.94 -4.73 -36.75
C THR A 178 13.76 -5.08 -35.25
N ILE A 179 14.04 -4.14 -34.38
CA ILE A 179 13.95 -4.39 -32.95
C ILE A 179 12.52 -4.73 -32.60
N LEU A 180 11.54 -3.95 -33.07
CA LEU A 180 10.15 -4.19 -32.70
C LEU A 180 9.62 -5.52 -33.22
N THR A 181 10.08 -5.94 -34.39
CA THR A 181 9.67 -7.22 -34.95
C THR A 181 10.29 -8.35 -34.13
N ASN A 182 11.51 -8.14 -33.67
CA ASN A 182 12.13 -9.14 -32.83
C ASN A 182 11.32 -9.23 -31.52
N CYS A 183 10.87 -8.09 -30.98
CA CYS A 183 10.04 -8.10 -29.77
C CYS A 183 8.77 -9.01 -29.96
N ILE A 184 8.10 -8.81 -31.09
CA ILE A 184 6.94 -9.69 -31.40
C ILE A 184 7.32 -11.19 -31.47
N PHE A 185 8.39 -11.52 -32.14
CA PHE A 185 8.88 -12.91 -32.11
C PHE A 185 9.34 -13.45 -30.71
N MET A 186 9.92 -12.65 -29.81
CA MET A 186 10.27 -13.02 -28.43
C MET A 186 9.02 -13.31 -27.61
N THR A 187 7.90 -12.73 -27.97
CA THR A 187 6.62 -13.15 -27.26
C THR A 187 6.11 -14.61 -27.42
N MET A 188 6.41 -15.37 -28.43
CA MET A 188 6.04 -16.77 -28.72
C MET A 188 6.77 -17.73 -27.81
N ASN A 189 6.06 -18.70 -27.26
CA ASN A 189 6.62 -19.64 -26.30
C ASN A 189 7.10 -20.90 -26.90
N ASN A 190 6.54 -21.29 -28.00
CA ASN A 190 6.98 -22.44 -28.71
C ASN A 190 7.06 -22.03 -30.12
N PRO A 191 8.17 -21.41 -30.48
CA PRO A 191 8.22 -20.89 -31.84
C PRO A 191 8.14 -22.01 -32.88
N PRO A 192 7.40 -21.80 -33.99
CA PRO A 192 7.45 -22.88 -34.99
C PRO A 192 8.78 -22.93 -35.74
N ASP A 193 8.89 -23.69 -36.83
CA ASP A 193 10.24 -23.83 -37.49
C ASP A 193 10.58 -22.87 -38.57
N TRP A 194 9.58 -22.26 -39.15
CA TRP A 194 9.84 -21.24 -40.11
C TRP A 194 10.39 -20.01 -39.44
N THR A 195 10.87 -20.13 -38.23
CA THR A 195 11.26 -18.99 -37.44
C THR A 195 12.77 -18.92 -37.25
N LYS A 196 13.47 -20.01 -37.41
CA LYS A 196 14.94 -19.95 -37.33
C LYS A 196 15.54 -19.13 -38.48
N ASN A 197 14.89 -19.11 -39.60
CA ASN A 197 15.33 -18.29 -40.70
C ASN A 197 15.22 -16.88 -40.35
N VAL A 198 14.13 -16.51 -39.71
CA VAL A 198 13.94 -15.11 -39.25
C VAL A 198 14.98 -14.77 -38.19
N GLU A 199 15.40 -15.72 -37.45
CA GLU A 199 16.30 -15.37 -36.41
C GLU A 199 17.60 -15.16 -37.01
N TYR A 200 17.90 -15.88 -38.08
CA TYR A 200 19.13 -15.54 -38.77
C TYR A 200 19.02 -14.19 -39.37
N THR A 201 17.92 -13.92 -40.00
CA THR A 201 17.74 -12.67 -40.63
C THR A 201 17.84 -11.47 -39.66
N PHE A 202 17.44 -11.61 -38.40
CA PHE A 202 17.55 -10.46 -37.49
C PHE A 202 18.94 -10.35 -37.01
N THR A 203 19.57 -11.45 -36.72
CA THR A 203 20.98 -11.50 -36.26
C THR A 203 21.86 -10.80 -37.29
N GLY A 204 21.51 -10.93 -38.55
CA GLY A 204 22.23 -10.15 -39.54
C GLY A 204 21.90 -8.70 -39.69
N ILE A 205 20.67 -8.26 -39.51
CA ILE A 205 20.46 -6.79 -39.59
C ILE A 205 21.28 -6.13 -38.49
N TYR A 206 21.86 -6.87 -37.55
CA TYR A 206 22.58 -6.38 -36.41
C TYR A 206 24.06 -6.43 -36.57
N THR A 207 24.56 -7.39 -37.33
CA THR A 207 25.97 -7.45 -37.60
C THR A 207 26.28 -6.28 -38.52
N PHE A 208 25.38 -6.03 -39.47
CA PHE A 208 25.54 -4.91 -40.39
C PHE A 208 25.79 -3.60 -39.65
N GLU A 209 24.88 -3.21 -38.78
CA GLU A 209 25.02 -1.92 -38.10
C GLU A 209 26.28 -1.84 -37.24
N SER A 210 26.60 -2.92 -36.53
CA SER A 210 27.80 -2.92 -35.70
C SER A 210 29.02 -2.74 -36.57
N LEU A 211 29.08 -3.43 -37.71
CA LEU A 211 30.20 -3.25 -38.63
C LEU A 211 30.28 -1.84 -39.17
N VAL A 212 29.13 -1.24 -39.49
CA VAL A 212 29.12 0.13 -39.98
C VAL A 212 29.70 1.05 -38.92
N LYS A 213 29.32 0.86 -37.66
CA LYS A 213 29.89 1.68 -36.58
C LYS A 213 31.39 1.46 -36.41
N ILE A 214 31.84 0.22 -36.51
CA ILE A 214 33.28 -0.08 -36.38
C ILE A 214 34.06 0.52 -37.54
N LEU A 215 33.55 0.38 -38.76
CA LEU A 215 34.24 0.93 -39.92
C LEU A 215 34.26 2.45 -39.89
N ALA A 216 33.12 3.04 -39.56
CA ALA A 216 33.08 4.50 -39.51
C ALA A 216 33.72 5.22 -38.32
N ARG A 217 33.46 4.81 -37.10
CA ARG A 217 33.95 5.50 -35.93
C ARG A 217 35.24 4.97 -35.47
N GLY A 218 35.67 3.96 -36.11
CA GLY A 218 36.78 3.16 -35.63
C GLY A 218 36.31 2.23 -34.54
N PHE A 219 37.20 1.41 -34.01
CA PHE A 219 36.77 0.44 -33.00
C PHE A 219 36.95 0.89 -31.59
N CYS A 220 38.15 0.84 -31.03
CA CYS A 220 38.30 1.14 -29.61
C CYS A 220 39.43 2.09 -29.24
N VAL A 221 40.51 2.06 -30.01
CA VAL A 221 41.70 2.88 -29.69
C VAL A 221 41.51 4.38 -29.50
N GLY A 222 40.81 5.05 -30.41
CA GLY A 222 40.71 6.50 -30.35
C GLY A 222 39.87 7.15 -29.27
N GLU A 223 39.19 8.24 -29.62
CA GLU A 223 38.37 8.94 -28.64
C GLU A 223 36.90 8.78 -28.90
N PHE A 224 36.40 9.35 -29.99
CA PHE A 224 35.00 9.14 -30.33
C PHE A 224 34.94 7.90 -31.15
N THR A 225 35.14 6.71 -30.60
CA THR A 225 35.24 5.47 -31.35
C THR A 225 34.14 4.56 -30.81
N PHE A 226 33.79 3.49 -31.49
CA PHE A 226 32.68 2.61 -31.11
C PHE A 226 32.65 2.09 -29.68
N LEU A 227 33.74 1.59 -29.16
CA LEU A 227 33.74 0.98 -27.85
C LEU A 227 33.72 2.06 -26.77
N ARG A 228 33.88 3.33 -27.15
CA ARG A 228 33.71 4.38 -26.14
C ARG A 228 32.23 4.58 -25.77
N ASP A 229 31.30 4.52 -26.73
CA ASP A 229 29.83 4.57 -26.33
C ASP A 229 29.32 3.41 -25.42
N PRO A 230 28.77 3.73 -24.25
CA PRO A 230 28.34 2.71 -23.30
C PRO A 230 27.20 1.83 -23.72
N TRP A 231 26.37 2.25 -24.67
CA TRP A 231 25.21 1.50 -25.19
C TRP A 231 25.60 0.66 -26.34
N ASN A 232 26.78 0.87 -26.93
CA ASN A 232 27.34 0.09 -28.02
C ASN A 232 27.92 -1.15 -27.38
N TRP A 233 28.18 -1.10 -26.07
N TRP A 233 28.19 -1.10 -26.08
CA TRP A 233 28.64 -2.31 -25.39
CA TRP A 233 28.63 -2.31 -25.39
C TRP A 233 27.49 -3.31 -25.39
C TRP A 233 27.49 -3.31 -25.38
N LEU A 234 26.27 -2.82 -25.22
CA LEU A 234 25.10 -3.69 -25.25
C LEU A 234 24.97 -4.32 -26.62
N ASP A 235 25.16 -3.53 -27.66
CA ASP A 235 25.08 -4.05 -29.00
C ASP A 235 26.15 -5.11 -29.19
N PHE A 236 27.34 -4.85 -28.67
CA PHE A 236 28.43 -5.80 -28.78
C PHE A 236 28.12 -7.13 -28.08
N VAL A 237 27.53 -7.08 -26.87
CA VAL A 237 27.15 -8.34 -26.20
C VAL A 237 26.04 -9.05 -26.99
N VAL A 238 25.11 -8.31 -27.57
CA VAL A 238 24.08 -8.93 -28.39
C VAL A 238 24.73 -9.67 -29.56
N ILE A 239 25.72 -9.03 -30.19
CA ILE A 239 26.43 -9.68 -31.29
C ILE A 239 27.16 -10.94 -30.83
N VAL A 240 27.83 -10.88 -29.67
CA VAL A 240 28.63 -12.04 -29.28
C VAL A 240 27.76 -13.18 -28.74
N PHE A 241 26.76 -12.89 -27.90
CA PHE A 241 25.94 -13.94 -27.32
C PHE A 241 25.32 -14.67 -28.45
N ALA A 242 24.78 -14.01 -29.43
CA ALA A 242 24.23 -14.70 -30.55
C ALA A 242 25.15 -15.69 -31.17
N TYR A 243 26.16 -15.20 -31.87
CA TYR A 243 27.06 -16.11 -32.59
C TYR A 243 27.80 -17.10 -31.71
N LEU A 244 28.39 -16.64 -30.62
CA LEU A 244 29.19 -17.53 -29.76
C LEU A 244 28.40 -18.74 -29.30
N THR A 245 27.25 -18.51 -28.69
CA THR A 245 26.43 -19.63 -28.19
C THR A 245 25.98 -20.53 -29.31
N GLU A 246 25.63 -19.95 -30.46
CA GLU A 246 25.23 -20.75 -31.61
C GLU A 246 26.35 -21.71 -31.99
N PHE A 247 27.57 -21.19 -32.12
CA PHE A 247 28.70 -22.04 -32.49
C PHE A 247 28.99 -23.09 -31.43
N VAL A 248 28.84 -22.73 -30.16
CA VAL A 248 29.04 -23.70 -29.08
C VAL A 248 28.05 -24.86 -29.22
N ASN A 249 26.78 -24.53 -29.48
CA ASN A 249 25.77 -25.58 -29.65
C ASN A 249 26.06 -26.42 -30.89
N ASN A 252 22.09 -23.31 -21.43
CA ASN A 252 20.66 -23.61 -21.41
C ASN A 252 19.91 -22.82 -22.46
N VAL A 253 18.91 -23.44 -23.07
CA VAL A 253 18.11 -22.75 -24.09
C VAL A 253 17.44 -21.53 -23.47
N SER A 254 16.90 -21.70 -22.26
CA SER A 254 16.26 -20.58 -21.57
C SER A 254 17.25 -19.43 -21.38
N ALA A 255 18.45 -19.74 -20.91
CA ALA A 255 19.49 -18.71 -20.74
C ALA A 255 19.78 -18.00 -22.05
N LEU A 256 19.95 -18.77 -23.12
CA LEU A 256 20.24 -18.17 -24.42
C LEU A 256 19.13 -17.21 -24.83
N ARG A 257 17.88 -17.63 -24.65
CA ARG A 257 16.76 -16.79 -25.07
C ARG A 257 16.57 -15.56 -24.18
N THR A 258 16.99 -15.65 -22.92
CA THR A 258 16.93 -14.47 -22.05
C THR A 258 18.04 -13.50 -22.45
N PHE A 259 19.18 -14.03 -22.90
CA PHE A 259 20.24 -13.15 -23.39
C PHE A 259 19.70 -12.35 -24.56
N ARG A 260 18.71 -12.90 -25.26
CA ARG A 260 18.11 -12.20 -26.33
C ARG A 260 17.18 -11.06 -25.90
N VAL A 261 16.54 -11.09 -24.75
CA VAL A 261 15.72 -9.95 -24.31
C VAL A 261 16.57 -8.66 -24.28
N LEU A 262 17.89 -8.76 -24.21
CA LEU A 262 18.80 -7.60 -24.29
C LEU A 262 18.70 -6.84 -25.61
N ARG A 263 18.14 -7.42 -26.62
CA ARG A 263 17.89 -6.78 -27.89
C ARG A 263 16.76 -5.87 -27.66
N ALA A 264 15.77 -6.26 -26.88
CA ALA A 264 14.70 -5.32 -26.53
C ALA A 264 15.19 -3.98 -26.00
N LEU A 265 16.35 -3.93 -25.38
CA LEU A 265 16.93 -2.67 -24.86
C LEU A 265 17.63 -1.75 -25.83
N LYS A 266 17.79 -2.16 -27.09
CA LYS A 266 18.36 -1.31 -28.11
C LYS A 266 17.40 -0.24 -28.47
N THR A 267 16.15 -0.40 -28.07
CA THR A 267 15.13 0.60 -28.26
C THR A 267 15.44 1.87 -27.53
N ILE A 268 15.95 1.77 -26.36
CA ILE A 268 16.38 2.95 -25.69
C ILE A 268 17.39 3.68 -26.55
N SER A 269 18.26 2.95 -27.20
CA SER A 269 19.35 3.58 -27.98
C SER A 269 18.92 4.08 -29.35
N VAL A 270 17.71 3.81 -29.73
CA VAL A 270 17.21 4.19 -31.04
C VAL A 270 16.05 5.14 -30.96
N ILE A 271 15.05 4.92 -30.12
CA ILE A 271 13.94 5.89 -30.16
C ILE A 271 14.54 7.10 -29.49
N PRO A 272 14.28 8.29 -30.03
CA PRO A 272 14.92 9.46 -29.49
C PRO A 272 14.41 9.86 -28.10
N GLY A 273 15.23 10.53 -27.33
CA GLY A 273 14.84 10.86 -25.96
C GLY A 273 14.61 9.74 -24.92
N LEU A 274 15.03 8.53 -25.17
CA LEU A 274 14.78 7.47 -24.24
C LEU A 274 15.97 7.38 -23.30
N LYS A 275 17.15 7.87 -23.69
CA LYS A 275 18.34 7.87 -22.88
C LYS A 275 18.32 8.96 -21.83
N THR A 276 17.96 10.15 -22.19
CA THR A 276 17.76 11.21 -21.22
C THR A 276 16.83 10.71 -20.12
N ILE A 277 15.71 10.06 -20.44
CA ILE A 277 14.79 9.48 -19.48
C ILE A 277 15.43 8.41 -18.61
N VAL A 278 16.12 7.50 -19.22
CA VAL A 278 16.78 6.47 -18.47
C VAL A 278 17.88 7.05 -17.56
N GLY A 279 18.61 8.03 -18.00
CA GLY A 279 19.58 8.67 -17.18
C GLY A 279 19.01 9.46 -16.02
N ALA A 280 17.82 10.03 -16.19
CA ALA A 280 17.16 10.74 -15.11
C ALA A 280 16.65 9.77 -14.03
N LEU A 281 16.16 8.61 -14.39
CA LEU A 281 15.75 7.59 -13.45
C LEU A 281 16.97 7.05 -12.68
N ILE A 282 18.14 6.99 -13.26
CA ILE A 282 19.34 6.69 -12.51
C ILE A 282 19.69 7.83 -11.52
N GLN A 283 19.35 9.05 -11.82
CA GLN A 283 19.52 10.15 -10.86
C GLN A 283 18.53 10.08 -9.65
N SER A 284 17.36 9.48 -9.80
CA SER A 284 16.46 9.33 -8.68
C SER A 284 16.94 8.24 -7.70
N VAL A 285 17.70 7.28 -8.17
CA VAL A 285 18.20 6.21 -7.38
C VAL A 285 19.39 6.60 -6.51
N LYS A 286 20.26 7.48 -7.00
CA LYS A 286 21.46 7.78 -6.25
C LYS A 286 21.09 8.56 -5.00
N LYS A 287 20.17 9.53 -5.06
CA LYS A 287 19.63 10.24 -3.90
C LYS A 287 18.88 9.39 -2.87
N LEU A 288 18.33 8.27 -3.28
CA LEU A 288 17.65 7.34 -2.43
C LEU A 288 18.55 6.54 -1.55
N SER A 289 19.84 6.90 -1.46
CA SER A 289 20.79 6.08 -0.70
C SER A 289 20.63 5.93 0.82
N ASP A 290 20.36 6.98 1.55
CA ASP A 290 20.25 6.98 3.02
C ASP A 290 18.91 6.54 3.50
N VAL A 291 17.94 6.61 2.66
CA VAL A 291 16.67 6.10 2.97
C VAL A 291 16.79 4.59 2.82
N MET A 292 17.47 4.10 1.78
CA MET A 292 17.68 2.66 1.55
C MET A 292 18.45 2.05 2.68
N ILE A 293 19.37 2.80 3.26
CA ILE A 293 20.08 2.34 4.41
C ILE A 293 19.17 2.24 5.67
N LEU A 294 18.43 3.29 5.94
CA LEU A 294 17.50 3.26 7.01
C LEU A 294 16.51 2.16 6.80
N THR A 295 16.10 1.92 5.60
CA THR A 295 15.14 0.92 5.34
C THR A 295 15.65 -0.44 5.71
N VAL A 296 16.81 -0.79 5.24
CA VAL A 296 17.43 -2.08 5.62
C VAL A 296 17.63 -2.23 7.10
N PHE A 297 18.14 -1.18 7.74
CA PHE A 297 18.29 -1.17 9.20
C PHE A 297 16.99 -1.40 9.97
N CYS A 298 15.89 -0.77 9.59
CA CYS A 298 14.66 -0.88 10.31
C CYS A 298 14.07 -2.21 10.05
N LEU A 299 14.19 -2.65 8.81
CA LEU A 299 13.68 -3.94 8.49
C LEU A 299 14.39 -5.02 9.32
N SER A 300 15.67 -4.90 9.48
CA SER A 300 16.46 -5.82 10.31
C SER A 300 16.19 -5.74 11.84
N VAL A 301 16.00 -4.56 12.36
CA VAL A 301 15.63 -4.42 13.76
C VAL A 301 14.24 -5.07 13.99
N PHE A 302 13.28 -4.86 13.14
CA PHE A 302 11.99 -5.52 13.27
C PHE A 302 12.01 -7.01 12.99
N ALA A 303 12.88 -7.44 12.12
CA ALA A 303 13.04 -8.82 11.85
C ALA A 303 13.61 -9.56 13.08
N LEU A 304 14.57 -8.94 13.77
CA LEU A 304 15.17 -9.47 14.97
C LEU A 304 14.15 -9.44 16.13
N ILE A 305 13.24 -8.47 16.11
CA ILE A 305 12.16 -8.56 17.06
C ILE A 305 11.24 -9.79 16.79
N GLY A 306 10.65 -9.94 15.61
CA GLY A 306 9.82 -11.07 15.26
C GLY A 306 10.50 -12.40 15.37
N LEU A 307 11.78 -12.47 15.04
CA LEU A 307 12.55 -13.68 15.27
C LEU A 307 12.46 -14.03 16.81
N GLN A 308 12.86 -13.17 17.69
CA GLN A 308 12.76 -13.32 19.17
C GLN A 308 11.36 -13.60 19.75
N LEU A 309 10.36 -12.79 19.39
CA LEU A 309 8.97 -13.05 19.80
C LEU A 309 8.35 -14.28 19.24
N PHE A 310 8.50 -14.54 17.97
CA PHE A 310 7.83 -15.63 17.24
C PHE A 310 8.58 -16.89 16.72
N MET A 311 9.85 -17.04 17.05
CA MET A 311 10.63 -18.17 16.54
C MET A 311 9.93 -19.51 16.77
N GLY A 312 9.43 -20.14 15.71
CA GLY A 312 8.76 -21.44 15.82
C GLY A 312 7.27 -21.45 16.09
N ASN A 313 6.65 -20.29 16.25
CA ASN A 313 5.20 -20.21 16.49
C ASN A 313 4.36 -20.71 15.32
N LEU A 314 4.78 -20.41 14.09
CA LEU A 314 4.04 -20.86 12.91
C LEU A 314 4.06 -22.38 12.74
N LYS A 315 5.05 -23.05 13.34
CA LYS A 315 5.10 -24.51 13.30
C LYS A 315 3.99 -25.23 14.08
N HIS A 316 3.34 -24.57 15.05
CA HIS A 316 2.36 -25.27 15.90
C HIS A 316 1.14 -25.88 15.19
N LYS A 317 0.77 -27.11 15.57
CA LYS A 317 -0.36 -27.82 14.94
C LYS A 317 -1.21 -28.57 15.95
N CYS A 318 -2.39 -29.06 15.55
CA CYS A 318 -3.27 -29.72 16.44
C CYS A 318 -3.12 -31.21 16.23
N PHE A 319 -2.47 -31.84 17.16
CA PHE A 319 -2.18 -33.26 17.06
C PHE A 319 -3.15 -34.17 17.84
N ARG A 320 -3.76 -35.07 17.15
CA ARG A 320 -4.66 -36.06 17.82
C ARG A 320 -4.11 -36.71 19.10
N ASN A 321 -5.00 -37.03 20.02
CA ASN A 321 -4.61 -37.53 21.35
C ASN A 321 -4.57 -39.02 21.44
N SER A 322 -5.57 -39.70 20.90
CA SER A 322 -5.50 -41.17 20.89
C SER A 322 -4.79 -41.76 19.67
N LEU A 323 -3.64 -42.42 19.86
CA LEU A 323 -3.02 -43.10 18.72
C LEU A 323 -3.03 -44.64 18.86
N GLU A 324 -3.56 -45.34 17.87
CA GLU A 324 -3.49 -46.79 17.92
C GLU A 324 -2.11 -47.37 17.61
N ASN A 325 -1.95 -48.66 17.82
CA ASN A 325 -0.73 -49.38 17.40
C ASN A 325 0.58 -48.90 17.94
N ASN A 326 0.60 -48.58 19.23
CA ASN A 326 1.84 -48.06 19.86
C ASN A 326 2.57 -47.07 18.99
N GLU A 327 1.99 -45.91 18.79
CA GLU A 327 2.55 -44.94 17.88
C GLU A 327 2.89 -43.66 18.56
N THR A 328 3.78 -42.91 17.96
CA THR A 328 4.30 -41.71 18.58
C THR A 328 4.30 -40.56 17.57
N LEU A 329 4.34 -39.30 18.02
CA LEU A 329 4.47 -38.13 17.12
C LEU A 329 5.75 -38.46 16.31
N GLU A 330 6.83 -38.80 17.00
CA GLU A 330 8.09 -39.18 16.33
C GLU A 330 7.94 -40.14 15.15
N SER A 331 7.50 -41.38 15.40
CA SER A 331 7.32 -42.32 14.33
C SER A 331 6.41 -41.82 13.25
N ILE A 332 5.32 -41.20 13.63
CA ILE A 332 4.33 -40.75 12.65
C ILE A 332 4.93 -39.64 11.80
N MET A 333 5.91 -38.95 12.32
CA MET A 333 6.41 -37.78 11.66
C MET A 333 7.57 -38.10 10.77
N ASN A 334 8.00 -39.36 10.78
CA ASN A 334 9.01 -39.79 9.84
C ASN A 334 8.21 -40.48 8.62
N THR A 335 7.14 -41.19 8.90
CA THR A 335 6.36 -41.89 7.87
C THR A 335 5.18 -41.22 7.15
N LEU A 336 5.22 -39.95 6.81
CA LEU A 336 4.12 -39.30 6.19
C LEU A 336 4.52 -38.36 5.10
N GLU A 337 3.83 -38.41 3.97
CA GLU A 337 4.09 -37.53 2.88
C GLU A 337 2.91 -36.71 2.35
N SER A 338 1.80 -37.36 2.00
CA SER A 338 0.63 -36.66 1.43
C SER A 338 -0.13 -35.75 2.35
N GLU A 339 -1.07 -34.99 1.85
CA GLU A 339 -1.86 -34.18 2.74
C GLU A 339 -3.02 -34.99 3.12
N GLU A 340 -3.19 -36.09 2.46
CA GLU A 340 -4.21 -36.98 2.82
C GLU A 340 -3.89 -37.70 4.06
N ASP A 341 -2.64 -38.00 4.24
CA ASP A 341 -2.22 -38.63 5.51
C ASP A 341 -1.89 -37.69 6.71
N PHE A 342 -1.56 -36.44 6.45
CA PHE A 342 -1.31 -35.51 7.51
C PHE A 342 -2.72 -35.21 8.07
N ARG A 343 -3.75 -35.31 7.26
CA ARG A 343 -5.17 -35.07 7.64
C ARG A 343 -5.81 -36.18 8.46
N LYS A 344 -5.01 -37.16 8.85
CA LYS A 344 -5.46 -38.21 9.68
C LYS A 344 -4.93 -38.06 11.10
N TYR A 345 -3.85 -37.38 11.28
CA TYR A 345 -3.17 -37.22 12.55
C TYR A 345 -3.20 -35.74 12.99
N PHE A 346 -3.32 -34.84 12.03
CA PHE A 346 -3.43 -33.42 12.37
C PHE A 346 -4.79 -32.87 11.97
N TYR A 347 -5.11 -31.67 12.44
CA TYR A 347 -6.43 -31.11 12.14
C TYR A 347 -6.34 -30.08 11.03
N TYR A 348 -7.12 -30.29 9.98
CA TYR A 348 -7.13 -29.37 8.85
C TYR A 348 -8.52 -28.86 8.57
N LEU A 349 -8.66 -27.56 8.36
CA LEU A 349 -9.97 -27.04 7.96
C LEU A 349 -10.25 -27.53 6.55
N GLU A 350 -11.52 -27.75 6.22
CA GLU A 350 -11.84 -28.28 4.90
C GLU A 350 -11.39 -27.26 3.86
N GLY A 351 -10.73 -27.75 2.80
CA GLY A 351 -10.25 -26.86 1.75
C GLY A 351 -8.94 -26.14 2.06
N SER A 352 -8.29 -26.48 3.17
CA SER A 352 -7.04 -25.84 3.54
C SER A 352 -5.83 -26.74 3.29
N LYS A 353 -4.81 -26.18 2.66
CA LYS A 353 -3.62 -26.97 2.37
C LYS A 353 -2.76 -27.08 3.59
N ASP A 354 -2.90 -26.18 4.51
CA ASP A 354 -2.15 -26.20 5.75
C ASP A 354 -2.93 -26.70 6.87
N ALA A 355 -2.24 -27.29 7.79
CA ALA A 355 -2.84 -27.70 9.00
C ALA A 355 -3.21 -26.42 9.70
N LEU A 356 -4.30 -26.51 10.38
CA LEU A 356 -4.68 -25.42 11.18
C LEU A 356 -3.73 -25.03 12.32
N LEU A 357 -3.39 -23.79 12.36
CA LEU A 357 -2.67 -23.27 13.52
C LEU A 357 -3.45 -23.25 14.90
N CYS A 358 -2.70 -23.33 15.96
CA CYS A 358 -3.22 -23.37 17.32
C CYS A 358 -2.20 -22.66 18.17
N GLY A 359 -2.45 -22.56 19.42
CA GLY A 359 -1.54 -21.92 20.34
C GLY A 359 -1.69 -22.44 21.75
N PHE A 360 -0.96 -21.88 22.69
CA PHE A 360 -0.92 -22.40 24.07
C PHE A 360 -1.45 -21.38 25.13
N SER A 361 -1.63 -20.13 24.81
CA SER A 361 -2.28 -19.14 25.63
C SER A 361 -3.81 -19.06 25.37
N THR A 362 -4.54 -18.51 26.31
CA THR A 362 -5.99 -18.34 26.22
C THR A 362 -6.42 -17.31 25.16
N ASP A 363 -5.54 -16.43 24.71
CA ASP A 363 -5.92 -15.52 23.62
C ASP A 363 -5.42 -15.98 22.22
N SER A 364 -4.93 -17.22 22.11
CA SER A 364 -4.51 -17.83 20.85
C SER A 364 -5.63 -18.68 20.25
N GLY A 365 -5.45 -19.25 19.09
CA GLY A 365 -6.41 -20.16 18.56
C GLY A 365 -6.49 -21.41 19.35
N GLN A 366 -7.63 -22.01 19.35
CA GLN A 366 -7.84 -23.24 20.03
C GLN A 366 -7.97 -24.47 19.08
N CYS A 367 -7.67 -25.64 19.57
CA CYS A 367 -7.76 -26.89 18.85
C CYS A 367 -9.09 -27.51 19.21
N PRO A 368 -9.65 -28.39 18.35
CA PRO A 368 -10.83 -29.13 18.77
C PRO A 368 -10.52 -30.19 19.87
N GLU A 369 -11.50 -30.52 20.64
CA GLU A 369 -11.35 -31.61 21.67
C GLU A 369 -10.89 -32.83 20.95
N GLY A 370 -9.97 -33.61 21.48
CA GLY A 370 -9.40 -34.71 20.72
C GLY A 370 -8.06 -34.45 20.07
N TYR A 371 -7.64 -33.21 20.05
CA TYR A 371 -6.35 -32.84 19.55
C TYR A 371 -5.70 -31.97 20.58
N THR A 372 -4.41 -31.97 20.58
CA THR A 372 -3.64 -31.09 21.45
C THR A 372 -2.62 -30.35 20.63
N CYS A 373 -2.35 -29.12 21.02
CA CYS A 373 -1.44 -28.27 20.33
C CYS A 373 0.00 -28.65 20.58
N VAL A 374 0.78 -28.65 19.51
CA VAL A 374 2.18 -29.06 19.53
C VAL A 374 3.04 -28.37 18.44
N LYS A 375 4.34 -28.17 18.67
CA LYS A 375 5.25 -27.61 17.65
C LYS A 375 5.99 -28.69 16.92
N ILE A 376 5.66 -28.85 15.68
CA ILE A 376 6.23 -29.91 14.89
C ILE A 376 5.99 -29.60 13.43
N GLY A 377 6.76 -30.13 12.51
CA GLY A 377 6.54 -29.97 11.08
C GLY A 377 6.60 -28.68 10.38
N ARG A 378 6.52 -28.70 9.10
CA ARG A 378 6.67 -27.52 8.29
C ARG A 378 5.92 -26.24 8.61
N ASN A 379 6.50 -25.16 8.21
CA ASN A 379 5.79 -23.93 8.30
C ASN A 379 4.76 -23.80 7.16
N PRO A 380 3.77 -23.03 7.38
CA PRO A 380 2.73 -22.73 6.39
C PRO A 380 3.17 -22.10 5.02
N ASP A 381 2.40 -22.31 3.99
CA ASP A 381 2.64 -21.63 2.63
C ASP A 381 3.81 -22.29 1.98
N TYR A 382 3.82 -23.63 1.92
CA TYR A 382 4.98 -24.38 1.39
C TYR A 382 6.23 -24.12 2.23
N GLY A 383 6.05 -23.64 3.46
CA GLY A 383 7.18 -23.41 4.34
C GLY A 383 7.82 -22.04 4.21
N TYR A 384 7.26 -21.18 3.39
CA TYR A 384 7.87 -19.86 3.15
C TYR A 384 7.48 -18.79 4.17
N THR A 385 6.54 -19.09 5.05
CA THR A 385 6.08 -18.09 6.03
C THR A 385 6.61 -18.42 7.42
N SER A 386 7.50 -17.57 7.94
CA SER A 386 8.14 -17.82 9.22
C SER A 386 9.00 -16.74 9.77
N PHE A 387 9.24 -16.88 11.06
CA PHE A 387 10.12 -15.98 11.72
C PHE A 387 11.24 -16.95 12.29
N ASP A 388 11.52 -18.02 11.61
CA ASP A 388 12.52 -19.06 12.11
C ASP A 388 14.01 -18.79 11.99
N THR A 389 14.42 -18.09 10.98
CA THR A 389 15.76 -17.69 10.73
C THR A 389 15.63 -16.21 10.43
N PHE A 390 16.73 -15.51 10.41
CA PHE A 390 16.71 -14.10 10.07
C PHE A 390 16.26 -13.84 8.64
N SER A 391 16.84 -14.53 7.65
CA SER A 391 16.43 -14.41 6.26
C SER A 391 14.87 -14.53 6.03
N TRP A 392 14.19 -15.54 6.53
CA TRP A 392 12.66 -15.60 6.50
C TRP A 392 11.95 -14.41 7.27
N ALA A 393 12.49 -14.00 8.42
CA ALA A 393 11.99 -12.89 9.21
C ALA A 393 12.07 -11.62 8.34
N PHE A 394 13.21 -11.39 7.71
CA PHE A 394 13.41 -10.24 6.84
C PHE A 394 12.42 -10.22 5.70
N LEU A 395 12.10 -11.38 5.17
CA LEU A 395 11.10 -11.55 4.12
C LEU A 395 9.71 -11.16 4.64
N ALA A 396 9.20 -11.68 5.74
CA ALA A 396 7.95 -11.23 6.40
C ALA A 396 7.89 -9.70 6.66
N LEU A 397 8.98 -9.09 7.08
CA LEU A 397 9.06 -7.63 7.26
C LEU A 397 9.00 -6.77 5.95
N PHE A 398 9.71 -7.14 4.88
CA PHE A 398 9.64 -6.49 3.58
C PHE A 398 8.17 -6.65 3.21
N ARG A 399 7.63 -7.85 3.40
CA ARG A 399 6.22 -8.10 3.09
C ARG A 399 5.28 -7.17 3.83
N LEU A 400 5.50 -7.01 5.14
CA LEU A 400 4.65 -6.12 5.94
C LEU A 400 4.80 -4.66 5.53
N MET A 401 6.01 -4.26 5.16
CA MET A 401 6.26 -2.89 4.70
C MET A 401 5.46 -2.63 3.43
N THR A 402 5.47 -3.57 2.51
CA THR A 402 4.70 -3.43 1.27
C THR A 402 3.23 -3.76 1.48
N GLN A 403 2.87 -4.23 2.68
CA GLN A 403 1.48 -4.62 3.00
C GLN A 403 0.92 -5.60 1.98
N ASP A 404 1.74 -6.56 1.56
CA ASP A 404 1.29 -7.54 0.58
C ASP A 404 0.76 -8.78 1.28
N TYR A 405 -0.56 -8.98 1.24
CA TYR A 405 -1.18 -10.14 1.87
C TYR A 405 -0.76 -10.21 3.34
N TRP A 406 -0.58 -9.06 3.98
CA TRP A 406 -0.11 -9.03 5.36
C TRP A 406 -1.16 -9.51 6.35
N GLU A 407 -2.44 -9.36 6.01
CA GLU A 407 -3.51 -9.79 6.90
C GLU A 407 -3.46 -11.30 7.12
N ASN A 408 -3.08 -12.06 6.10
CA ASN A 408 -2.97 -13.53 6.21
C ASN A 408 -1.94 -13.84 7.30
N LEU A 409 -0.82 -13.22 7.13
CA LEU A 409 0.19 -13.33 8.11
C LEU A 409 -0.17 -12.79 9.55
N TYR A 410 -0.69 -11.59 9.67
CA TYR A 410 -1.17 -11.11 10.95
C TYR A 410 -2.15 -12.13 11.62
N GLN A 411 -3.11 -12.64 10.88
CA GLN A 411 -4.02 -13.66 11.32
C GLN A 411 -3.29 -14.95 11.79
N GLN A 412 -2.35 -15.50 11.01
CA GLN A 412 -1.50 -16.70 11.46
C GLN A 412 -0.60 -16.51 12.70
N THR A 413 0.07 -15.38 12.86
CA THR A 413 0.81 -15.01 14.05
C THR A 413 -0.12 -14.80 15.36
N LEU A 414 -1.34 -14.30 15.21
CA LEU A 414 -2.28 -14.09 16.36
C LEU A 414 -2.85 -15.42 16.77
N ARG A 415 -3.39 -16.17 15.85
CA ARG A 415 -3.80 -17.51 16.11
C ARG A 415 -2.72 -18.41 16.81
N ALA A 416 -1.52 -18.32 16.34
CA ALA A 416 -0.44 -19.14 16.95
C ALA A 416 0.34 -18.58 18.22
N ALA A 417 0.25 -17.30 18.49
CA ALA A 417 0.99 -16.63 19.61
C ALA A 417 0.12 -15.84 20.61
N GLY A 418 -1.11 -15.52 20.29
CA GLY A 418 -2.06 -14.83 21.11
C GLY A 418 -2.58 -13.58 20.40
N LYS A 419 -3.71 -13.08 20.80
CA LYS A 419 -4.24 -11.77 20.28
C LYS A 419 -3.49 -10.54 20.76
N THR A 420 -2.82 -10.63 21.89
CA THR A 420 -1.99 -9.53 22.38
C THR A 420 -0.89 -9.06 21.41
N TYR A 421 -0.20 -9.96 20.76
CA TYR A 421 0.86 -9.60 19.83
C TYR A 421 0.48 -8.66 18.68
N MET A 422 -0.77 -8.31 18.55
CA MET A 422 -1.20 -7.32 17.58
C MET A 422 -0.44 -5.99 17.68
N ILE A 423 -0.03 -5.55 18.87
CA ILE A 423 0.82 -4.36 19.09
C ILE A 423 2.02 -4.40 18.15
N PHE A 424 2.72 -5.52 18.11
CA PHE A 424 3.77 -5.74 17.15
C PHE A 424 3.39 -5.31 15.71
N PHE A 425 2.25 -5.77 15.24
CA PHE A 425 1.86 -5.45 13.87
C PHE A 425 1.50 -3.97 13.75
N VAL A 426 0.84 -3.39 14.74
CA VAL A 426 0.52 -1.96 14.71
C VAL A 426 1.79 -1.15 14.52
N VAL A 427 2.79 -1.38 15.37
CA VAL A 427 4.04 -0.66 15.28
C VAL A 427 4.69 -0.83 13.92
N VAL A 428 4.72 -2.06 13.41
CA VAL A 428 5.36 -2.31 12.13
C VAL A 428 4.66 -1.56 11.00
N ILE A 429 3.33 -1.56 10.99
CA ILE A 429 2.57 -0.86 9.96
C ILE A 429 2.83 0.65 10.05
N PHE A 430 2.90 1.17 11.28
CA PHE A 430 3.12 2.60 11.44
C PHE A 430 4.55 3.01 11.10
N LEU A 431 5.54 2.30 11.63
CA LEU A 431 6.90 2.60 11.25
C LEU A 431 7.45 2.21 9.89
N GLY A 432 7.40 0.93 9.54
CA GLY A 432 7.88 0.48 8.26
C GLY A 432 6.93 0.72 7.10
N SER A 433 5.70 0.24 7.21
CA SER A 433 4.77 0.34 6.09
C SER A 433 4.33 1.77 5.74
N PHE A 434 4.36 2.67 6.70
CA PHE A 434 3.89 4.03 6.44
C PHE A 434 5.05 5.01 6.35
N TYR A 435 5.86 5.10 7.40
CA TYR A 435 6.94 6.09 7.45
C TYR A 435 8.08 5.87 6.45
N LEU A 436 8.59 4.65 6.31
CA LEU A 436 9.65 4.39 5.35
C LEU A 436 9.18 4.67 3.92
N ILE A 437 7.98 4.22 3.59
CA ILE A 437 7.41 4.48 2.27
C ILE A 437 7.26 5.98 2.07
N ASN A 438 6.80 6.69 3.10
CA ASN A 438 6.67 8.14 3.02
C ASN A 438 8.01 8.77 2.69
N LEU A 439 9.07 8.36 3.40
CA LEU A 439 10.40 8.88 3.12
C LEU A 439 10.80 8.64 1.69
N ILE A 440 10.63 7.40 1.21
CA ILE A 440 10.94 7.11 -0.19
C ILE A 440 10.22 8.09 -1.11
N LEU A 441 8.91 8.23 -0.96
CA LEU A 441 8.14 9.10 -1.85
C LEU A 441 8.68 10.52 -1.79
N ALA A 442 8.90 11.03 -0.58
CA ALA A 442 9.39 12.40 -0.42
C ALA A 442 10.71 12.61 -1.13
N VAL A 443 11.66 11.70 -0.91
CA VAL A 443 12.97 11.82 -1.56
C VAL A 443 12.81 11.82 -3.06
N VAL A 444 12.00 10.91 -3.59
CA VAL A 444 11.85 10.84 -5.05
C VAL A 444 11.22 12.13 -5.59
N ALA A 445 10.26 12.70 -4.88
CA ALA A 445 9.62 13.94 -5.30
C ALA A 445 10.60 15.10 -5.27
N MET A 446 11.45 15.14 -4.25
CA MET A 446 12.46 16.19 -4.15
C MET A 446 13.47 16.07 -5.27
N ALA A 447 13.75 14.83 -5.69
CA ALA A 447 14.70 14.64 -6.75
C ALA A 447 14.09 15.22 -8.01
N TYR A 448 12.82 14.84 -8.22
CA TYR A 448 12.20 15.34 -9.39
C TYR A 448 12.05 16.86 -9.40
N GLU A 449 11.64 17.48 -8.32
CA GLU A 449 11.57 18.91 -8.25
C GLU A 449 12.94 19.60 -8.49
N GLU A 450 14.03 19.18 -7.87
CA GLU A 450 15.32 19.78 -8.18
C GLU A 450 15.60 19.61 -9.68
N GLN A 451 15.26 18.48 -10.26
CA GLN A 451 15.44 18.28 -11.70
C GLN A 451 14.69 19.17 -12.61
N ASN A 452 13.43 19.42 -12.30
CA ASN A 452 12.59 20.28 -13.10
C ASN A 452 13.18 21.62 -12.99
N GLN A 453 13.66 21.96 -11.83
CA GLN A 453 14.17 23.26 -11.64
C GLN A 453 15.43 23.45 -12.47
N ALA A 454 16.36 22.51 -12.46
CA ALA A 454 17.51 22.64 -13.24
C ALA A 454 17.04 22.83 -14.69
N ASN A 455 16.17 21.94 -15.22
CA ASN A 455 15.64 22.09 -16.59
C ASN A 455 15.21 23.50 -16.86
N ILE A 456 14.28 24.05 -16.08
CA ILE A 456 13.76 25.36 -16.36
C ILE A 456 14.81 26.45 -16.29
N GLU A 457 15.61 26.48 -15.25
CA GLU A 457 16.52 27.51 -15.08
C GLU A 457 17.40 27.52 -16.25
N GLU A 458 17.74 26.34 -16.73
CA GLU A 458 18.72 26.35 -17.73
C GLU A 458 18.00 26.56 -19.00
N ALA A 459 16.72 26.22 -19.00
CA ALA A 459 16.03 26.33 -20.26
C ALA A 459 15.70 27.78 -20.50
N LYS A 460 15.25 28.45 -19.46
CA LYS A 460 14.94 29.87 -19.56
C LYS A 460 16.19 30.60 -19.94
N GLN A 461 17.30 30.27 -19.30
CA GLN A 461 18.56 30.93 -19.59
C GLN A 461 18.89 30.78 -21.05
N LYS A 462 18.79 29.56 -21.57
CA LYS A 462 19.13 29.29 -22.96
C LYS A 462 18.22 30.02 -23.93
N GLU A 463 16.93 30.09 -23.60
CA GLU A 463 15.98 30.76 -24.46
C GLU A 463 16.32 32.23 -24.50
N LEU A 464 16.68 32.77 -23.34
CA LEU A 464 17.06 34.17 -23.25
C LEU A 464 18.25 34.40 -24.14
N GLU A 465 19.24 33.51 -24.04
CA GLU A 465 20.44 33.65 -24.84
C GLU A 465 20.13 33.62 -26.33
N PHE A 466 19.23 32.73 -26.74
CA PHE A 466 18.88 32.62 -28.16
C PHE A 466 18.15 33.86 -28.64
N GLN A 467 17.30 34.41 -27.78
CA GLN A 467 16.59 35.63 -28.14
C GLN A 467 17.57 36.76 -28.27
N GLN A 468 18.58 36.78 -27.40
CA GLN A 468 19.60 37.81 -27.46
C GLN A 468 20.40 37.67 -28.73
N MET A 469 20.66 36.44 -29.17
CA MET A 469 21.36 36.21 -30.41
C MET A 469 20.53 36.72 -31.57
N LEU A 470 19.22 36.49 -31.51
CA LEU A 470 18.34 36.97 -32.56
C LEU A 470 18.40 38.48 -32.59
N ASP A 471 18.43 39.09 -31.42
CA ASP A 471 18.46 40.53 -31.32
C ASP A 471 19.74 41.06 -31.91
N ARG A 472 20.85 40.37 -31.67
CA ARG A 472 22.15 40.78 -32.22
C ARG A 472 22.13 40.66 -33.72
N LEU A 473 21.50 39.61 -34.25
CA LEU A 473 21.39 39.45 -35.69
C LEU A 473 20.59 40.62 -36.26
N LYS A 474 19.52 41.01 -35.58
CA LYS A 474 18.72 42.14 -36.03
C LYS A 474 19.54 43.41 -36.01
N LYS A 475 20.36 43.58 -34.98
CA LYS A 475 21.22 44.77 -34.86
C LYS A 475 22.18 44.79 -36.02
N GLU A 476 22.74 43.64 -36.37
CA GLU A 476 23.68 43.56 -37.48
C GLU A 476 22.99 43.93 -38.77
N GLN A 477 21.76 43.45 -38.96
CA GLN A 477 20.99 43.81 -40.14
C GLN A 477 20.80 45.32 -40.21
N GLU A 478 20.43 45.93 -39.09
CA GLU A 478 20.21 47.37 -39.05
C GLU A 478 21.50 48.12 -39.37
N PRO A 771 -25.72 29.32 -54.93
CA PRO A 771 -26.48 30.47 -54.47
C PRO A 771 -27.55 30.04 -53.50
N TYR A 772 -28.38 29.10 -53.92
CA TYR A 772 -29.37 28.57 -52.98
C TYR A 772 -28.59 27.89 -51.90
N TRP A 773 -27.51 27.22 -52.30
CA TRP A 773 -26.68 26.55 -51.35
C TRP A 773 -26.28 27.60 -50.36
N ILE A 774 -25.67 28.67 -50.82
CA ILE A 774 -25.26 29.76 -49.94
C ILE A 774 -26.35 30.14 -48.96
N LYS A 775 -27.52 30.51 -49.46
CA LYS A 775 -28.61 30.92 -48.60
C LYS A 775 -28.93 29.92 -47.49
N PHE A 776 -29.22 28.69 -47.85
CA PHE A 776 -29.63 27.79 -46.78
C PHE A 776 -28.45 27.36 -45.87
N LYS A 777 -27.23 27.41 -46.37
CA LYS A 777 -26.14 26.99 -45.52
C LYS A 777 -25.89 28.09 -44.51
N LYS A 778 -26.15 29.33 -44.90
CA LYS A 778 -26.02 30.42 -43.93
C LYS A 778 -27.18 30.31 -42.95
N CYS A 779 -28.33 29.83 -43.42
CA CYS A 779 -29.43 29.58 -42.48
C CYS A 779 -29.03 28.50 -41.43
N ILE A 780 -28.29 27.49 -41.88
CA ILE A 780 -27.85 26.45 -40.93
C ILE A 780 -26.76 26.99 -40.02
N TYR A 781 -25.97 27.95 -40.47
CA TYR A 781 -24.98 28.56 -39.55
C TYR A 781 -25.72 29.40 -38.54
N PHE A 782 -26.93 29.83 -38.88
CA PHE A 782 -27.74 30.59 -37.92
C PHE A 782 -28.54 29.65 -37.01
N ILE A 783 -29.03 28.53 -37.56
CA ILE A 783 -29.82 27.59 -36.77
C ILE A 783 -28.99 27.01 -35.64
N VAL A 784 -27.72 26.68 -35.91
CA VAL A 784 -26.88 26.23 -34.82
C VAL A 784 -26.78 27.42 -33.89
N MET A 785 -27.10 27.22 -32.62
CA MET A 785 -27.13 28.34 -31.70
C MET A 785 -26.28 28.03 -30.47
N ASP A 786 -25.43 28.98 -30.09
CA ASP A 786 -24.58 28.78 -28.92
C ASP A 786 -25.41 28.56 -27.65
N PRO A 787 -26.30 29.52 -27.28
CA PRO A 787 -27.13 29.23 -26.10
C PRO A 787 -27.98 27.97 -26.21
N PHE A 788 -28.55 27.68 -27.37
CA PHE A 788 -29.51 26.55 -27.46
C PHE A 788 -29.10 25.19 -28.03
N VAL A 789 -28.59 25.10 -29.25
CA VAL A 789 -28.35 23.81 -29.80
C VAL A 789 -27.30 23.17 -28.93
N ASP A 790 -26.28 23.95 -28.58
CA ASP A 790 -25.19 23.41 -27.79
C ASP A 790 -25.62 23.02 -26.37
N LEU A 791 -26.58 23.75 -25.80
CA LEU A 791 -27.00 23.37 -24.48
C LEU A 791 -27.87 22.11 -24.65
N ALA A 792 -28.64 22.01 -25.70
CA ALA A 792 -29.41 20.80 -26.02
C ALA A 792 -28.60 19.55 -26.10
N ILE A 793 -27.51 19.59 -26.86
CA ILE A 793 -26.67 18.43 -27.03
C ILE A 793 -26.16 17.99 -25.66
N THR A 794 -25.88 18.95 -24.79
CA THR A 794 -25.45 18.64 -23.43
C THR A 794 -26.52 17.85 -22.69
N ILE A 795 -27.73 18.40 -22.60
CA ILE A 795 -28.82 17.66 -21.98
C ILE A 795 -28.93 16.26 -22.61
N CYS A 796 -28.89 16.12 -23.93
CA CYS A 796 -29.05 14.82 -24.51
C CYS A 796 -27.96 13.81 -24.11
N ILE A 797 -26.70 14.22 -24.04
CA ILE A 797 -25.63 13.32 -23.59
C ILE A 797 -25.96 12.76 -22.22
N VAL A 798 -26.33 13.64 -21.29
CA VAL A 798 -26.63 13.19 -19.93
C VAL A 798 -27.81 12.23 -19.93
N LEU A 799 -28.85 12.57 -20.68
CA LEU A 799 -30.02 11.70 -20.72
C LEU A 799 -29.62 10.36 -21.29
N ASN A 800 -28.83 10.36 -22.36
CA ASN A 800 -28.40 9.11 -22.99
C ASN A 800 -27.65 8.25 -21.98
N THR A 801 -26.71 8.84 -21.25
CA THR A 801 -25.91 8.04 -20.31
C THR A 801 -26.79 7.50 -19.18
N LEU A 802 -27.75 8.29 -18.70
CA LEU A 802 -28.67 7.79 -17.66
C LEU A 802 -29.52 6.64 -18.18
N PHE A 803 -29.94 6.73 -19.43
CA PHE A 803 -30.78 5.70 -20.04
C PHE A 803 -29.98 4.42 -20.14
N MET A 804 -28.69 4.50 -20.45
CA MET A 804 -27.83 3.35 -20.47
C MET A 804 -27.43 2.85 -19.11
N ALA A 805 -27.56 3.64 -18.08
CA ALA A 805 -27.35 3.18 -16.74
C ALA A 805 -28.48 2.34 -16.22
N MET A 806 -29.47 1.98 -17.01
CA MET A 806 -30.64 1.17 -16.63
C MET A 806 -30.66 -0.21 -17.16
N GLU A 807 -29.77 -0.60 -18.05
CA GLU A 807 -29.54 -1.98 -18.38
C GLU A 807 -29.18 -2.73 -17.12
N HIS A 808 -29.86 -3.86 -16.88
CA HIS A 808 -29.62 -4.68 -15.70
C HIS A 808 -30.01 -6.12 -16.04
N HIS A 809 -29.51 -7.11 -15.29
CA HIS A 809 -29.79 -8.52 -15.64
C HIS A 809 -31.25 -9.01 -15.63
N PRO A 810 -32.03 -8.70 -14.58
CA PRO A 810 -33.41 -9.20 -14.66
C PRO A 810 -34.25 -8.24 -15.46
N MET A 811 -34.03 -8.17 -16.77
CA MET A 811 -34.72 -7.19 -17.60
C MET A 811 -35.72 -7.81 -18.55
N THR A 812 -36.97 -7.34 -18.48
CA THR A 812 -38.02 -7.83 -19.38
C THR A 812 -37.84 -7.34 -20.80
N GLU A 813 -38.33 -8.12 -21.77
CA GLU A 813 -38.20 -7.74 -23.18
C GLU A 813 -38.84 -6.41 -23.52
N GLU A 814 -39.77 -5.94 -22.68
CA GLU A 814 -40.36 -4.63 -22.88
C GLU A 814 -39.31 -3.62 -22.48
N PHE A 815 -38.91 -3.62 -21.21
CA PHE A 815 -37.79 -2.77 -20.77
C PHE A 815 -36.59 -2.86 -21.75
N LYS A 816 -36.35 -3.97 -22.48
CA LYS A 816 -35.28 -3.99 -23.52
C LYS A 816 -35.60 -3.26 -24.82
N ASN A 817 -36.84 -3.37 -25.27
CA ASN A 817 -37.33 -2.65 -26.42
C ASN A 817 -37.18 -1.20 -26.15
N VAL A 818 -37.64 -0.74 -25.00
CA VAL A 818 -37.59 0.71 -24.76
C VAL A 818 -36.13 1.18 -24.72
N LEU A 819 -35.22 0.36 -24.19
CA LEU A 819 -33.82 0.75 -24.19
C LEU A 819 -33.26 0.83 -25.60
N ALA A 820 -33.51 -0.13 -26.48
CA ALA A 820 -32.89 -0.05 -27.82
C ALA A 820 -33.50 1.00 -28.73
N ILE A 821 -34.80 1.26 -28.59
CA ILE A 821 -35.30 2.33 -29.43
C ILE A 821 -34.70 3.63 -28.94
N GLY A 822 -34.55 3.82 -27.63
CA GLY A 822 -33.92 5.02 -27.15
C GLY A 822 -32.52 5.15 -27.60
N ASN A 823 -31.81 4.05 -27.65
CA ASN A 823 -30.41 4.08 -28.00
C ASN A 823 -30.27 4.43 -29.43
N LEU A 824 -31.34 4.24 -30.21
CA LEU A 824 -31.33 4.63 -31.62
C LEU A 824 -31.74 6.10 -31.78
N VAL A 825 -32.81 6.52 -31.10
CA VAL A 825 -33.25 7.92 -31.17
C VAL A 825 -32.19 8.93 -30.81
N PHE A 826 -31.38 8.68 -29.78
CA PHE A 826 -30.28 9.53 -29.42
C PHE A 826 -29.22 9.52 -30.48
N THR A 827 -28.99 8.34 -31.07
CA THR A 827 -27.96 8.21 -32.10
C THR A 827 -28.33 9.13 -33.22
N GLY A 828 -29.54 8.95 -33.74
CA GLY A 828 -29.99 9.85 -34.78
C GLY A 828 -29.83 11.31 -34.45
N ILE A 829 -30.06 11.75 -33.21
CA ILE A 829 -29.95 13.21 -32.96
C ILE A 829 -28.49 13.69 -32.86
N PHE A 830 -27.56 12.85 -32.38
CA PHE A 830 -26.19 13.23 -32.39
C PHE A 830 -25.76 13.27 -33.85
N ALA A 831 -26.26 12.39 -34.67
CA ALA A 831 -25.84 12.36 -36.05
C ALA A 831 -26.42 13.54 -36.86
N ALA A 832 -27.59 14.00 -36.47
CA ALA A 832 -28.07 15.15 -37.15
C ALA A 832 -27.19 16.37 -36.74
N GLU A 833 -26.84 16.50 -35.47
CA GLU A 833 -25.88 17.55 -35.11
C GLU A 833 -24.68 17.45 -36.04
N MET A 834 -24.15 16.23 -36.22
CA MET A 834 -22.95 16.00 -37.06
C MET A 834 -23.12 16.53 -38.47
N VAL A 835 -24.10 15.98 -39.18
CA VAL A 835 -24.35 16.37 -40.57
C VAL A 835 -24.64 17.87 -40.75
N LEU A 836 -25.49 18.43 -39.89
CA LEU A 836 -25.84 19.84 -40.01
C LEU A 836 -24.60 20.71 -39.89
N LYS A 837 -23.80 20.46 -38.85
CA LYS A 837 -22.55 21.21 -38.67
C LYS A 837 -21.68 21.07 -39.89
N LEU A 838 -21.55 19.84 -40.40
CA LEU A 838 -20.69 19.56 -41.55
C LEU A 838 -21.14 20.26 -42.85
N ILE A 839 -22.44 20.47 -43.02
CA ILE A 839 -22.91 21.23 -44.20
C ILE A 839 -22.88 22.74 -43.99
N ALA A 840 -22.99 23.21 -42.74
CA ALA A 840 -22.92 24.64 -42.46
C ALA A 840 -21.47 25.05 -42.56
N MET A 841 -20.69 24.74 -41.54
CA MET A 841 -19.25 25.00 -41.61
C MET A 841 -18.72 24.07 -42.69
N ASP A 842 -17.76 24.54 -43.48
CA ASP A 842 -17.25 23.73 -44.59
C ASP A 842 -16.58 22.48 -44.04
N PRO A 843 -16.55 21.39 -44.83
CA PRO A 843 -15.99 20.14 -44.28
C PRO A 843 -14.54 20.30 -43.86
N TYR A 844 -13.72 21.03 -44.61
CA TYR A 844 -12.35 21.30 -44.20
C TYR A 844 -12.36 22.11 -42.90
N GLU A 845 -13.25 23.10 -42.82
CA GLU A 845 -13.40 23.89 -41.59
C GLU A 845 -13.86 23.04 -40.42
N TYR A 846 -14.71 22.05 -40.70
CA TYR A 846 -15.23 21.19 -39.66
C TYR A 846 -14.17 20.27 -39.06
N PHE A 847 -13.29 19.68 -39.87
CA PHE A 847 -12.35 18.67 -39.28
C PHE A 847 -11.14 19.40 -38.75
N GLN A 848 -11.23 20.73 -38.73
CA GLN A 848 -10.15 21.49 -38.09
C GLN A 848 -10.22 21.32 -36.58
N VAL A 849 -11.39 21.54 -35.99
CA VAL A 849 -11.48 21.26 -34.51
C VAL A 849 -11.46 19.79 -34.01
N GLY A 850 -10.57 19.47 -33.10
CA GLY A 850 -10.49 18.15 -32.48
C GLY A 850 -11.66 17.62 -31.70
N TRP A 851 -12.49 18.48 -31.12
CA TRP A 851 -13.75 18.00 -30.52
C TRP A 851 -14.66 17.48 -31.58
N ASN A 852 -14.81 18.23 -32.66
CA ASN A 852 -15.64 17.79 -33.78
C ASN A 852 -15.22 16.43 -34.30
N ILE A 853 -13.92 16.22 -34.50
CA ILE A 853 -13.43 14.95 -35.05
C ILE A 853 -13.78 13.78 -34.14
N PHE A 854 -13.63 13.97 -32.84
CA PHE A 854 -13.95 12.91 -31.88
C PHE A 854 -15.42 12.55 -31.96
N ASP A 855 -16.28 13.56 -32.04
CA ASP A 855 -17.71 13.32 -32.11
C ASP A 855 -18.01 12.55 -33.38
N SER A 856 -17.36 12.94 -34.48
CA SER A 856 -17.59 12.27 -35.75
C SER A 856 -17.19 10.81 -35.68
N LEU A 857 -16.06 10.53 -35.05
CA LEU A 857 -15.61 9.15 -34.91
C LEU A 857 -16.61 8.35 -34.10
N ILE A 858 -17.10 8.93 -33.01
CA ILE A 858 -18.08 8.20 -32.22
C ILE A 858 -19.32 7.91 -33.06
N VAL A 859 -19.78 8.91 -33.81
CA VAL A 859 -20.98 8.72 -34.60
C VAL A 859 -20.76 7.60 -35.61
N THR A 860 -19.62 7.59 -36.28
CA THR A 860 -19.39 6.56 -37.29
C THR A 860 -19.31 5.17 -36.65
N LEU A 861 -18.71 5.05 -35.47
CA LEU A 861 -18.58 3.77 -34.79
C LEU A 861 -19.97 3.29 -34.38
N SER A 862 -20.85 4.19 -33.98
CA SER A 862 -22.24 3.89 -33.61
C SER A 862 -23.03 3.44 -34.84
N LEU A 863 -22.82 4.09 -35.98
CA LEU A 863 -23.48 3.69 -37.22
C LEU A 863 -23.04 2.30 -37.65
N VAL A 864 -21.76 1.99 -37.49
CA VAL A 864 -21.28 0.65 -37.82
C VAL A 864 -21.97 -0.36 -36.93
N GLU A 865 -22.14 -0.04 -35.65
CA GLU A 865 -22.83 -0.94 -34.72
C GLU A 865 -24.27 -1.15 -35.16
N LEU A 866 -24.93 -0.07 -35.60
CA LEU A 866 -26.30 -0.17 -36.08
C LEU A 866 -26.38 -1.07 -37.30
N PHE A 867 -25.44 -0.95 -38.24
CA PHE A 867 -25.44 -1.88 -39.38
C PHE A 867 -25.21 -3.33 -38.94
N LEU A 868 -24.31 -3.54 -37.99
CA LEU A 868 -24.06 -4.90 -37.49
C LEU A 868 -25.33 -5.49 -36.87
N LEU A 874 -20.87 -5.25 -31.80
CA LEU A 874 -20.30 -6.01 -30.70
C LEU A 874 -20.99 -5.75 -29.44
N SER A 875 -20.41 -6.31 -28.38
CA SER A 875 -20.93 -6.01 -27.11
C SER A 875 -20.11 -4.84 -26.59
N VAL A 876 -18.78 -4.94 -26.68
CA VAL A 876 -17.97 -3.80 -26.26
C VAL A 876 -18.19 -2.52 -27.13
N LEU A 877 -18.43 -2.64 -28.44
CA LEU A 877 -18.70 -1.44 -29.24
C LEU A 877 -19.88 -0.65 -28.70
N ARG A 878 -20.89 -1.34 -28.17
CA ARG A 878 -22.05 -0.65 -27.60
C ARG A 878 -21.67 0.44 -26.61
N SER A 879 -20.54 0.30 -25.90
CA SER A 879 -20.18 1.30 -24.89
C SER A 879 -19.28 2.50 -25.28
N PHE A 880 -18.84 2.69 -26.51
CA PHE A 880 -18.04 3.83 -26.95
C PHE A 880 -18.83 5.14 -26.96
N ARG A 881 -20.13 5.07 -27.22
CA ARG A 881 -20.98 6.19 -27.11
C ARG A 881 -20.91 6.78 -25.72
N LEU A 882 -20.30 6.08 -24.77
CA LEU A 882 -20.09 6.53 -23.43
C LEU A 882 -19.04 7.62 -23.28
N LEU A 883 -18.12 7.78 -24.21
CA LEU A 883 -17.10 8.79 -24.17
C LEU A 883 -17.58 10.17 -24.59
N ARG A 884 -18.79 10.31 -25.07
CA ARG A 884 -19.40 11.59 -25.40
C ARG A 884 -19.55 12.38 -24.14
N VAL A 885 -19.57 11.71 -23.00
CA VAL A 885 -19.56 12.44 -21.75
C VAL A 885 -18.41 13.45 -21.71
N PHE A 886 -17.21 13.05 -22.13
CA PHE A 886 -16.03 13.97 -22.01
C PHE A 886 -16.26 15.26 -22.69
N LYS A 887 -17.19 15.34 -23.64
CA LYS A 887 -17.62 16.64 -24.19
C LYS A 887 -18.18 17.64 -23.09
N LEU A 888 -18.38 17.23 -21.84
CA LEU A 888 -18.77 18.13 -20.70
C LEU A 888 -17.57 18.81 -20.11
N ALA A 889 -16.40 18.56 -20.67
CA ALA A 889 -15.16 19.18 -20.20
C ALA A 889 -14.95 20.56 -20.77
N LYS A 890 -15.69 20.96 -21.79
CA LYS A 890 -15.63 22.31 -22.32
C LYS A 890 -16.06 23.30 -21.23
N SER A 891 -17.05 22.98 -20.44
CA SER A 891 -17.53 23.80 -19.33
C SER A 891 -17.15 23.37 -17.94
N TRP A 892 -17.11 22.06 -17.68
CA TRP A 892 -16.83 21.54 -16.32
C TRP A 892 -15.32 21.48 -16.18
N PRO A 893 -14.74 22.39 -15.38
CA PRO A 893 -13.29 22.53 -15.28
C PRO A 893 -12.41 21.45 -14.57
N THR A 894 -12.97 20.56 -13.75
CA THR A 894 -12.14 19.47 -13.17
C THR A 894 -12.18 18.20 -14.03
N LEU A 895 -13.10 18.11 -14.99
CA LEU A 895 -13.11 17.01 -15.92
C LEU A 895 -12.03 17.37 -16.90
N ASN A 896 -11.84 18.66 -17.14
CA ASN A 896 -10.74 19.12 -18.01
C ASN A 896 -9.33 18.88 -17.39
N MET A 897 -9.24 18.75 -16.09
CA MET A 897 -8.01 18.38 -15.45
C MET A 897 -7.71 16.86 -15.64
N LEU A 898 -8.71 15.99 -15.67
CA LEU A 898 -8.49 14.58 -15.93
C LEU A 898 -8.02 14.42 -17.33
N ILE A 899 -8.61 15.15 -18.27
CA ILE A 899 -8.27 15.03 -19.66
C ILE A 899 -6.82 15.46 -19.92
N LYS A 900 -6.32 16.49 -19.24
CA LYS A 900 -4.96 16.94 -19.33
C LYS A 900 -3.94 16.01 -18.64
N ILE A 901 -4.31 15.31 -17.60
CA ILE A 901 -3.39 14.35 -17.00
C ILE A 901 -3.15 13.30 -18.05
N ILE A 902 -4.19 12.69 -18.56
CA ILE A 902 -4.11 11.69 -19.58
C ILE A 902 -3.40 12.15 -20.81
N GLY A 903 -3.60 13.37 -21.18
CA GLY A 903 -3.00 13.92 -22.34
C GLY A 903 -1.51 14.09 -22.19
N ASN A 904 -1.07 14.50 -21.04
CA ASN A 904 0.33 14.61 -20.79
C ASN A 904 1.04 13.23 -20.78
N SER A 905 0.34 12.12 -20.53
CA SER A 905 0.89 10.79 -20.38
C SER A 905 1.42 10.31 -21.68
N VAL A 906 0.89 10.86 -22.71
CA VAL A 906 1.20 10.41 -23.99
C VAL A 906 1.70 11.55 -24.87
N GLY A 907 1.95 12.68 -24.29
CA GLY A 907 2.48 13.78 -25.03
C GLY A 907 3.79 14.18 -24.45
N ALA A 908 3.77 15.05 -23.48
CA ALA A 908 4.96 15.59 -22.90
C ALA A 908 5.67 14.70 -21.90
N LEU A 909 5.06 13.56 -21.53
CA LEU A 909 5.71 12.55 -20.68
C LEU A 909 5.59 11.21 -21.40
N GLY A 910 5.33 11.30 -22.70
CA GLY A 910 5.14 10.11 -23.50
C GLY A 910 6.34 9.20 -23.55
N ASN A 911 7.55 9.76 -23.62
CA ASN A 911 8.75 8.94 -23.62
C ASN A 911 8.89 8.13 -22.34
N LEU A 912 8.61 8.75 -21.19
CA LEU A 912 8.69 8.03 -19.92
C LEU A 912 7.62 6.92 -19.91
N THR A 913 6.43 7.25 -20.44
CA THR A 913 5.39 6.23 -20.47
C THR A 913 5.84 5.04 -21.34
N LEU A 914 6.49 5.31 -22.47
CA LEU A 914 6.99 4.26 -23.35
C LEU A 914 8.06 3.43 -22.66
N VAL A 915 8.95 4.08 -21.90
CA VAL A 915 9.96 3.34 -21.18
C VAL A 915 9.28 2.40 -20.18
N LEU A 916 8.25 2.87 -19.48
CA LEU A 916 7.52 1.96 -18.59
C LEU A 916 6.99 0.74 -19.34
N ALA A 917 6.40 0.94 -20.51
CA ALA A 917 5.84 -0.13 -21.34
C ALA A 917 6.92 -1.12 -21.73
N ILE A 918 8.07 -0.63 -22.20
CA ILE A 918 9.18 -1.51 -22.55
C ILE A 918 9.60 -2.38 -21.37
N ILE A 919 9.76 -1.79 -20.19
CA ILE A 919 10.19 -2.55 -19.00
C ILE A 919 9.22 -3.67 -18.63
N VAL A 920 7.93 -3.36 -18.60
CA VAL A 920 6.94 -4.39 -18.30
C VAL A 920 7.05 -5.50 -19.32
N PHE A 921 7.12 -5.14 -20.60
CA PHE A 921 7.27 -6.14 -21.66
C PHE A 921 8.48 -7.02 -21.44
N ILE A 922 9.64 -6.40 -21.19
CA ILE A 922 10.86 -7.20 -21.05
C ILE A 922 10.77 -8.11 -19.83
N PHE A 923 10.25 -7.62 -18.72
CA PHE A 923 10.09 -8.47 -17.54
C PHE A 923 9.18 -9.63 -17.86
N ALA A 924 8.07 -9.36 -18.54
CA ALA A 924 7.15 -10.41 -18.92
C ALA A 924 7.84 -11.47 -19.77
N VAL A 925 8.61 -11.07 -20.77
CA VAL A 925 9.22 -12.08 -21.63
C VAL A 925 10.38 -12.79 -20.91
N VAL A 926 11.20 -12.06 -20.16
CA VAL A 926 12.26 -12.70 -19.39
C VAL A 926 11.64 -13.71 -18.46
N GLY A 927 10.63 -13.28 -17.71
CA GLY A 927 9.96 -14.16 -16.78
C GLY A 927 9.55 -15.42 -17.48
N MET A 928 8.83 -15.30 -18.59
CA MET A 928 8.36 -16.46 -19.34
C MET A 928 9.51 -17.39 -19.70
N GLN A 929 10.51 -16.87 -20.41
CA GLN A 929 11.62 -17.70 -20.84
C GLN A 929 12.27 -18.46 -19.69
N LEU A 930 12.41 -17.79 -18.55
CA LEU A 930 13.00 -18.43 -17.38
C LEU A 930 12.14 -19.47 -16.67
N PHE A 931 10.86 -19.20 -16.45
CA PHE A 931 10.05 -20.15 -15.64
C PHE A 931 8.97 -20.89 -16.42
N GLY A 932 8.54 -20.30 -17.53
CA GLY A 932 7.51 -20.92 -18.38
C GLY A 932 7.38 -22.41 -18.57
N LYS A 933 8.45 -23.05 -18.98
CA LYS A 933 8.49 -24.52 -19.06
C LYS A 933 8.47 -25.22 -17.70
N SER A 934 9.08 -24.69 -16.64
CA SER A 934 8.96 -25.18 -15.23
C SER A 934 7.49 -25.16 -14.78
N TYR A 935 6.71 -24.09 -15.07
CA TYR A 935 5.29 -24.10 -14.73
C TYR A 935 4.53 -25.31 -15.35
N LYS A 936 4.89 -25.76 -16.55
CA LYS A 936 4.20 -26.92 -17.10
C LYS A 936 4.73 -28.22 -16.49
N GLU A 937 6.06 -28.38 -16.47
CA GLU A 937 6.66 -29.60 -15.93
C GLU A 937 6.43 -29.85 -14.45
N CYS A 938 6.45 -28.80 -13.63
CA CYS A 938 6.34 -28.95 -12.18
C CYS A 938 4.95 -28.64 -11.67
N VAL A 939 3.95 -28.68 -12.53
CA VAL A 939 2.60 -28.26 -12.13
C VAL A 939 1.91 -29.02 -10.97
N CYS A 940 2.04 -30.34 -10.89
CA CYS A 940 1.35 -31.10 -9.84
C CYS A 940 1.71 -30.60 -8.44
N LYS A 941 2.86 -29.95 -8.32
CA LYS A 941 3.28 -29.39 -7.03
C LYS A 941 2.40 -28.20 -6.62
N ILE A 942 2.04 -27.35 -7.57
CA ILE A 942 1.22 -26.16 -7.27
C ILE A 942 -0.28 -26.33 -7.49
N ASN A 943 -0.70 -27.48 -8.02
CA ASN A 943 -2.12 -27.74 -8.25
C ASN A 943 -2.37 -29.25 -8.21
N ASP A 944 -3.38 -29.66 -7.47
CA ASP A 944 -3.69 -31.08 -7.33
C ASP A 944 -4.29 -31.72 -8.56
N ASP A 945 -5.04 -30.96 -9.34
CA ASP A 945 -5.56 -31.47 -10.61
C ASP A 945 -4.50 -31.45 -11.71
N CYS A 946 -3.25 -31.17 -11.34
CA CYS A 946 -2.15 -31.14 -12.30
C CYS A 946 -2.39 -30.25 -13.54
N THR A 947 -3.08 -29.14 -13.36
CA THR A 947 -3.35 -28.22 -14.45
C THR A 947 -2.83 -26.91 -13.99
N LEU A 948 -2.56 -26.00 -14.89
CA LEU A 948 -1.96 -24.71 -14.53
C LEU A 948 -2.84 -23.89 -13.65
N PRO A 949 -2.28 -23.30 -12.62
CA PRO A 949 -3.05 -22.33 -11.83
C PRO A 949 -3.53 -21.08 -12.64
N ARG A 950 -4.26 -20.21 -12.03
CA ARG A 950 -4.71 -18.92 -12.63
C ARG A 950 -3.55 -18.00 -13.07
N TRP A 951 -2.55 -17.81 -12.23
CA TRP A 951 -1.39 -16.99 -12.46
C TRP A 951 -0.30 -17.98 -12.81
N HIS A 952 0.47 -17.70 -13.80
CA HIS A 952 1.56 -18.56 -14.27
C HIS A 952 2.31 -17.82 -15.37
N MET A 953 3.49 -18.36 -15.75
CA MET A 953 4.28 -17.73 -16.89
C MET A 953 4.51 -18.58 -18.17
N ASN A 954 3.76 -19.65 -18.34
CA ASN A 954 3.80 -20.48 -19.53
C ASN A 954 3.66 -19.76 -20.90
N ASP A 955 2.86 -18.71 -21.01
CA ASP A 955 2.76 -17.95 -22.22
C ASP A 955 2.95 -16.49 -21.98
N PHE A 956 3.09 -15.73 -23.05
CA PHE A 956 3.32 -14.27 -22.92
C PHE A 956 2.20 -13.50 -22.10
N PHE A 957 0.90 -13.59 -22.44
CA PHE A 957 -0.25 -12.95 -21.74
C PHE A 957 -0.34 -13.17 -20.17
N HIS A 958 -0.16 -14.41 -19.73
CA HIS A 958 -0.28 -14.77 -18.30
C HIS A 958 0.93 -14.20 -17.66
N SER A 959 2.02 -14.26 -18.36
CA SER A 959 3.24 -13.63 -17.88
C SER A 959 3.14 -12.03 -17.70
N PHE A 960 2.58 -11.29 -18.64
CA PHE A 960 2.40 -9.84 -18.54
C PHE A 960 1.55 -9.58 -17.27
N LEU A 961 0.55 -10.38 -17.02
CA LEU A 961 -0.42 -10.30 -15.92
C LEU A 961 0.14 -10.41 -14.50
N ILE A 962 1.15 -11.24 -14.28
CA ILE A 962 1.86 -11.30 -13.03
C ILE A 962 2.66 -10.02 -12.78
N VAL A 963 3.37 -9.58 -13.80
CA VAL A 963 4.11 -8.35 -13.67
C VAL A 963 3.17 -7.17 -13.31
N PHE A 964 2.03 -7.08 -13.96
CA PHE A 964 1.09 -5.99 -13.70
C PHE A 964 0.57 -6.16 -12.27
N ARG A 965 0.27 -7.38 -11.84
CA ARG A 965 -0.18 -7.62 -10.48
C ARG A 965 0.90 -7.21 -9.49
N VAL A 966 2.17 -7.44 -9.82
CA VAL A 966 3.27 -7.01 -8.95
C VAL A 966 3.31 -5.48 -8.83
N LEU A 967 3.09 -4.78 -9.94
CA LEU A 967 3.03 -3.32 -9.90
C LEU A 967 1.88 -2.88 -9.01
N CYS A 968 0.77 -3.60 -9.06
CA CYS A 968 -0.38 -3.31 -8.19
C CYS A 968 -0.01 -3.52 -6.73
N GLY A 969 1.02 -4.33 -6.46
CA GLY A 969 1.46 -4.59 -5.10
C GLY A 969 1.28 -6.00 -4.60
N GLU A 970 0.79 -6.89 -5.44
CA GLU A 970 0.66 -8.29 -5.05
C GLU A 970 1.73 -9.14 -5.72
N TRP A 971 2.69 -9.64 -4.95
CA TRP A 971 3.77 -10.42 -5.50
C TRP A 971 4.00 -11.72 -4.80
N ILE A 972 3.73 -11.81 -3.51
CA ILE A 972 4.06 -12.95 -2.68
C ILE A 972 3.41 -14.26 -3.00
N GLU A 973 2.15 -14.21 -3.25
CA GLU A 973 1.41 -15.40 -3.59
C GLU A 973 1.81 -16.01 -4.94
N THR A 974 2.20 -15.22 -5.88
CA THR A 974 2.71 -15.73 -7.16
C THR A 974 4.16 -16.22 -7.00
N MET A 975 4.95 -15.53 -6.24
CA MET A 975 6.29 -15.88 -5.95
C MET A 975 6.39 -17.21 -5.24
N TRP A 976 5.47 -17.60 -4.32
CA TRP A 976 5.45 -18.87 -3.58
C TRP A 976 5.45 -19.99 -4.59
N ASP A 977 4.63 -19.87 -5.56
CA ASP A 977 4.54 -20.79 -6.65
C ASP A 977 5.76 -20.82 -7.54
N CYS A 978 6.28 -19.68 -7.94
CA CYS A 978 7.51 -19.61 -8.70
C CYS A 978 8.60 -20.40 -7.97
N MET A 979 8.81 -20.11 -6.70
CA MET A 979 9.75 -20.85 -5.88
C MET A 979 9.55 -22.32 -5.79
N GLU A 980 8.38 -22.81 -5.94
CA GLU A 980 8.08 -24.19 -5.94
C GLU A 980 8.31 -24.91 -7.24
N VAL A 981 8.13 -24.26 -8.34
CA VAL A 981 8.39 -24.85 -9.66
C VAL A 981 9.82 -24.54 -10.15
N ALA A 982 10.38 -23.43 -9.81
CA ALA A 982 11.68 -23.06 -10.34
C ALA A 982 12.82 -22.76 -9.38
N GLY A 983 12.69 -22.98 -8.11
CA GLY A 983 13.70 -22.58 -7.17
C GLY A 983 13.67 -21.20 -6.54
N GLN A 984 14.15 -21.08 -5.35
CA GLN A 984 14.10 -19.85 -4.59
C GLN A 984 14.92 -18.72 -5.13
N ALA A 985 16.19 -18.92 -5.33
CA ALA A 985 17.08 -17.89 -5.83
C ALA A 985 16.70 -17.11 -7.10
N MET A 986 16.26 -17.81 -8.15
CA MET A 986 15.84 -17.17 -9.38
C MET A 986 14.62 -16.33 -9.13
N CYS A 987 13.56 -16.95 -8.64
CA CYS A 987 12.36 -16.26 -8.30
C CYS A 987 12.58 -15.01 -7.46
N LEU A 988 13.42 -15.09 -6.47
CA LEU A 988 13.62 -13.99 -5.62
C LEU A 988 14.46 -12.93 -6.33
N ILE A 989 15.33 -13.30 -7.26
CA ILE A 989 16.04 -12.25 -7.98
C ILE A 989 15.14 -11.52 -8.94
N VAL A 990 14.47 -12.27 -9.77
CA VAL A 990 13.56 -11.66 -10.67
C VAL A 990 12.39 -10.83 -10.04
N TYR A 991 11.56 -11.34 -9.13
CA TYR A 991 10.46 -10.65 -8.47
C TYR A 991 10.98 -9.45 -7.76
N MET A 992 12.12 -9.55 -7.12
CA MET A 992 12.68 -8.30 -6.54
C MET A 992 13.08 -7.19 -7.57
N MET A 993 13.80 -7.51 -8.60
CA MET A 993 14.04 -6.53 -9.70
C MET A 993 12.73 -5.83 -10.21
N VAL A 994 11.66 -6.57 -10.41
CA VAL A 994 10.45 -5.99 -10.88
C VAL A 994 9.90 -5.09 -9.85
N MET A 995 9.85 -5.51 -8.59
CA MET A 995 9.40 -4.57 -7.56
C MET A 995 10.23 -3.28 -7.51
N VAL A 996 11.55 -3.35 -7.42
CA VAL A 996 12.31 -2.10 -7.44
C VAL A 996 12.19 -1.22 -8.74
N ILE A 997 12.85 -1.56 -9.80
CA ILE A 997 12.85 -0.81 -11.09
C ILE A 997 11.48 -0.37 -11.41
N GLY A 998 10.54 -1.29 -11.49
CA GLY A 998 9.16 -0.97 -11.69
C GLY A 998 8.38 -0.02 -10.87
N ASN A 999 8.40 -0.14 -9.58
CA ASN A 999 7.74 0.78 -8.76
C ASN A 999 8.41 2.12 -8.92
N LEU A 1000 9.72 2.16 -9.10
CA LEU A 1000 10.36 3.40 -9.40
C LEU A 1000 9.92 4.11 -10.70
N VAL A 1001 9.82 3.40 -11.81
CA VAL A 1001 9.31 3.99 -13.04
C VAL A 1001 7.79 4.43 -12.86
N VAL A 1002 7.04 3.61 -12.16
CA VAL A 1002 5.67 3.98 -11.90
C VAL A 1002 5.60 5.28 -11.06
N LEU A 1003 6.37 5.33 -9.98
CA LEU A 1003 6.35 6.51 -9.13
C LEU A 1003 6.82 7.74 -9.87
N ASN A 1004 7.86 7.62 -10.69
CA ASN A 1004 8.38 8.80 -11.36
C ASN A 1004 7.36 9.28 -12.36
N LEU A 1005 6.62 8.36 -12.99
CA LEU A 1005 5.56 8.77 -13.85
C LEU A 1005 4.47 9.53 -13.03
N PHE A 1006 3.93 8.88 -12.04
CA PHE A 1006 2.97 9.54 -11.16
C PHE A 1006 3.41 10.96 -10.74
N LEU A 1007 4.65 11.14 -10.27
CA LEU A 1007 5.16 12.45 -9.82
C LEU A 1007 5.35 13.46 -10.94
N ALA A 1008 5.88 13.07 -12.06
CA ALA A 1008 5.97 13.89 -13.18
C ALA A 1008 4.57 14.38 -13.61
N LEU A 1009 3.58 13.50 -13.63
CA LEU A 1009 2.24 13.90 -13.98
C LEU A 1009 1.71 14.90 -13.00
N LEU A 1010 1.91 14.68 -11.74
CA LEU A 1010 1.41 15.53 -10.74
C LEU A 1010 2.03 16.84 -10.92
N LEU A 1011 3.31 16.96 -10.82
CA LEU A 1011 3.95 18.25 -10.84
C LEU A 1011 3.60 19.03 -12.03
N SER A 1012 3.84 18.52 -13.20
CA SER A 1012 3.39 19.15 -14.39
C SER A 1012 1.98 19.68 -14.34
N SER A 1013 1.00 18.82 -14.31
CA SER A 1013 -0.39 19.25 -14.40
C SER A 1013 -0.81 20.13 -13.30
N PHE A 1014 -0.14 20.07 -12.20
CA PHE A 1014 -0.42 20.94 -11.10
C PHE A 1014 -0.01 22.34 -11.34
N SER A 1015 1.27 22.57 -11.53
CA SER A 1015 1.63 24.01 -11.55
C SER A 1015 2.21 24.44 -12.78
N SER A 1016 2.67 23.48 -13.57
CA SER A 1016 3.26 23.84 -14.86
C SER A 1016 2.18 24.14 -15.88
N ASP A 1017 1.23 23.21 -16.05
CA ASP A 1017 0.16 23.40 -17.03
C ASP A 1017 -0.77 24.58 -16.77
N ASN A 1018 -1.14 24.81 -15.51
CA ASN A 1018 -2.09 25.87 -15.21
C ASN A 1018 -1.35 27.15 -14.94
N LEU A 1019 -1.62 28.17 -15.76
CA LEU A 1019 -0.95 29.47 -15.60
C LEU A 1019 -1.91 30.62 -15.84
N THR A 1020 -3.22 30.37 -15.83
CA THR A 1020 -4.21 31.42 -16.13
C THR A 1020 -3.80 32.26 -17.36
N ALA A 1021 -3.29 31.60 -18.39
CA ALA A 1021 -2.87 32.31 -19.60
C ALA A 1021 -4.04 33.00 -20.24
N ILE A 1022 -5.10 32.24 -20.53
CA ILE A 1022 -6.32 32.85 -21.09
C ILE A 1022 -7.33 33.23 -19.99
N GLU A 1023 -8.51 33.70 -20.40
CA GLU A 1023 -9.53 34.00 -19.40
C GLU A 1023 -10.39 32.79 -19.07
N GLU A 1024 -11.17 32.87 -18.00
CA GLU A 1024 -12.07 31.78 -17.68
C GLU A 1024 -13.05 31.71 -18.81
N ASP A 1025 -12.96 30.68 -19.66
CA ASP A 1025 -13.81 30.60 -20.85
C ASP A 1025 -13.71 31.92 -21.61
N PRO A 1026 -12.55 32.16 -22.27
CA PRO A 1026 -12.35 33.46 -22.94
C PRO A 1026 -13.48 33.74 -23.90
N ASP A 1027 -13.79 32.81 -24.78
CA ASP A 1027 -14.95 32.98 -25.63
C ASP A 1027 -16.03 32.54 -24.69
N ALA A 1028 -16.82 33.50 -24.19
CA ALA A 1028 -17.84 33.17 -23.19
C ALA A 1028 -18.44 31.83 -23.48
N ASN A 1029 -18.22 30.88 -22.59
CA ASN A 1029 -18.76 29.54 -22.76
C ASN A 1029 -20.17 29.72 -23.23
N ASN A 1030 -20.54 29.09 -24.33
CA ASN A 1030 -21.94 29.22 -24.73
C ASN A 1030 -22.85 28.88 -23.58
N LEU A 1031 -22.39 28.00 -22.68
CA LEU A 1031 -23.18 27.68 -21.49
C LEU A 1031 -23.42 28.93 -20.69
N GLN A 1032 -22.37 29.70 -20.41
CA GLN A 1032 -22.49 30.96 -19.68
C GLN A 1032 -23.31 31.99 -20.45
N ILE A 1033 -23.27 31.98 -21.77
CA ILE A 1033 -24.10 32.89 -22.55
C ILE A 1033 -25.55 32.56 -22.30
N ALA A 1034 -25.86 31.27 -22.32
CA ALA A 1034 -27.21 30.84 -22.04
C ALA A 1034 -27.59 31.16 -20.62
N VAL A 1035 -26.64 31.11 -19.70
CA VAL A 1035 -26.90 31.41 -18.29
C VAL A 1035 -27.26 32.87 -18.17
N THR A 1036 -26.58 33.71 -18.92
CA THR A 1036 -26.89 35.13 -18.93
C THR A 1036 -28.29 35.34 -19.50
N ARG A 1037 -28.61 34.62 -20.57
CA ARG A 1037 -29.96 34.72 -21.13
C ARG A 1037 -30.99 34.32 -20.10
N ILE A 1038 -30.70 33.31 -19.30
CA ILE A 1038 -31.61 32.83 -18.27
C ILE A 1038 -31.78 33.85 -17.16
N LYS A 1039 -30.68 34.49 -16.77
CA LYS A 1039 -30.75 35.53 -15.76
C LYS A 1039 -31.63 36.63 -16.29
N LYS A 1040 -31.53 36.92 -17.60
CA LYS A 1040 -32.42 37.92 -18.17
C LYS A 1040 -33.85 37.45 -18.02
N GLY A 1041 -34.16 36.27 -18.54
CA GLY A 1041 -35.52 35.77 -18.52
C GLY A 1041 -36.20 35.49 -17.20
N ILE A 1042 -35.66 34.58 -16.38
CA ILE A 1042 -36.34 34.19 -15.16
C ILE A 1042 -36.53 35.40 -14.24
N ASN A 1043 -35.55 36.28 -14.13
CA ASN A 1043 -35.64 37.50 -13.35
C ASN A 1043 -36.65 38.49 -13.96
N TYR A 1044 -36.57 38.75 -15.26
CA TYR A 1044 -37.49 39.70 -15.89
C TYR A 1044 -38.94 39.25 -15.85
N VAL A 1045 -39.20 38.00 -16.25
CA VAL A 1045 -40.58 37.51 -16.29
C VAL A 1045 -41.21 37.48 -14.90
N LYS A 1046 -40.45 37.06 -13.89
CA LYS A 1046 -40.98 37.02 -12.54
C LYS A 1046 -41.32 38.43 -12.09
N GLN A 1047 -40.45 39.39 -12.42
CA GLN A 1047 -40.71 40.79 -12.06
C GLN A 1047 -41.97 41.32 -12.73
N THR A 1048 -42.16 40.99 -14.01
CA THR A 1048 -43.38 41.42 -14.70
C THR A 1048 -44.62 40.80 -14.07
N LEU A 1049 -44.52 39.53 -13.66
CA LEU A 1049 -45.64 38.88 -12.99
C LEU A 1049 -45.95 39.59 -11.68
N ARG A 1050 -44.91 39.98 -10.94
CA ARG A 1050 -45.13 40.72 -9.69
C ARG A 1050 -45.82 42.04 -9.98
N GLU A 1051 -45.40 42.73 -11.04
CA GLU A 1051 -46.03 44.00 -11.41
C GLU A 1051 -47.49 43.79 -11.74
N PHE A 1052 -47.81 42.72 -12.46
CA PHE A 1052 -49.19 42.41 -12.80
C PHE A 1052 -50.01 42.15 -11.54
N ILE A 1053 -49.43 41.42 -10.58
CA ILE A 1053 -50.13 41.16 -9.32
C ILE A 1053 -50.39 42.48 -8.59
N LEU A 1054 -49.42 43.38 -8.60
CA LEU A 1054 -49.61 44.68 -7.97
C LEU A 1054 -50.74 45.46 -8.66
N LYS A 1055 -50.78 45.41 -9.99
CA LYS A 1055 -51.85 46.11 -10.72
C LYS A 1055 -53.19 45.52 -10.34
N ALA A 1056 -53.26 44.20 -10.21
CA ALA A 1056 -54.50 43.54 -9.82
C ALA A 1056 -54.95 43.93 -8.41
N PHE A 1057 -54.03 44.04 -7.45
CA PHE A 1057 -54.46 44.32 -6.07
C PHE A 1057 -54.36 45.78 -5.61
N GLY A 1218 -35.18 43.70 35.77
CA GLY A 1218 -34.75 42.33 35.67
C GLY A 1218 -33.31 41.94 35.81
N LYS A 1219 -32.49 42.70 36.52
CA LYS A 1219 -31.08 42.32 36.77
C LYS A 1219 -30.82 40.91 37.34
N ILE A 1220 -31.74 40.34 38.10
CA ILE A 1220 -31.58 39.00 38.73
C ILE A 1220 -31.60 37.82 37.73
N TRP A 1221 -32.26 37.96 36.60
CA TRP A 1221 -32.27 36.92 35.58
C TRP A 1221 -30.92 36.99 34.89
N TRP A 1222 -30.40 38.20 34.74
CA TRP A 1222 -29.16 38.39 34.08
C TRP A 1222 -28.11 37.85 35.00
N ASN A 1223 -28.37 37.99 36.29
CA ASN A 1223 -27.50 37.47 37.25
C ASN A 1223 -27.45 35.90 37.17
N ILE A 1224 -28.54 35.22 36.95
CA ILE A 1224 -28.53 33.76 36.76
C ILE A 1224 -27.74 33.43 35.51
N ARG A 1225 -27.76 34.33 34.53
CA ARG A 1225 -27.09 34.13 33.25
C ARG A 1225 -25.63 34.20 33.40
N LYS A 1226 -25.18 35.11 34.24
CA LYS A 1226 -23.77 35.31 34.46
C LYS A 1226 -23.17 34.31 35.34
N THR A 1227 -23.98 33.57 36.05
CA THR A 1227 -23.53 32.56 36.96
C THR A 1227 -23.33 31.35 36.11
N CYS A 1228 -24.25 31.11 35.23
CA CYS A 1228 -24.21 29.90 34.42
C CYS A 1228 -22.96 29.99 33.59
N TYR A 1229 -22.66 31.16 33.07
CA TYR A 1229 -21.43 31.36 32.36
C TYR A 1229 -20.20 30.98 33.22
N LYS A 1230 -20.08 31.43 34.46
CA LYS A 1230 -18.96 31.11 35.35
C LYS A 1230 -18.71 29.64 35.41
N ILE A 1231 -19.70 28.91 35.83
CA ILE A 1231 -19.64 27.48 35.86
C ILE A 1231 -19.32 26.78 34.55
N VAL A 1232 -20.09 26.97 33.50
CA VAL A 1232 -19.89 26.17 32.24
C VAL A 1232 -18.54 26.46 31.64
N GLU A 1233 -17.93 27.58 32.02
CA GLU A 1233 -16.64 28.00 31.53
C GLU A 1233 -15.49 27.70 32.48
N HIS A 1234 -15.79 27.03 33.60
CA HIS A 1234 -14.76 26.76 34.57
C HIS A 1234 -14.03 25.48 34.21
N SER A 1235 -12.79 25.34 34.63
CA SER A 1235 -11.96 24.23 34.23
C SER A 1235 -12.36 22.94 34.98
N TRP A 1236 -12.98 23.08 36.13
CA TRP A 1236 -13.50 21.92 36.79
C TRP A 1236 -14.79 21.45 36.10
N PHE A 1237 -15.67 22.35 35.59
CA PHE A 1237 -16.85 21.89 34.85
C PHE A 1237 -16.34 21.10 33.64
N GLU A 1238 -15.42 21.68 32.88
CA GLU A 1238 -14.87 21.05 31.73
C GLU A 1238 -14.29 19.67 32.03
N SER A 1239 -13.53 19.49 33.10
CA SER A 1239 -13.02 18.19 33.56
C SER A 1239 -14.09 17.18 34.10
N PHE A 1240 -15.10 17.61 34.88
CA PHE A 1240 -16.25 16.74 35.24
C PHE A 1240 -16.78 16.08 33.94
N ILE A 1241 -17.00 16.89 32.90
CA ILE A 1241 -17.56 16.39 31.63
C ILE A 1241 -16.66 15.54 30.78
N VAL A 1242 -15.44 15.96 30.56
CA VAL A 1242 -14.53 15.08 29.82
C VAL A 1242 -14.55 13.72 30.50
N LEU A 1243 -14.29 13.66 31.80
CA LEU A 1243 -14.38 12.41 32.58
C LEU A 1243 -15.64 11.69 32.27
N MET A 1244 -16.76 12.36 32.39
CA MET A 1244 -18.05 11.76 32.03
C MET A 1244 -18.23 11.22 30.59
N ILE A 1245 -17.66 11.86 29.55
CA ILE A 1245 -17.73 11.35 28.17
C ILE A 1245 -16.94 10.10 28.00
N LEU A 1246 -15.80 10.08 28.59
CA LEU A 1246 -14.92 8.95 28.54
C LEU A 1246 -15.46 7.73 29.24
N LEU A 1247 -16.07 7.91 30.41
CA LEU A 1247 -16.68 6.80 31.14
C LEU A 1247 -17.89 6.25 30.41
N SER A 1248 -18.74 7.13 29.90
CA SER A 1248 -19.93 6.71 29.19
C SER A 1248 -19.49 6.01 27.81
N SER A 1249 -18.42 6.47 27.21
CA SER A 1249 -17.90 5.80 25.99
C SER A 1249 -17.31 4.44 26.36
N GLY A 1250 -16.63 4.36 27.48
CA GLY A 1250 -16.06 3.13 27.97
C GLY A 1250 -17.09 2.12 28.38
N ALA A 1251 -18.23 2.52 28.97
CA ALA A 1251 -19.34 1.62 29.27
C ALA A 1251 -19.92 0.83 28.04
N LEU A 1252 -20.01 1.43 26.87
CA LEU A 1252 -20.41 0.71 25.61
C LEU A 1252 -19.59 -0.52 25.19
N ALA A 1253 -18.28 -0.55 25.49
CA ALA A 1253 -17.36 -1.65 25.17
C ALA A 1253 -17.62 -2.94 25.99
N PHE A 1254 -18.41 -2.87 27.02
CA PHE A 1254 -18.83 -4.01 27.80
C PHE A 1254 -20.11 -4.68 27.22
N GLU A 1255 -20.79 -4.06 26.28
CA GLU A 1255 -22.00 -4.64 25.68
C GLU A 1255 -21.72 -5.60 24.50
N ASP A 1256 -21.06 -6.68 24.81
CA ASP A 1256 -20.72 -7.66 23.83
C ASP A 1256 -21.59 -8.91 23.98
N ILE A 1257 -21.37 -9.96 23.20
CA ILE A 1257 -22.09 -11.26 23.35
C ILE A 1257 -21.85 -12.07 24.67
N TYR A 1258 -20.95 -11.66 25.53
CA TYR A 1258 -20.75 -12.29 26.82
C TYR A 1258 -21.50 -11.56 27.99
N ILE A 1259 -22.15 -10.42 27.70
CA ILE A 1259 -22.91 -9.64 28.70
C ILE A 1259 -23.83 -10.44 29.66
N GLU A 1260 -24.51 -11.49 29.21
CA GLU A 1260 -25.32 -12.36 30.10
C GLU A 1260 -24.50 -13.32 30.99
N ARG A 1261 -23.18 -13.27 31.02
CA ARG A 1261 -22.28 -14.02 31.87
C ARG A 1261 -21.76 -13.06 32.94
N LYS A 1262 -22.16 -11.81 32.89
CA LYS A 1262 -21.68 -10.81 33.83
C LYS A 1262 -22.86 -10.05 34.34
N LYS A 1263 -23.75 -10.72 35.08
CA LYS A 1263 -24.98 -10.09 35.57
C LYS A 1263 -24.79 -8.76 36.29
N THR A 1264 -23.97 -8.72 37.33
CA THR A 1264 -23.72 -7.47 38.06
C THR A 1264 -23.24 -6.33 37.15
N ILE A 1265 -22.30 -6.54 36.24
CA ILE A 1265 -21.88 -5.36 35.45
C ILE A 1265 -23.00 -4.93 34.47
N LYS A 1266 -23.85 -5.85 34.00
CA LYS A 1266 -24.93 -5.47 33.19
C LYS A 1266 -25.93 -4.55 33.93
N ILE A 1267 -26.28 -4.87 35.19
CA ILE A 1267 -27.15 -3.99 35.98
C ILE A 1267 -26.45 -2.64 36.34
N ILE A 1268 -25.18 -2.69 36.70
CA ILE A 1268 -24.42 -1.49 37.03
C ILE A 1268 -24.50 -0.51 35.84
N LEU A 1269 -24.37 -1.00 34.62
CA LEU A 1269 -24.35 -0.15 33.44
C LEU A 1269 -25.68 0.43 33.06
N GLU A 1270 -26.77 -0.29 33.18
CA GLU A 1270 -28.09 0.29 32.93
C GLU A 1270 -28.31 1.50 33.83
N TYR A 1271 -27.93 1.37 35.10
CA TYR A 1271 -28.06 2.44 36.07
C TYR A 1271 -27.03 3.54 35.79
N ALA A 1272 -25.79 3.16 35.43
CA ALA A 1272 -24.82 4.16 35.01
C ALA A 1272 -25.37 5.02 33.84
N ASP A 1273 -26.19 4.47 32.95
CA ASP A 1273 -26.76 5.14 31.81
C ASP A 1273 -27.83 6.13 32.15
N LYS A 1274 -28.63 5.81 33.15
CA LYS A 1274 -29.60 6.76 33.60
C LYS A 1274 -28.90 8.00 34.14
N ILE A 1275 -27.80 7.79 34.83
CA ILE A 1275 -27.07 8.89 35.36
C ILE A 1275 -26.39 9.73 34.26
N PHE A 1276 -25.77 9.08 33.29
CA PHE A 1276 -25.10 9.74 32.22
C PHE A 1276 -26.04 10.72 31.53
N THR A 1277 -27.25 10.31 31.23
CA THR A 1277 -28.26 11.15 30.62
C THR A 1277 -28.66 12.29 31.53
N TYR A 1278 -28.89 12.05 32.81
CA TYR A 1278 -29.15 13.13 33.75
C TYR A 1278 -28.11 14.24 33.65
N ILE A 1279 -26.83 13.90 33.74
CA ILE A 1279 -25.75 14.90 33.71
C ILE A 1279 -25.72 15.74 32.42
N PHE A 1280 -25.79 15.08 31.27
CA PHE A 1280 -25.75 15.80 30.00
C PHE A 1280 -26.98 16.70 29.79
N ILE A 1281 -28.15 16.31 30.29
CA ILE A 1281 -29.31 17.19 30.21
C ILE A 1281 -29.04 18.46 31.00
N LEU A 1282 -28.51 18.30 32.21
CA LEU A 1282 -28.18 19.44 33.06
C LEU A 1282 -27.19 20.35 32.38
N GLU A 1283 -26.14 19.76 31.81
CA GLU A 1283 -25.13 20.54 31.11
C GLU A 1283 -25.77 21.35 29.99
N MET A 1284 -26.63 20.71 29.19
CA MET A 1284 -27.31 21.40 28.10
C MET A 1284 -28.13 22.56 28.62
N LEU A 1285 -28.90 22.35 29.69
CA LEU A 1285 -29.71 23.42 30.28
C LEU A 1285 -28.85 24.59 30.72
N LEU A 1286 -27.73 24.28 31.38
CA LEU A 1286 -26.82 25.34 31.83
C LEU A 1286 -26.28 26.13 30.66
N LYS A 1287 -25.89 25.44 29.59
CA LYS A 1287 -25.39 26.12 28.40
C LYS A 1287 -26.46 27.01 27.82
N TRP A 1288 -27.70 26.54 27.79
CA TRP A 1288 -28.80 27.36 27.32
C TRP A 1288 -28.93 28.63 28.14
N ILE A 1289 -28.92 28.49 29.46
CA ILE A 1289 -29.08 29.67 30.31
C ILE A 1289 -27.90 30.63 30.15
N ALA A 1290 -26.71 30.10 29.92
CA ALA A 1290 -25.51 30.94 29.81
C ALA A 1290 -25.26 31.52 28.44
N TYR A 1291 -25.70 30.82 27.40
CA TYR A 1291 -25.41 31.23 26.06
C TYR A 1291 -26.67 31.75 25.35
N GLY A 1292 -27.78 31.10 25.57
CA GLY A 1292 -28.98 31.51 24.93
C GLY A 1292 -29.16 30.75 23.70
N TYR A 1293 -30.42 30.61 23.29
CA TYR A 1293 -30.75 29.76 22.19
C TYR A 1293 -30.01 30.02 20.87
N LYS A 1294 -29.52 31.25 20.69
CA LYS A 1294 -28.81 31.64 19.48
C LYS A 1294 -27.32 31.26 19.46
N THR A 1295 -26.54 31.72 20.42
CA THR A 1295 -25.12 31.41 20.41
C THR A 1295 -24.95 29.91 20.61
N TYR A 1296 -26.06 29.20 20.76
CA TYR A 1296 -25.99 27.81 20.96
C TYR A 1296 -26.47 27.10 19.72
N PHE A 1297 -27.51 27.61 19.09
CA PHE A 1297 -28.07 26.91 17.96
C PHE A 1297 -27.40 27.40 16.69
N THR A 1298 -26.47 28.32 16.84
CA THR A 1298 -25.62 28.73 15.69
C THR A 1298 -24.26 28.05 15.76
N ASN A 1299 -24.02 27.23 16.76
CA ASN A 1299 -22.72 26.55 16.92
C ASN A 1299 -22.87 25.06 16.55
N ALA A 1300 -21.99 24.56 15.71
CA ALA A 1300 -22.10 23.17 15.25
C ALA A 1300 -21.79 22.12 16.33
N TRP A 1301 -20.96 22.47 17.30
CA TRP A 1301 -20.52 21.52 18.32
C TRP A 1301 -21.62 21.40 19.33
N CYS A 1302 -22.29 22.49 19.62
CA CYS A 1302 -23.46 22.41 20.45
C CYS A 1302 -24.57 21.68 19.76
N TRP A 1303 -24.79 21.89 18.49
CA TRP A 1303 -25.81 21.14 17.73
C TRP A 1303 -25.62 19.63 17.83
N LEU A 1304 -24.36 19.15 17.77
CA LEU A 1304 -24.00 17.73 17.95
C LEU A 1304 -24.24 17.19 19.38
N ASP A 1305 -23.96 17.93 20.48
CA ASP A 1305 -24.27 17.55 21.80
C ASP A 1305 -25.69 17.43 21.96
N PHE A 1306 -26.39 18.42 21.52
CA PHE A 1306 -27.83 18.43 21.58
C PHE A 1306 -28.47 17.20 21.00
N LEU A 1307 -28.16 16.84 19.79
CA LEU A 1307 -28.70 15.69 19.22
C LEU A 1307 -28.40 14.42 19.95
N ILE A 1308 -27.20 14.23 20.47
CA ILE A 1308 -26.86 13.08 21.28
C ILE A 1308 -27.74 13.02 22.52
N VAL A 1309 -27.83 14.11 23.24
CA VAL A 1309 -28.70 14.09 24.42
C VAL A 1309 -30.16 13.86 24.05
N ASP A 1310 -30.59 14.26 22.87
CA ASP A 1310 -31.97 14.06 22.43
C ASP A 1310 -32.25 12.66 22.11
N VAL A 1311 -31.36 11.99 21.40
CA VAL A 1311 -31.63 10.58 21.20
C VAL A 1311 -31.59 9.88 22.55
N SER A 1312 -30.76 10.34 23.48
CA SER A 1312 -30.68 9.64 24.74
C SER A 1312 -31.96 9.76 25.47
N LEU A 1313 -32.50 10.95 25.49
CA LEU A 1313 -33.76 11.18 26.17
C LEU A 1313 -34.88 10.44 25.49
N VAL A 1314 -34.91 10.34 24.17
CA VAL A 1314 -35.94 9.55 23.53
C VAL A 1314 -35.81 8.12 24.02
N THR A 1315 -34.63 7.49 23.95
CA THR A 1315 -34.56 6.13 24.47
C THR A 1315 -35.05 6.08 25.92
N LEU A 1316 -34.58 6.93 26.82
CA LEU A 1316 -34.99 6.83 28.21
C LEU A 1316 -36.48 6.92 28.38
N VAL A 1317 -37.11 7.90 27.76
CA VAL A 1317 -38.52 8.05 27.98
C VAL A 1317 -39.27 6.90 27.35
N ALA A 1318 -38.92 6.44 26.16
CA ALA A 1318 -39.64 5.31 25.62
C ALA A 1318 -39.51 4.14 26.55
N ASN A 1319 -38.33 3.89 27.04
CA ASN A 1319 -38.11 2.75 27.89
C ASN A 1319 -38.95 2.82 29.14
N THR A 1320 -39.05 3.96 29.77
CA THR A 1320 -39.79 4.02 31.02
C THR A 1320 -41.27 4.04 30.71
N LEU A 1321 -41.63 3.99 29.44
CA LEU A 1321 -43.04 3.90 29.04
C LEU A 1321 -43.27 2.60 28.31
N GLY A 1322 -42.51 1.56 28.65
CA GLY A 1322 -42.70 0.26 28.03
C GLY A 1322 -42.36 0.13 26.55
N TYR A 1323 -42.05 1.24 25.88
CA TYR A 1323 -41.66 1.17 24.47
C TYR A 1323 -40.17 0.87 24.36
N SER A 1324 -39.80 -0.38 24.63
CA SER A 1324 -38.38 -0.74 24.59
C SER A 1324 -38.08 -1.79 23.53
N ASP A 1325 -39.11 -2.29 22.86
CA ASP A 1325 -38.89 -3.35 21.89
C ASP A 1325 -39.64 -3.11 20.60
N LEU A 1326 -40.30 -1.99 20.48
CA LEU A 1326 -40.86 -1.70 19.20
C LEU A 1326 -39.61 -1.66 18.36
N GLY A 1327 -39.56 -2.31 17.24
CA GLY A 1327 -38.34 -2.41 16.45
C GLY A 1327 -37.69 -1.14 16.00
N PRO A 1328 -38.49 -0.10 15.61
CA PRO A 1328 -37.76 1.13 15.29
C PRO A 1328 -37.03 1.71 16.49
N ILE A 1329 -37.65 1.72 17.66
CA ILE A 1329 -36.98 2.19 18.87
C ILE A 1329 -35.81 1.28 19.15
N LYS A 1330 -35.91 0.02 18.88
CA LYS A 1330 -34.71 -0.81 19.05
C LYS A 1330 -33.56 -0.45 18.16
N SER A 1331 -33.81 -0.06 16.94
CA SER A 1331 -32.73 0.40 16.11
C SER A 1331 -32.20 1.74 16.49
N LEU A 1332 -32.94 2.57 17.17
CA LEU A 1332 -32.44 3.81 17.69
C LEU A 1332 -31.46 3.61 18.79
N ARG A 1333 -31.64 2.58 19.57
CA ARG A 1333 -30.67 2.26 20.54
C ARG A 1333 -29.35 1.96 19.88
N THR A 1334 -29.24 1.31 18.71
CA THR A 1334 -27.85 1.06 18.18
C THR A 1334 -27.07 2.39 17.98
N LEU A 1335 -27.77 3.51 17.83
CA LEU A 1335 -27.20 4.91 17.66
C LEU A 1335 -26.38 5.43 18.83
N ARG A 1336 -26.40 4.75 19.98
CA ARG A 1336 -25.59 5.16 21.13
C ARG A 1336 -24.11 5.06 20.78
N ALA A 1337 -23.75 4.22 19.82
CA ALA A 1337 -22.37 4.15 19.32
C ALA A 1337 -21.87 5.58 18.94
N LEU A 1338 -22.78 6.55 18.79
CA LEU A 1338 -22.36 7.94 18.47
C LEU A 1338 -22.09 8.84 19.69
N ARG A 1339 -22.19 8.31 20.91
CA ARG A 1339 -21.87 9.07 22.13
C ARG A 1339 -20.39 9.56 22.21
N PRO A 1340 -19.39 8.78 21.77
CA PRO A 1340 -17.99 9.17 21.77
C PRO A 1340 -17.71 10.40 20.85
N LEU A 1341 -18.59 10.77 19.94
CA LEU A 1341 -18.47 12.04 19.21
C LEU A 1341 -18.50 13.26 20.12
N ARG A 1342 -19.13 13.21 21.30
CA ARG A 1342 -19.03 14.31 22.30
C ARG A 1342 -17.55 14.60 22.59
N ALA A 1343 -16.71 13.59 22.47
CA ALA A 1343 -15.28 13.75 22.65
C ALA A 1343 -14.52 14.71 21.67
N LEU A 1344 -14.93 14.83 20.40
CA LEU A 1344 -14.30 15.82 19.47
C LEU A 1344 -14.11 17.32 19.90
N SER A 1345 -15.08 17.94 20.51
CA SER A 1345 -15.03 19.33 20.94
C SER A 1345 -14.07 19.61 22.07
N ARG A 1346 -13.88 18.67 22.92
CA ARG A 1346 -13.08 18.87 24.11
C ARG A 1346 -11.58 18.85 23.94
N PHE A 1347 -11.06 18.21 22.93
CA PHE A 1347 -9.66 18.06 22.68
C PHE A 1347 -9.20 18.78 21.46
N GLU A 1348 -8.47 19.84 21.62
CA GLU A 1348 -7.92 20.64 20.51
C GLU A 1348 -7.30 19.86 19.35
N GLY A 1349 -6.53 18.80 19.61
CA GLY A 1349 -5.89 18.02 18.59
C GLY A 1349 -6.88 17.46 17.66
N MET A 1350 -7.96 16.85 18.18
CA MET A 1350 -9.05 16.43 17.32
C MET A 1350 -9.83 17.59 16.66
N ARG A 1351 -9.96 18.72 17.31
CA ARG A 1351 -10.64 19.88 16.76
C ARG A 1351 -9.95 20.59 15.62
N VAL A 1352 -8.63 20.53 15.58
CA VAL A 1352 -7.88 21.21 14.54
C VAL A 1352 -7.78 20.31 13.30
N VAL A 1353 -7.84 18.99 13.47
CA VAL A 1353 -7.77 18.10 12.35
C VAL A 1353 -9.11 18.06 11.65
N VAL A 1354 -10.20 18.19 12.39
CA VAL A 1354 -11.53 18.29 11.80
C VAL A 1354 -11.55 19.57 11.03
N ASN A 1355 -11.22 20.65 11.66
CA ASN A 1355 -11.13 21.92 10.97
C ASN A 1355 -10.35 21.79 9.64
N ALA A 1356 -9.20 21.11 9.65
CA ALA A 1356 -8.42 20.93 8.42
C ALA A 1356 -9.18 20.09 7.40
N LEU A 1357 -9.81 19.00 7.84
CA LEU A 1357 -10.52 18.11 6.92
C LEU A 1357 -11.76 18.74 6.31
N ILE A 1358 -12.55 19.46 7.10
CA ILE A 1358 -13.78 20.09 6.60
C ILE A 1358 -13.47 21.18 5.57
N GLY A 1359 -12.32 21.84 5.70
CA GLY A 1359 -11.92 22.85 4.74
C GLY A 1359 -11.67 22.20 3.38
N ALA A 1360 -11.14 20.98 3.39
CA ALA A 1360 -10.88 20.26 2.15
C ALA A 1360 -12.15 19.75 1.47
N ILE A 1361 -13.19 19.45 2.24
CA ILE A 1361 -14.42 18.87 1.67
C ILE A 1361 -14.90 19.52 0.35
N PRO A 1362 -15.11 20.85 0.31
CA PRO A 1362 -15.52 21.39 -1.01
C PRO A 1362 -14.63 20.98 -2.24
N SER A 1363 -13.30 21.03 -2.16
CA SER A 1363 -12.48 20.59 -3.30
C SER A 1363 -12.63 19.10 -3.52
N ILE A 1364 -12.72 18.33 -2.43
CA ILE A 1364 -12.87 16.88 -2.56
C ILE A 1364 -14.20 16.52 -3.20
N MET A 1365 -15.25 17.26 -2.88
CA MET A 1365 -16.58 16.95 -3.41
C MET A 1365 -16.55 16.92 -4.92
N ASN A 1366 -15.79 17.81 -5.54
CA ASN A 1366 -15.73 17.89 -7.01
C ASN A 1366 -14.93 16.75 -7.66
N VAL A 1367 -13.93 16.21 -6.96
CA VAL A 1367 -13.10 15.17 -7.53
C VAL A 1367 -13.95 13.99 -7.52
N LEU A 1368 -14.69 13.85 -6.50
CA LEU A 1368 -15.58 12.79 -6.36
C LEU A 1368 -16.66 12.78 -7.42
N LEU A 1369 -17.23 13.92 -7.80
CA LEU A 1369 -18.20 13.93 -8.90
C LEU A 1369 -17.51 13.49 -10.19
N VAL A 1370 -16.36 14.07 -10.50
CA VAL A 1370 -15.57 13.74 -11.73
C VAL A 1370 -15.14 12.24 -11.69
N CYS A 1371 -14.81 11.75 -10.52
CA CYS A 1371 -14.47 10.38 -10.30
C CYS A 1371 -15.65 9.42 -10.32
N LEU A 1372 -16.76 9.77 -9.68
CA LEU A 1372 -18.03 8.97 -9.82
C LEU A 1372 -18.51 8.85 -11.23
N ILE A 1373 -18.49 9.94 -12.00
CA ILE A 1373 -18.85 9.88 -13.44
C ILE A 1373 -17.94 8.96 -14.27
N PHE A 1374 -16.64 9.12 -14.19
CA PHE A 1374 -15.71 8.29 -14.94
C PHE A 1374 -15.91 6.81 -14.60
N TRP A 1375 -16.07 6.48 -13.34
CA TRP A 1375 -16.32 5.15 -12.84
C TRP A 1375 -17.69 4.62 -13.32
N LEU A 1376 -18.63 5.53 -13.60
CA LEU A 1376 -19.90 5.16 -14.20
C LEU A 1376 -19.82 4.62 -15.65
N ILE A 1377 -18.98 5.19 -16.52
CA ILE A 1377 -18.71 4.67 -17.88
C ILE A 1377 -18.24 3.20 -17.73
N PHE A 1378 -17.31 2.96 -16.84
CA PHE A 1378 -16.81 1.60 -16.52
C PHE A 1378 -17.86 0.72 -15.98
N SER A 1379 -18.72 1.24 -15.14
CA SER A 1379 -19.84 0.46 -14.64
C SER A 1379 -20.87 -0.01 -15.69
N ILE A 1380 -21.19 0.84 -16.63
CA ILE A 1380 -22.17 0.56 -17.64
C ILE A 1380 -21.58 -0.48 -18.59
N MET A 1381 -20.33 -0.27 -18.96
CA MET A 1381 -19.63 -1.28 -19.73
C MET A 1381 -19.52 -2.63 -19.04
N GLY A 1382 -19.22 -2.68 -17.71
CA GLY A 1382 -19.24 -3.93 -16.97
C GLY A 1382 -20.54 -4.62 -17.14
N VAL A 1383 -21.62 -3.90 -16.94
CA VAL A 1383 -22.96 -4.44 -17.13
C VAL A 1383 -23.20 -5.02 -18.52
N ASN A 1384 -22.83 -4.31 -19.58
CA ASN A 1384 -22.99 -4.73 -20.97
C ASN A 1384 -22.16 -5.95 -21.25
N LEU A 1385 -20.98 -5.99 -20.68
CA LEU A 1385 -20.15 -7.16 -20.73
C LEU A 1385 -20.54 -8.37 -19.89
N PHE A 1386 -20.90 -8.21 -18.64
CA PHE A 1386 -21.02 -9.34 -17.72
C PHE A 1386 -22.40 -9.63 -17.08
N ALA A 1387 -23.30 -8.68 -17.10
CA ALA A 1387 -24.64 -8.86 -16.49
C ALA A 1387 -25.36 -10.16 -16.77
N GLY A 1388 -25.57 -10.97 -15.76
CA GLY A 1388 -26.21 -12.27 -15.87
C GLY A 1388 -25.37 -13.41 -16.20
N LYS A 1389 -24.06 -13.22 -16.24
CA LYS A 1389 -23.20 -14.28 -16.75
C LYS A 1389 -22.29 -14.93 -15.70
N PHE A 1390 -22.35 -14.46 -14.50
CA PHE A 1390 -21.62 -15.01 -13.38
C PHE A 1390 -22.45 -16.04 -12.57
N TYR A 1391 -23.52 -16.60 -13.10
CA TYR A 1391 -24.27 -17.66 -12.44
C TYR A 1391 -23.62 -18.99 -12.83
N GLU A 1392 -23.45 -19.88 -11.88
CA GLU A 1392 -22.82 -21.17 -12.12
C GLU A 1392 -23.51 -22.25 -11.40
N CYS A 1393 -23.32 -23.49 -11.83
CA CYS A 1393 -23.83 -24.69 -11.19
C CYS A 1393 -22.73 -25.22 -10.34
N ILE A 1394 -22.92 -25.15 -9.04
CA ILE A 1394 -21.86 -25.57 -8.13
C ILE A 1394 -22.26 -26.69 -7.20
N ASN A 1395 -21.30 -27.56 -6.93
CA ASN A 1395 -21.53 -28.64 -6.00
C ASN A 1395 -21.20 -28.13 -4.65
N THR A 1396 -22.19 -27.89 -3.85
CA THR A 1396 -21.97 -27.30 -2.49
C THR A 1396 -21.02 -27.99 -1.40
N THR A 1397 -21.01 -29.31 -1.30
CA THR A 1397 -20.18 -29.94 -0.26
C THR A 1397 -18.69 -29.73 -0.53
N ASP A 1398 -18.25 -29.86 -1.79
CA ASP A 1398 -16.85 -29.56 -2.11
C ASP A 1398 -16.66 -28.14 -2.67
N GLY A 1399 -17.75 -27.38 -2.81
CA GLY A 1399 -17.67 -26.02 -3.32
C GLY A 1399 -17.04 -25.87 -4.70
N SER A 1400 -17.33 -26.79 -5.61
CA SER A 1400 -16.67 -26.75 -6.92
C SER A 1400 -17.66 -26.63 -8.07
N ARG A 1401 -17.29 -25.83 -9.07
CA ARG A 1401 -18.14 -25.66 -10.22
C ARG A 1401 -18.28 -26.94 -11.01
N PHE A 1402 -19.49 -27.29 -11.43
CA PHE A 1402 -19.65 -28.44 -12.33
C PHE A 1402 -19.12 -28.04 -13.68
N PRO A 1403 -18.68 -29.01 -14.49
CA PRO A 1403 -18.28 -28.65 -15.85
C PRO A 1403 -19.41 -28.09 -16.70
N ALA A 1404 -19.13 -27.98 -18.00
CA ALA A 1404 -20.15 -27.51 -18.93
C ALA A 1404 -20.46 -28.65 -19.88
N SER A 1405 -19.62 -29.69 -19.90
CA SER A 1405 -19.93 -30.88 -20.71
C SER A 1405 -21.20 -31.43 -20.12
N GLN A 1406 -21.23 -31.54 -18.80
CA GLN A 1406 -22.45 -31.95 -18.13
C GLN A 1406 -23.00 -30.66 -17.58
N VAL A 1407 -24.31 -30.56 -17.44
CA VAL A 1407 -24.92 -29.34 -16.93
C VAL A 1407 -24.30 -28.07 -17.55
N PRO A 1408 -24.56 -27.83 -18.84
CA PRO A 1408 -24.06 -26.58 -19.43
C PRO A 1408 -25.05 -25.44 -19.29
N ASN A 1409 -26.24 -25.70 -18.77
CA ASN A 1409 -27.30 -24.70 -18.74
C ASN A 1409 -28.07 -24.62 -17.45
N ARG A 1410 -28.81 -23.53 -17.27
CA ARG A 1410 -29.65 -23.38 -16.09
C ARG A 1410 -30.64 -24.53 -16.04
N SER A 1411 -31.22 -24.88 -17.17
CA SER A 1411 -32.17 -25.99 -17.23
C SER A 1411 -31.56 -27.29 -16.72
N GLU A 1412 -30.31 -27.56 -17.10
CA GLU A 1412 -29.68 -28.77 -16.69
C GLU A 1412 -29.23 -28.66 -15.27
N CYS A 1413 -28.82 -27.49 -14.80
CA CYS A 1413 -28.48 -27.35 -13.39
C CYS A 1413 -29.69 -27.72 -12.58
N PHE A 1414 -30.86 -27.23 -12.99
CA PHE A 1414 -32.09 -27.52 -12.28
C PHE A 1414 -32.49 -29.00 -12.35
N ALA A 1415 -32.25 -29.65 -13.48
CA ALA A 1415 -32.51 -31.09 -13.58
C ALA A 1415 -31.61 -31.86 -12.63
N LEU A 1416 -30.36 -31.40 -12.50
CA LEU A 1416 -29.44 -32.04 -11.57
C LEU A 1416 -29.91 -31.80 -10.15
N MET A 1417 -30.50 -30.64 -9.87
CA MET A 1417 -31.06 -30.39 -8.54
C MET A 1417 -32.16 -31.37 -8.23
N ASN A 1418 -32.97 -31.69 -9.24
CA ASN A 1418 -34.08 -32.64 -9.04
C ASN A 1418 -33.59 -34.00 -8.56
N VAL A 1419 -32.41 -34.41 -8.99
CA VAL A 1419 -31.86 -35.70 -8.58
C VAL A 1419 -30.94 -35.57 -7.38
N SER A 1420 -29.85 -34.81 -7.53
CA SER A 1420 -28.88 -34.63 -6.44
C SER A 1420 -29.22 -33.43 -5.57
N GLN A 1421 -29.19 -33.63 -4.25
CA GLN A 1421 -29.56 -32.57 -3.32
C GLN A 1421 -28.59 -31.39 -3.29
N ASN A 1422 -27.28 -31.66 -3.21
CA ASN A 1422 -26.31 -30.57 -3.07
C ASN A 1422 -25.94 -29.92 -4.40
N VAL A 1423 -26.91 -29.38 -5.11
CA VAL A 1423 -26.66 -28.70 -6.37
C VAL A 1423 -27.30 -27.32 -6.32
N ARG A 1424 -26.53 -26.27 -6.63
CA ARG A 1424 -27.09 -24.92 -6.64
C ARG A 1424 -26.66 -24.07 -7.83
N TRP A 1425 -27.58 -23.28 -8.38
CA TRP A 1425 -27.24 -22.36 -9.45
C TRP A 1425 -27.03 -21.08 -8.68
N LYS A 1426 -25.80 -20.61 -8.57
CA LYS A 1426 -25.51 -19.46 -7.72
C LYS A 1426 -24.76 -18.32 -8.38
N ASN A 1427 -25.11 -17.09 -8.02
CA ASN A 1427 -24.42 -15.92 -8.57
C ASN A 1427 -23.54 -15.31 -7.52
N LEU A 1428 -22.38 -14.82 -7.92
CA LEU A 1428 -21.51 -14.08 -6.99
C LEU A 1428 -22.26 -12.94 -6.34
N LYS A 1429 -21.93 -12.64 -5.09
CA LYS A 1429 -22.57 -11.55 -4.37
C LYS A 1429 -22.20 -10.21 -4.98
N VAL A 1430 -20.92 -10.00 -5.22
CA VAL A 1430 -20.44 -8.73 -5.77
C VAL A 1430 -20.33 -9.03 -7.26
N ASN A 1431 -20.95 -8.23 -8.09
CA ASN A 1431 -21.08 -8.49 -9.51
C ASN A 1431 -21.31 -7.20 -10.41
N PHE A 1432 -21.79 -7.34 -11.59
CA PHE A 1432 -22.06 -6.24 -12.53
C PHE A 1432 -23.50 -6.41 -13.06
N ASP A 1433 -24.39 -6.97 -12.25
CA ASP A 1433 -25.75 -7.19 -12.71
C ASP A 1433 -26.41 -5.85 -12.94
N ASN A 1434 -26.09 -4.87 -12.10
CA ASN A 1434 -26.60 -3.51 -12.30
C ASN A 1434 -25.49 -2.51 -12.00
N VAL A 1435 -25.73 -1.24 -12.30
CA VAL A 1435 -24.71 -0.20 -12.09
C VAL A 1435 -24.28 -0.06 -10.63
N GLY A 1436 -25.23 -0.12 -9.70
CA GLY A 1436 -24.90 -0.05 -8.29
C GLY A 1436 -23.94 -1.14 -7.89
N LEU A 1437 -24.22 -2.37 -8.31
CA LEU A 1437 -23.31 -3.49 -8.04
C LEU A 1437 -21.99 -3.33 -8.77
N GLY A 1438 -22.03 -2.82 -9.99
CA GLY A 1438 -20.80 -2.57 -10.72
C GLY A 1438 -19.90 -1.62 -9.95
N TYR A 1439 -20.48 -0.62 -9.31
CA TYR A 1439 -19.70 0.33 -8.50
C TYR A 1439 -18.97 -0.38 -7.37
N LEU A 1440 -19.65 -1.27 -6.66
CA LEU A 1440 -19.02 -2.03 -5.58
C LEU A 1440 -17.92 -2.91 -6.14
N SER A 1441 -18.17 -3.55 -7.29
CA SER A 1441 -17.15 -4.38 -7.92
C SER A 1441 -15.93 -3.55 -8.31
N LEU A 1442 -16.17 -2.36 -8.85
CA LEU A 1442 -15.06 -1.49 -9.25
C LEU A 1442 -14.25 -1.05 -8.05
N LEU A 1443 -14.91 -0.81 -6.92
CA LEU A 1443 -14.18 -0.44 -5.71
C LEU A 1443 -13.26 -1.57 -5.29
N GLN A 1444 -13.75 -2.80 -5.31
CA GLN A 1444 -12.93 -3.96 -4.97
C GLN A 1444 -11.74 -4.11 -5.93
N VAL A 1445 -11.96 -3.86 -7.22
CA VAL A 1445 -10.87 -3.93 -8.20
C VAL A 1445 -9.85 -2.82 -7.99
N ALA A 1446 -10.31 -1.59 -7.79
CA ALA A 1446 -9.41 -0.46 -7.60
C ALA A 1446 -8.55 -0.65 -6.37
N THR A 1447 -9.18 -0.98 -5.26
CA THR A 1447 -8.46 -1.24 -4.06
C THR A 1447 -7.69 -2.54 -4.04
N PHE A 1448 -7.76 -3.43 -5.05
CA PHE A 1448 -7.12 -4.83 -5.06
C PHE A 1448 -7.54 -5.80 -3.92
N LYS A 1449 -8.73 -5.70 -3.45
CA LYS A 1449 -9.27 -6.53 -2.37
C LYS A 1449 -10.57 -7.24 -2.79
N GLY A 1450 -10.47 -8.53 -3.07
CA GLY A 1450 -11.63 -9.29 -3.64
C GLY A 1450 -11.76 -9.23 -5.16
N TRP A 1451 -10.76 -8.68 -5.83
CA TRP A 1451 -10.75 -8.54 -7.30
C TRP A 1451 -10.47 -9.83 -8.13
N THR A 1452 -9.65 -10.72 -7.59
CA THR A 1452 -9.34 -11.96 -8.29
C THR A 1452 -10.62 -12.69 -8.68
N ILE A 1453 -11.50 -12.90 -7.72
CA ILE A 1453 -12.75 -13.63 -7.97
C ILE A 1453 -13.58 -12.97 -9.05
N ILE A 1454 -13.74 -11.65 -8.97
CA ILE A 1454 -14.53 -10.91 -9.94
C ILE A 1454 -13.95 -11.10 -11.34
N MET A 1455 -12.62 -11.03 -11.45
CA MET A 1455 -11.97 -11.23 -12.75
C MET A 1455 -12.19 -12.66 -13.26
N TYR A 1456 -12.13 -13.65 -12.37
CA TYR A 1456 -12.30 -15.03 -12.79
C TYR A 1456 -13.71 -15.24 -13.34
N ALA A 1457 -14.73 -14.74 -12.66
CA ALA A 1457 -16.10 -14.84 -13.18
C ALA A 1457 -16.17 -14.18 -14.56
N ALA A 1458 -15.59 -13.03 -14.72
CA ALA A 1458 -15.49 -12.33 -16.04
C ALA A 1458 -14.70 -13.11 -17.16
N VAL A 1459 -13.65 -13.82 -16.85
CA VAL A 1459 -12.85 -14.44 -17.90
C VAL A 1459 -13.43 -15.82 -18.13
N ASP A 1460 -14.24 -16.36 -17.17
CA ASP A 1460 -14.99 -17.63 -17.44
C ASP A 1460 -16.30 -17.42 -18.14
N SER A 1461 -16.77 -16.18 -18.14
CA SER A 1461 -18.07 -15.84 -18.76
C SER A 1461 -18.32 -16.40 -20.15
N VAL A 1462 -19.54 -16.87 -20.37
CA VAL A 1462 -19.93 -17.40 -21.64
C VAL A 1462 -21.14 -16.58 -22.19
N ASN A 1463 -22.31 -16.64 -21.59
CA ASN A 1463 -23.52 -15.89 -21.89
C ASN A 1463 -24.60 -16.14 -20.78
N VAL A 1464 -25.75 -15.48 -20.84
CA VAL A 1464 -26.82 -15.54 -19.83
C VAL A 1464 -27.47 -16.88 -19.75
N ASP A 1465 -27.41 -17.44 -18.56
CA ASP A 1465 -27.94 -18.77 -18.31
C ASP A 1465 -27.16 -19.91 -18.95
N LYS A 1466 -25.92 -19.73 -19.24
CA LYS A 1466 -25.03 -20.69 -19.86
C LYS A 1466 -23.92 -20.86 -18.86
N GLN A 1467 -23.58 -22.07 -18.48
CA GLN A 1467 -22.43 -22.37 -17.60
C GLN A 1467 -21.08 -21.82 -17.97
N PRO A 1468 -20.46 -21.17 -17.00
CA PRO A 1468 -19.11 -20.70 -17.21
C PRO A 1468 -18.06 -21.79 -17.60
N LYS A 1469 -17.14 -21.41 -18.47
CA LYS A 1469 -16.08 -22.35 -18.90
C LYS A 1469 -14.72 -21.73 -18.62
N TYR A 1470 -13.77 -22.54 -18.16
CA TYR A 1470 -12.44 -22.01 -17.79
C TYR A 1470 -11.80 -21.14 -18.87
N GLU A 1471 -11.50 -19.88 -18.54
CA GLU A 1471 -10.85 -18.95 -19.47
C GLU A 1471 -11.49 -18.90 -20.87
N TYR A 1472 -12.81 -18.94 -20.94
CA TYR A 1472 -13.52 -18.84 -22.20
C TYR A 1472 -13.33 -17.46 -22.79
N SER A 1473 -13.43 -16.44 -21.96
CA SER A 1473 -13.22 -15.08 -22.42
C SER A 1473 -11.94 -14.58 -21.78
N LEU A 1474 -10.82 -15.24 -22.05
CA LEU A 1474 -9.54 -14.90 -21.43
C LEU A 1474 -9.14 -13.43 -21.58
N TYR A 1475 -9.45 -12.83 -22.71
CA TYR A 1475 -9.03 -11.44 -22.95
C TYR A 1475 -9.94 -10.39 -22.33
N MET A 1476 -10.74 -10.77 -21.33
CA MET A 1476 -11.54 -9.78 -20.60
C MET A 1476 -10.70 -9.16 -19.51
N TYR A 1477 -9.48 -9.68 -19.31
CA TYR A 1477 -8.57 -9.08 -18.34
C TYR A 1477 -8.22 -7.67 -18.76
N ILE A 1478 -8.24 -7.39 -20.06
CA ILE A 1478 -7.98 -6.04 -20.56
C ILE A 1478 -8.92 -5.06 -19.89
N TYR A 1479 -10.23 -5.35 -19.86
CA TYR A 1479 -11.17 -4.53 -19.17
C TYR A 1479 -10.57 -4.10 -17.82
N PHE A 1480 -10.08 -5.03 -17.02
CA PHE A 1480 -9.54 -4.77 -15.72
C PHE A 1480 -8.23 -3.98 -15.67
N VAL A 1481 -7.29 -4.27 -16.54
CA VAL A 1481 -6.03 -3.51 -16.66
C VAL A 1481 -6.35 -2.06 -17.08
N VAL A 1482 -7.30 -1.86 -17.98
CA VAL A 1482 -7.71 -0.55 -18.46
C VAL A 1482 -8.38 0.28 -17.33
N PHE A 1483 -9.22 -0.34 -16.58
CA PHE A 1483 -9.78 0.33 -15.40
C PHE A 1483 -8.74 0.71 -14.33
N ILE A 1484 -7.83 -0.14 -14.01
CA ILE A 1484 -6.73 0.14 -13.09
C ILE A 1484 -5.92 1.32 -13.49
N ILE A 1485 -5.53 1.38 -14.75
CA ILE A 1485 -4.85 2.55 -15.25
C ILE A 1485 -5.63 3.89 -15.16
N PHE A 1486 -6.87 3.91 -15.57
CA PHE A 1486 -7.69 5.12 -15.60
C PHE A 1486 -8.48 5.37 -14.35
N GLY A 1487 -9.17 4.39 -13.86
CA GLY A 1487 -10.01 4.49 -12.70
C GLY A 1487 -9.27 4.51 -11.42
N SER A 1488 -8.09 3.90 -11.34
CA SER A 1488 -7.29 3.97 -10.13
C SER A 1488 -6.11 4.91 -10.30
N PHE A 1489 -5.20 4.58 -11.20
CA PHE A 1489 -3.98 5.37 -11.40
C PHE A 1489 -4.21 6.89 -11.72
N PHE A 1490 -4.81 7.26 -12.82
CA PHE A 1490 -5.07 8.68 -13.15
C PHE A 1490 -6.09 9.40 -12.27
N THR A 1491 -6.96 8.64 -11.61
CA THR A 1491 -7.92 9.21 -10.68
C THR A 1491 -7.25 9.62 -9.39
N LEU A 1492 -6.40 8.75 -8.87
CA LEU A 1492 -5.65 9.05 -7.65
C LEU A 1492 -4.76 10.25 -7.92
N ASN A 1493 -4.22 10.32 -9.13
CA ASN A 1493 -3.31 11.39 -9.50
C ASN A 1493 -4.06 12.70 -9.39
N LEU A 1494 -5.28 12.73 -9.92
CA LEU A 1494 -6.12 13.93 -9.86
C LEU A 1494 -6.47 14.29 -8.43
N PHE A 1495 -6.79 13.27 -7.62
CA PHE A 1495 -7.14 13.53 -6.23
C PHE A 1495 -5.96 14.15 -5.47
N ILE A 1496 -4.74 13.68 -5.70
CA ILE A 1496 -3.59 14.20 -4.96
C ILE A 1496 -3.30 15.64 -5.37
N GLY A 1497 -3.31 15.93 -6.66
CA GLY A 1497 -3.06 17.26 -7.18
C GLY A 1497 -4.01 18.34 -6.63
N VAL A 1498 -5.25 17.99 -6.32
CA VAL A 1498 -6.25 18.93 -5.78
C VAL A 1498 -6.07 19.08 -4.27
N ILE A 1499 -5.82 18.02 -3.57
CA ILE A 1499 -5.52 18.05 -2.13
C ILE A 1499 -4.30 18.92 -1.85
N ILE A 1500 -3.28 18.82 -2.64
CA ILE A 1500 -2.12 19.56 -2.42
C ILE A 1500 -2.37 21.05 -2.66
N ASP A 1501 -3.13 21.48 -3.67
CA ASP A 1501 -3.28 22.95 -3.86
C ASP A 1501 -4.15 23.46 -2.71
N ASN A 1502 -4.98 22.61 -2.14
CA ASN A 1502 -5.90 22.98 -1.08
C ASN A 1502 -5.23 23.15 0.26
N PHE A 1503 -4.51 22.13 0.71
CA PHE A 1503 -3.80 22.16 1.94
C PHE A 1503 -2.83 23.29 1.91
N ASN A 1504 -2.21 23.54 0.79
CA ASN A 1504 -1.35 24.65 0.64
C ASN A 1504 -2.11 25.95 0.91
N GLN A 1505 -3.27 26.14 0.34
CA GLN A 1505 -4.12 27.31 0.62
C GLN A 1505 -4.58 27.37 2.07
N GLN A 1506 -4.82 26.23 2.71
CA GLN A 1506 -5.19 26.26 4.12
C GLN A 1506 -4.08 26.89 4.97
N LYS A 1507 -2.84 26.53 4.71
CA LYS A 1507 -1.74 27.17 5.42
C LYS A 1507 -1.60 28.66 5.14
N LYS A 1508 -1.79 29.06 3.89
CA LYS A 1508 -1.55 30.48 3.55
C LYS A 1508 -2.39 31.55 4.26
N LYS A 1509 -3.69 31.33 4.33
CA LYS A 1509 -4.59 32.28 5.00
C LYS A 1509 -4.29 32.42 6.49
N LEU A 1510 -3.70 31.40 7.09
CA LEU A 1510 -3.40 31.43 8.53
C LEU A 1510 -1.92 31.76 8.82
N GLY A 1511 -1.18 32.19 7.81
CA GLY A 1511 0.21 32.57 8.00
C GLY A 1511 1.28 31.52 7.86
N GLY A 1512 0.92 30.30 7.45
CA GLY A 1512 1.90 29.27 7.22
C GLY A 1512 2.14 28.35 8.40
N GLN A 1513 1.35 28.51 9.46
CA GLN A 1513 1.48 27.65 10.63
C GLN A 1513 0.99 26.25 10.30
N ASP A 1514 1.50 25.24 10.99
CA ASP A 1514 1.12 23.88 10.65
C ASP A 1514 -0.38 23.75 10.90
N ILE A 1515 -1.10 23.28 9.91
CA ILE A 1515 -2.55 23.08 10.05
C ILE A 1515 -2.92 22.00 11.06
N PHE A 1516 -2.14 20.92 11.15
CA PHE A 1516 -2.48 19.79 12.03
C PHE A 1516 -2.02 19.90 13.48
N MET A 1517 -1.31 20.97 13.83
CA MET A 1517 -0.75 21.07 15.19
C MET A 1517 -1.36 22.18 16.03
N THR A 1518 -1.55 21.93 17.33
CA THR A 1518 -2.21 22.91 18.21
C THR A 1518 -1.29 24.02 18.76
N GLU A 1519 -1.83 25.03 19.43
CA GLU A 1519 -0.98 26.14 19.90
C GLU A 1519 0.20 25.74 20.81
N GLU A 1520 -0.09 25.03 21.89
CA GLU A 1520 0.97 24.65 22.81
C GLU A 1520 1.92 23.69 22.11
N GLN A 1521 1.39 22.75 21.34
CA GLN A 1521 2.23 21.87 20.60
C GLN A 1521 3.21 22.63 19.67
N LYS A 1522 2.80 23.68 19.02
CA LYS A 1522 3.67 24.49 18.20
C LYS A 1522 4.81 25.06 19.00
N LYS A 1523 4.59 25.51 20.24
CA LYS A 1523 5.68 25.93 21.08
C LYS A 1523 6.67 24.80 21.36
N TYR A 1524 6.22 23.61 21.64
CA TYR A 1524 7.18 22.50 21.70
C TYR A 1524 7.90 22.28 20.38
N TYR A 1525 7.20 22.38 19.28
CA TYR A 1525 7.76 22.11 17.97
C TYR A 1525 8.85 23.03 17.74
N ASN A 1526 8.59 24.29 18.06
CA ASN A 1526 9.56 25.31 17.83
C ASN A 1526 10.82 24.99 18.69
N ALA A 1527 10.65 24.74 19.97
CA ALA A 1527 11.82 24.27 20.81
C ALA A 1527 12.61 23.06 20.27
N MET A 1528 11.95 22.06 19.67
CA MET A 1528 12.68 20.95 19.03
C MET A 1528 13.42 21.34 17.73
N LYS A 1529 12.84 22.12 16.82
CA LYS A 1529 13.54 22.60 15.65
C LYS A 1529 14.85 23.20 16.14
N LYS A 1530 14.86 23.80 17.30
CA LYS A 1530 16.15 24.23 17.82
C LYS A 1530 17.05 23.07 18.22
N LEU A 1531 16.63 22.12 19.05
CA LEU A 1531 17.46 20.90 19.29
C LEU A 1531 18.19 20.50 18.06
N GLY A 1532 17.46 20.05 17.01
CA GLY A 1532 18.30 19.59 15.88
C GLY A 1532 19.15 20.65 15.19
N SER A 1533 19.36 21.79 15.81
CA SER A 1533 19.98 22.93 15.10
C SER A 1533 21.21 23.45 15.82
N LYS A 1534 21.39 23.11 17.08
CA LYS A 1534 22.50 23.66 17.84
C LYS A 1534 23.88 23.74 17.17
N LYS A 1535 24.69 24.71 17.58
CA LYS A 1535 26.03 24.85 17.08
C LYS A 1535 27.06 24.12 17.97
N PRO A 1536 28.30 23.95 17.50
CA PRO A 1536 29.30 23.25 18.27
C PRO A 1536 29.48 23.67 19.71
N GLN A 1537 29.87 22.73 20.56
CA GLN A 1537 29.98 23.05 21.97
C GLN A 1537 31.41 23.21 22.43
N LYS A 1538 31.57 23.48 23.73
CA LYS A 1538 32.91 23.65 24.28
C LYS A 1538 33.63 22.30 24.38
N PRO A 1539 34.94 22.31 24.14
CA PRO A 1539 35.70 21.07 24.33
C PRO A 1539 35.68 20.64 25.78
N ILE A 1540 35.39 19.37 26.03
CA ILE A 1540 35.36 18.85 27.40
C ILE A 1540 36.73 19.01 28.03
N PRO A 1541 36.80 19.68 29.18
CA PRO A 1541 38.09 19.89 29.85
C PRO A 1541 38.78 18.57 30.13
N ARG A 1542 40.10 18.53 29.94
CA ARG A 1542 40.82 17.26 30.11
C ARG A 1542 41.13 16.96 31.56
N PRO A 1543 41.18 15.66 31.95
CA PRO A 1543 41.62 15.46 33.33
C PRO A 1543 43.11 15.73 33.40
N GLY A 1544 43.52 16.68 34.23
CA GLY A 1544 44.93 17.05 34.32
C GLY A 1544 45.85 15.93 34.77
N ASN A 1545 45.31 14.94 35.48
CA ASN A 1545 46.10 13.81 35.95
C ASN A 1545 46.78 13.05 34.81
N LYS A 1546 47.97 12.52 35.06
CA LYS A 1546 48.71 11.79 34.02
C LYS A 1546 47.96 10.59 33.49
N ILE A 1547 47.47 9.66 34.30
CA ILE A 1547 46.78 8.49 33.69
C ILE A 1547 45.40 8.82 33.11
N GLN A 1548 44.65 9.64 33.84
CA GLN A 1548 43.32 10.01 33.39
C GLN A 1548 43.39 10.74 32.06
N GLY A 1549 44.39 11.59 31.87
CA GLY A 1549 44.56 12.29 30.61
C GLY A 1549 44.76 11.37 29.43
N CYS A 1550 45.56 10.33 29.59
CA CYS A 1550 45.74 9.35 28.53
C CYS A 1550 44.43 8.62 28.25
N ILE A 1551 43.73 8.24 29.33
CA ILE A 1551 42.42 7.61 29.10
C ILE A 1551 41.57 8.55 28.23
N PHE A 1552 41.58 9.84 28.55
CA PHE A 1552 40.81 10.83 27.80
C PHE A 1552 41.19 10.87 26.33
N ASP A 1553 42.49 11.02 26.06
CA ASP A 1553 42.92 11.12 24.67
C ASP A 1553 42.59 9.84 23.88
N LEU A 1554 42.54 8.68 24.53
CA LEU A 1554 42.08 7.47 23.79
C LEU A 1554 40.59 7.52 23.48
N VAL A 1555 39.74 7.57 24.49
CA VAL A 1555 38.27 7.66 24.38
C VAL A 1555 37.81 8.77 23.40
N THR A 1556 38.41 9.94 23.45
CA THR A 1556 37.97 11.06 22.63
C THR A 1556 38.49 11.01 21.24
N ASN A 1557 39.29 9.98 20.94
CA ASN A 1557 39.84 9.83 19.63
C ASN A 1557 38.73 9.29 18.74
N GLN A 1558 38.84 9.45 17.43
CA GLN A 1558 37.82 8.95 16.49
C GLN A 1558 37.94 7.46 16.23
N ALA A 1559 39.16 6.93 16.33
CA ALA A 1559 39.37 5.49 16.12
C ALA A 1559 38.59 4.72 17.17
N PHE A 1560 38.55 5.21 18.40
CA PHE A 1560 37.78 4.55 19.45
C PHE A 1560 36.33 4.42 19.03
N ASP A 1561 35.74 5.51 18.58
CA ASP A 1561 34.35 5.50 18.14
C ASP A 1561 34.15 4.50 17.00
N ILE A 1562 35.06 4.52 16.03
CA ILE A 1562 34.95 3.60 14.89
C ILE A 1562 34.97 2.13 15.34
N SER A 1563 35.86 1.81 16.28
CA SER A 1563 35.94 0.44 16.79
C SER A 1563 34.66 0.08 17.53
N ILE A 1564 34.14 0.99 18.34
CA ILE A 1564 32.88 0.72 19.04
C ILE A 1564 31.80 0.42 18.01
N MET A 1565 31.74 1.19 16.93
CA MET A 1565 30.75 0.95 15.87
C MET A 1565 30.92 -0.39 15.15
N VAL A 1566 32.15 -0.82 14.87
CA VAL A 1566 32.32 -2.16 14.24
C VAL A 1566 31.90 -3.29 15.20
N LEU A 1567 32.14 -3.16 16.49
CA LEU A 1567 31.70 -4.11 17.47
C LEU A 1567 30.20 -4.19 17.56
N ILE A 1568 29.50 -3.07 17.41
CA ILE A 1568 28.05 -3.09 17.39
C ILE A 1568 27.57 -3.87 16.16
N CYS A 1569 28.24 -3.70 15.02
CA CYS A 1569 27.88 -4.47 13.83
C CYS A 1569 28.11 -5.96 14.04
N LEU A 1570 29.20 -6.31 14.71
CA LEU A 1570 29.47 -7.72 15.03
C LEU A 1570 28.39 -8.26 15.95
N ASN A 1571 27.96 -7.44 16.91
CA ASN A 1571 26.92 -7.85 17.84
C ASN A 1571 25.63 -8.09 17.05
N MET A 1572 25.36 -7.25 16.06
CA MET A 1572 24.17 -7.41 15.24
C MET A 1572 24.27 -8.72 14.47
N VAL A 1573 25.46 -9.04 13.94
CA VAL A 1573 25.67 -10.31 13.25
C VAL A 1573 25.37 -11.49 14.18
N THR A 1574 26.07 -11.58 15.31
CA THR A 1574 25.77 -12.64 16.30
C THR A 1574 24.23 -12.84 16.59
N MET A 1575 23.47 -11.77 16.81
CA MET A 1575 21.98 -11.91 16.90
C MET A 1575 21.29 -12.47 15.66
N MET A 1576 21.71 -12.13 14.48
CA MET A 1576 21.19 -12.66 13.20
C MET A 1576 21.53 -14.13 12.92
N VAL A 1577 22.55 -14.64 13.52
CA VAL A 1577 22.88 -16.09 13.40
C VAL A 1577 21.86 -17.05 14.05
N GLU A 1578 21.16 -16.73 15.12
CA GLU A 1578 20.17 -17.54 15.84
C GLU A 1578 18.99 -18.02 15.03
N LYS A 1579 18.59 -19.22 15.28
CA LYS A 1579 17.61 -19.88 14.50
C LYS A 1579 16.96 -21.04 15.17
N GLU A 1580 15.71 -21.37 14.83
CA GLU A 1580 15.02 -22.55 15.33
C GLU A 1580 15.68 -23.89 15.08
N GLY A 1581 15.75 -24.74 16.08
CA GLY A 1581 16.39 -26.02 15.99
C GLY A 1581 17.86 -26.03 16.28
N GLN A 1582 18.47 -24.86 16.34
CA GLN A 1582 19.88 -24.73 16.66
C GLN A 1582 20.30 -25.57 17.83
N SER A 1583 21.43 -26.21 17.74
CA SER A 1583 21.93 -27.06 18.82
C SER A 1583 22.16 -26.38 20.12
N GLN A 1584 22.19 -27.15 21.16
CA GLN A 1584 22.54 -26.59 22.44
C GLN A 1584 23.95 -26.01 22.49
N HIS A 1585 24.88 -26.49 21.70
CA HIS A 1585 26.24 -25.96 21.69
C HIS A 1585 26.20 -24.64 21.07
N MET A 1586 25.50 -24.47 19.96
CA MET A 1586 25.32 -23.16 19.35
C MET A 1586 24.66 -22.20 20.34
N THR A 1587 23.58 -22.57 21.02
CA THR A 1587 23.00 -21.72 22.07
C THR A 1587 24.07 -21.23 23.04
N GLU A 1588 24.89 -22.13 23.55
CA GLU A 1588 25.92 -21.79 24.49
C GLU A 1588 27.00 -20.91 23.93
N VAL A 1589 27.51 -21.16 22.74
CA VAL A 1589 28.49 -20.23 22.17
C VAL A 1589 27.88 -18.84 21.95
N LEU A 1590 26.61 -18.73 21.57
CA LEU A 1590 26.08 -17.37 21.33
C LEU A 1590 25.85 -16.68 22.64
N TYR A 1591 25.42 -17.35 23.70
CA TYR A 1591 25.38 -16.74 25.02
C TYR A 1591 26.75 -16.19 25.43
N TRP A 1592 27.81 -16.97 25.33
CA TRP A 1592 29.09 -16.41 25.81
C TRP A 1592 29.64 -15.30 24.99
N ILE A 1593 29.48 -15.33 23.67
CA ILE A 1593 29.87 -14.21 22.82
C ILE A 1593 29.10 -12.96 23.26
N ASN A 1594 27.81 -13.08 23.51
CA ASN A 1594 27.00 -11.96 23.99
C ASN A 1594 27.41 -11.47 25.38
N VAL A 1595 27.92 -12.34 26.22
CA VAL A 1595 28.49 -11.87 27.49
C VAL A 1595 29.77 -11.01 27.24
N VAL A 1596 30.74 -11.34 26.39
CA VAL A 1596 31.89 -10.49 26.07
C VAL A 1596 31.45 -9.18 25.44
N PHE A 1597 30.49 -9.15 24.57
CA PHE A 1597 30.00 -7.86 24.08
C PHE A 1597 29.57 -6.91 25.16
N ILE A 1598 28.78 -7.31 26.12
CA ILE A 1598 28.34 -6.55 27.19
C ILE A 1598 29.54 -6.14 28.04
N ILE A 1599 30.46 -7.04 28.37
CA ILE A 1599 31.60 -6.56 29.17
C ILE A 1599 32.46 -5.53 28.41
N LEU A 1600 32.48 -5.58 27.08
CA LEU A 1600 33.21 -4.57 26.31
C LEU A 1600 32.46 -3.25 26.31
N PHE A 1601 31.17 -3.28 26.02
CA PHE A 1601 30.36 -2.07 25.98
C PHE A 1601 30.30 -1.43 27.39
N THR A 1602 30.54 -2.20 28.44
CA THR A 1602 30.56 -1.64 29.81
C THR A 1602 31.87 -1.03 30.20
N GLY A 1603 32.91 -1.54 29.68
CA GLY A 1603 34.16 -0.94 29.95
C GLY A 1603 34.25 0.25 29.11
N GLU A 1604 33.56 0.30 27.99
CA GLU A 1604 33.55 1.54 27.17
C GLU A 1604 32.98 2.54 28.06
N CYS A 1605 31.80 2.24 28.61
CA CYS A 1605 31.22 3.11 29.54
C CYS A 1605 32.21 3.63 30.55
N VAL A 1606 32.75 2.84 31.39
CA VAL A 1606 33.66 3.32 32.45
C VAL A 1606 34.90 4.13 32.03
N LEU A 1607 35.56 3.85 30.95
CA LEU A 1607 36.65 4.67 30.43
C LEU A 1607 36.18 6.05 30.04
N LYS A 1608 35.13 6.12 29.25
CA LYS A 1608 34.59 7.42 28.99
C LYS A 1608 34.18 8.11 30.27
N LEU A 1609 33.58 7.40 31.25
CA LEU A 1609 33.08 7.95 32.50
C LEU A 1609 34.14 8.37 33.48
N ILE A 1610 35.34 7.94 33.25
CA ILE A 1610 36.46 8.35 34.13
C ILE A 1610 37.35 9.41 33.56
N SER A 1611 37.30 9.54 32.24
CA SER A 1611 38.10 10.55 31.57
C SER A 1611 37.29 11.82 31.30
N LEU A 1612 36.06 11.67 30.81
CA LEU A 1612 35.17 12.83 30.62
C LEU A 1612 34.58 13.31 31.93
N ARG A 1613 34.76 12.55 33.01
CA ARG A 1613 34.12 12.91 34.29
C ARG A 1613 32.62 13.11 34.17
N HIS A 1614 32.11 14.15 34.82
CA HIS A 1614 30.68 14.49 34.74
C HIS A 1614 30.20 14.88 33.36
N TYR A 1615 31.06 15.57 32.61
CA TYR A 1615 30.70 16.00 31.26
C TYR A 1615 30.14 14.87 30.42
N TYR A 1616 30.21 13.64 30.92
CA TYR A 1616 29.60 12.53 30.22
C TYR A 1616 28.11 12.75 30.08
N PHE A 1617 27.47 13.13 31.19
CA PHE A 1617 26.01 13.28 31.20
C PHE A 1617 25.52 14.56 30.55
N THR A 1618 26.42 15.34 29.97
CA THR A 1618 26.00 16.55 29.25
C THR A 1618 25.73 16.23 27.78
N VAL A 1619 25.84 14.95 27.40
CA VAL A 1619 25.55 14.53 26.03
C VAL A 1619 24.38 13.55 26.03
N GLY A 1620 23.35 13.82 25.22
CA GLY A 1620 22.19 12.96 25.17
C GLY A 1620 22.44 11.54 24.70
N TRP A 1621 23.27 11.38 23.67
CA TRP A 1621 23.62 10.04 23.20
C TRP A 1621 24.35 9.31 24.29
N ASN A 1622 25.26 10.00 24.97
CA ASN A 1622 25.96 9.41 26.08
C ASN A 1622 25.05 8.87 27.13
N ILE A 1623 23.89 9.42 27.31
CA ILE A 1623 22.94 8.96 28.26
C ILE A 1623 22.06 7.86 27.69
N PHE A 1624 21.96 7.72 26.39
CA PHE A 1624 21.25 6.64 25.83
C PHE A 1624 22.21 5.42 25.96
N ASP A 1625 23.51 5.67 25.79
CA ASP A 1625 24.51 4.67 25.83
C ASP A 1625 24.56 4.05 27.22
N PHE A 1626 24.36 4.82 28.30
CA PHE A 1626 24.39 4.32 29.73
C PHE A 1626 23.12 3.66 30.18
N VAL A 1627 22.06 3.97 29.57
CA VAL A 1627 20.81 3.36 29.79
C VAL A 1627 20.81 2.07 28.97
N VAL A 1628 21.53 2.01 27.86
CA VAL A 1628 21.64 0.72 27.11
C VAL A 1628 22.49 -0.24 27.94
N VAL A 1629 23.57 0.22 28.58
CA VAL A 1629 24.34 -0.73 29.41
C VAL A 1629 23.54 -1.31 30.60
N ILE A 1630 22.66 -0.52 31.20
CA ILE A 1630 21.93 -1.12 32.33
C ILE A 1630 20.72 -1.94 31.87
N ILE A 1631 20.07 -1.60 30.75
CA ILE A 1631 19.06 -2.53 30.26
C ILE A 1631 19.70 -3.86 29.86
N SER A 1632 20.91 -3.80 29.31
CA SER A 1632 21.62 -5.02 28.92
C SER A 1632 22.01 -5.88 30.12
N ILE A 1633 22.66 -5.27 31.11
CA ILE A 1633 23.13 -6.04 32.29
C ILE A 1633 22.02 -6.71 33.11
N VAL A 1634 20.83 -6.16 33.11
CA VAL A 1634 19.75 -6.59 33.90
C VAL A 1634 18.97 -7.52 33.13
N GLY A 1635 18.99 -7.30 31.84
CA GLY A 1635 18.29 -8.24 31.04
C GLY A 1635 18.99 -9.51 31.10
N MET A 1636 20.29 -9.54 30.94
CA MET A 1636 20.91 -10.85 30.97
C MET A 1636 20.66 -11.46 32.33
N PHE A 1637 21.02 -10.76 33.40
CA PHE A 1637 20.84 -11.43 34.69
C PHE A 1637 19.42 -11.87 34.97
N LEU A 1638 18.42 -11.08 34.63
CA LEU A 1638 17.04 -11.38 34.95
C LEU A 1638 16.45 -12.46 34.09
N ALA A 1639 16.85 -12.53 32.84
CA ALA A 1639 16.39 -13.60 31.99
C ALA A 1639 17.01 -14.86 32.50
N ASP A 1640 18.21 -14.83 33.01
CA ASP A 1640 18.75 -16.03 33.65
C ASP A 1640 17.93 -16.38 34.86
N LEU A 1641 17.54 -15.40 35.62
CA LEU A 1641 16.74 -15.64 36.76
C LEU A 1641 15.34 -16.10 36.40
N ILE A 1642 14.85 -15.67 35.26
CA ILE A 1642 13.47 -15.96 34.88
C ILE A 1642 13.37 -17.31 34.24
N GLU A 1643 14.48 -17.80 33.71
CA GLU A 1643 14.46 -19.14 33.15
C GLU A 1643 14.74 -20.20 34.22
N THR A 1644 14.92 -19.81 35.48
CA THR A 1644 15.27 -20.82 36.48
C THR A 1644 14.38 -20.87 37.73
N TYR A 1645 14.44 -19.86 38.59
CA TYR A 1645 13.68 -19.82 39.83
C TYR A 1645 12.37 -19.16 39.59
N PHE A 1646 11.91 -19.26 38.38
CA PHE A 1646 10.62 -18.76 38.00
C PHE A 1646 10.51 -19.39 36.62
N VAL A 1647 9.33 -19.43 36.08
CA VAL A 1647 9.16 -19.96 34.76
C VAL A 1647 8.14 -19.14 34.03
N SER A 1648 8.52 -18.62 32.86
CA SER A 1648 7.61 -17.84 32.04
C SER A 1648 8.31 -17.63 30.71
N PRO A 1649 8.08 -18.54 29.75
CA PRO A 1649 8.71 -18.43 28.43
C PRO A 1649 8.35 -17.11 27.77
N THR A 1650 7.09 -16.70 27.90
CA THR A 1650 6.66 -15.43 27.34
C THR A 1650 7.48 -14.29 27.92
N LEU A 1651 7.57 -14.23 29.25
CA LEU A 1651 8.31 -13.17 29.87
C LEU A 1651 9.79 -13.22 29.40
N PHE A 1652 10.47 -14.36 29.47
CA PHE A 1652 11.84 -14.53 29.00
C PHE A 1652 12.12 -13.95 27.62
N ARG A 1653 11.24 -14.20 26.69
CA ARG A 1653 11.49 -13.74 25.33
C ARG A 1653 11.33 -12.22 25.23
N VAL A 1654 10.35 -11.66 25.92
CA VAL A 1654 10.08 -10.22 25.86
C VAL A 1654 11.11 -9.36 26.59
N ILE A 1655 11.79 -9.94 27.58
CA ILE A 1655 12.77 -9.19 28.35
C ILE A 1655 14.15 -9.35 27.73
N ARG A 1656 14.31 -10.34 26.87
CA ARG A 1656 15.58 -10.50 26.17
C ARG A 1656 15.65 -9.48 25.03
N LEU A 1657 14.53 -8.85 24.71
CA LEU A 1657 14.49 -7.83 23.66
C LEU A 1657 15.35 -6.61 23.98
N ALA A 1658 15.83 -6.49 25.22
CA ALA A 1658 16.70 -5.37 25.61
C ALA A 1658 17.98 -5.33 24.78
N ARG A 1659 18.42 -6.48 24.27
CA ARG A 1659 19.62 -6.54 23.44
C ARG A 1659 19.52 -5.62 22.22
N ILE A 1660 18.31 -5.25 21.82
CA ILE A 1660 18.11 -4.37 20.67
C ILE A 1660 18.65 -3.01 21.01
N GLY A 1661 18.60 -2.60 22.27
CA GLY A 1661 19.27 -1.43 22.67
C GLY A 1661 20.67 -1.29 22.18
N ARG A 1662 21.48 -2.33 22.19
CA ARG A 1662 22.90 -2.34 21.74
C ARG A 1662 23.06 -1.97 20.28
N ILE A 1663 22.18 -2.44 19.43
CA ILE A 1663 22.22 -2.16 18.00
C ILE A 1663 21.69 -0.80 17.53
N LEU A 1664 20.81 -0.15 18.27
CA LEU A 1664 20.26 1.14 17.98
C LEU A 1664 21.22 2.17 18.10
N ARG A 1665 22.21 1.98 18.93
CA ARG A 1665 23.28 2.93 19.01
C ARG A 1665 24.08 3.17 17.68
N LEU A 1666 23.73 2.54 16.60
CA LEU A 1666 24.40 2.79 15.29
C LEU A 1666 23.94 4.06 14.59
N VAL A 1667 22.91 4.74 15.11
CA VAL A 1667 22.42 5.98 14.60
C VAL A 1667 23.31 7.12 15.08
N LYS A 1668 23.97 7.03 16.19
CA LYS A 1668 24.91 8.05 16.56
C LYS A 1668 25.93 8.06 15.42
N GLY A 1669 26.21 6.90 14.85
CA GLY A 1669 27.10 6.80 13.75
C GLY A 1669 26.66 7.24 12.40
N ALA A 1670 25.44 6.88 12.04
CA ALA A 1670 24.92 7.31 10.78
C ALA A 1670 24.36 8.78 10.79
N LYS A 1671 24.79 9.64 9.89
CA LYS A 1671 24.39 11.08 9.86
C LYS A 1671 23.27 11.43 8.89
N GLY A 1672 22.78 10.43 8.19
CA GLY A 1672 21.69 10.65 7.30
C GLY A 1672 20.50 9.90 7.72
N ILE A 1673 20.64 9.05 8.71
CA ILE A 1673 19.42 8.40 9.16
C ILE A 1673 19.09 9.01 10.51
N ARG A 1674 20.01 9.82 11.03
CA ARG A 1674 19.81 10.51 12.27
C ARG A 1674 18.92 11.68 11.86
N THR A 1675 19.27 12.36 10.77
CA THR A 1675 18.49 13.47 10.20
C THR A 1675 17.06 13.04 9.70
N LEU A 1676 16.92 11.88 9.15
CA LEU A 1676 15.62 11.37 8.73
C LEU A 1676 14.81 11.04 9.98
N LEU A 1677 15.43 10.51 11.02
CA LEU A 1677 14.78 10.23 12.26
C LEU A 1677 14.37 11.46 13.09
N PHE A 1678 15.08 12.59 12.98
CA PHE A 1678 14.71 13.87 13.59
C PHE A 1678 13.49 14.37 12.84
N ALA A 1679 13.44 14.15 11.54
CA ALA A 1679 12.25 14.46 10.78
C ALA A 1679 10.99 13.72 11.30
N LEU A 1680 11.11 12.46 11.70
CA LEU A 1680 10.01 11.71 12.30
C LEU A 1680 9.57 12.24 13.66
N MET A 1681 10.52 12.65 14.51
CA MET A 1681 10.23 13.21 15.79
C MET A 1681 9.47 14.56 15.70
N MET A 1682 9.74 15.40 14.74
CA MET A 1682 9.02 16.65 14.47
C MET A 1682 7.60 16.48 14.05
N SER A 1683 7.33 15.39 13.39
CA SER A 1683 6.05 15.09 12.88
C SER A 1683 5.20 14.39 13.89
N LEU A 1684 5.75 13.96 15.01
CA LEU A 1684 4.97 13.20 16.01
C LEU A 1684 3.73 13.92 16.60
N PRO A 1685 3.79 15.25 16.90
CA PRO A 1685 2.61 15.98 17.37
C PRO A 1685 1.46 15.97 16.39
N ALA A 1686 1.58 16.41 15.16
CA ALA A 1686 0.58 16.27 14.10
C ALA A 1686 0.05 14.83 14.06
N LEU A 1687 0.96 13.84 14.05
CA LEU A 1687 0.58 12.41 13.99
C LEU A 1687 -0.17 11.93 15.20
N PHE A 1688 0.23 12.32 16.39
CA PHE A 1688 -0.54 12.04 17.54
C PHE A 1688 -1.92 12.65 17.46
N ASN A 1689 -2.07 13.78 16.80
CA ASN A 1689 -3.32 14.43 16.74
C ASN A 1689 -4.20 13.77 15.69
N ILE A 1690 -3.67 13.54 14.50
CA ILE A 1690 -4.44 12.82 13.51
C ILE A 1690 -4.74 11.39 14.03
N GLY A 1691 -3.79 10.68 14.67
CA GLY A 1691 -4.03 9.36 15.28
C GLY A 1691 -5.12 9.31 16.36
N LEU A 1692 -5.24 10.36 17.17
CA LEU A 1692 -6.34 10.40 18.13
C LEU A 1692 -7.64 10.41 17.36
N LEU A 1693 -7.77 11.24 16.34
CA LEU A 1693 -8.99 11.19 15.53
C LEU A 1693 -9.29 9.78 15.06
N LEU A 1694 -8.32 9.13 14.43
CA LEU A 1694 -8.56 7.79 13.86
C LEU A 1694 -8.94 6.75 14.91
N PHE A 1695 -8.29 6.78 16.08
CA PHE A 1695 -8.61 5.82 17.12
C PHE A 1695 -10.05 5.95 17.56
N LEU A 1696 -10.50 7.19 17.77
CA LEU A 1696 -11.87 7.41 18.19
C LEU A 1696 -12.84 7.00 17.07
N VAL A 1697 -12.48 7.25 15.81
CA VAL A 1697 -13.35 6.80 14.71
C VAL A 1697 -13.49 5.28 14.74
N MET A 1698 -12.39 4.57 14.98
CA MET A 1698 -12.45 3.11 15.08
C MET A 1698 -13.35 2.69 16.22
N PHE A 1699 -13.21 3.32 17.38
CA PHE A 1699 -13.99 2.96 18.56
C PHE A 1699 -15.48 3.02 18.24
N ILE A 1700 -15.93 4.03 17.51
CA ILE A 1700 -17.35 4.09 17.11
C ILE A 1700 -17.71 2.93 16.19
N TYR A 1701 -17.00 2.78 15.08
CA TYR A 1701 -17.21 1.70 14.16
C TYR A 1701 -17.14 0.33 14.93
N ALA A 1702 -16.41 0.25 16.00
CA ALA A 1702 -16.37 -1.01 16.80
C ALA A 1702 -17.66 -1.30 17.54
N ILE A 1703 -18.20 -0.28 18.17
CA ILE A 1703 -19.42 -0.37 18.88
C ILE A 1703 -20.57 -0.71 17.93
N PHE A 1704 -20.54 -0.10 16.74
CA PHE A 1704 -21.54 -0.41 15.75
C PHE A 1704 -21.43 -1.82 15.21
N GLY A 1705 -20.21 -2.27 14.88
CA GLY A 1705 -19.97 -3.64 14.43
C GLY A 1705 -20.54 -4.58 15.42
N MET A 1706 -20.11 -4.44 16.65
CA MET A 1706 -20.66 -5.24 17.76
C MET A 1706 -22.19 -5.30 17.93
N SER A 1707 -22.92 -4.22 17.68
CA SER A 1707 -24.39 -4.23 17.73
C SER A 1707 -25.12 -4.79 16.42
N ASN A 1708 -24.45 -4.77 15.29
CA ASN A 1708 -25.04 -5.28 14.03
C ASN A 1708 -24.45 -6.55 13.45
N PHE A 1709 -23.16 -6.75 13.58
CA PHE A 1709 -22.49 -7.88 12.93
C PHE A 1709 -22.06 -9.09 13.75
N ALA A 1710 -22.45 -9.22 14.98
CA ALA A 1710 -21.97 -10.26 15.92
C ALA A 1710 -22.59 -11.65 15.91
N TYR A 1711 -23.54 -11.87 15.09
CA TYR A 1711 -24.25 -13.07 15.01
C TYR A 1711 -24.23 -13.58 13.65
N VAL A 1712 -23.63 -12.82 12.77
CA VAL A 1712 -23.56 -13.25 11.37
C VAL A 1712 -22.79 -14.55 11.19
N LYS A 1713 -23.19 -15.41 10.28
CA LYS A 1713 -22.41 -16.60 9.91
C LYS A 1713 -20.86 -16.46 9.74
N LYS A 1714 -20.13 -17.43 10.25
CA LYS A 1714 -18.67 -17.35 10.18
C LYS A 1714 -18.10 -18.00 8.92
N GLU A 1715 -17.97 -17.22 7.86
CA GLU A 1715 -17.38 -17.72 6.63
C GLU A 1715 -16.38 -16.69 6.11
N ASP A 1716 -15.46 -17.13 5.27
CA ASP A 1716 -14.47 -16.21 4.69
C ASP A 1716 -13.66 -15.52 5.79
N GLY A 1717 -13.59 -14.19 5.75
CA GLY A 1717 -12.83 -13.45 6.74
C GLY A 1717 -13.34 -13.63 8.15
N ILE A 1718 -14.66 -13.65 8.32
CA ILE A 1718 -15.25 -13.80 9.64
C ILE A 1718 -15.07 -15.22 10.18
N ASN A 1719 -14.46 -15.34 11.36
CA ASN A 1719 -14.21 -16.65 11.98
C ASN A 1719 -14.21 -16.60 13.49
N ASP A 1720 -13.83 -17.67 14.18
CA ASP A 1720 -13.68 -17.69 15.64
C ASP A 1720 -12.69 -16.67 16.33
N MET A 1721 -11.73 -16.16 15.70
CA MET A 1721 -10.91 -15.12 16.27
C MET A 1721 -11.19 -13.75 15.68
N PHE A 1722 -11.58 -13.69 14.44
CA PHE A 1722 -11.72 -12.40 13.73
C PHE A 1722 -13.16 -12.26 13.43
N ASN A 1723 -13.78 -11.49 14.24
CA ASN A 1723 -15.17 -11.28 14.11
C ASN A 1723 -15.54 -10.00 14.91
N PHE A 1724 -16.82 -9.71 15.02
CA PHE A 1724 -17.33 -8.58 15.77
C PHE A 1724 -18.13 -9.01 17.01
N GLU A 1725 -17.74 -10.07 17.71
CA GLU A 1725 -18.40 -10.57 18.92
C GLU A 1725 -18.00 -9.84 20.22
N THR A 1726 -16.91 -9.14 20.23
CA THR A 1726 -16.34 -8.49 21.39
C THR A 1726 -15.70 -7.20 20.91
N PHE A 1727 -15.43 -6.31 21.80
CA PHE A 1727 -14.75 -5.05 21.49
C PHE A 1727 -13.34 -5.25 21.06
N GLY A 1728 -12.61 -6.13 21.74
CA GLY A 1728 -11.26 -6.49 21.39
C GLY A 1728 -11.20 -7.09 20.00
N ASN A 1729 -12.11 -8.00 19.69
CA ASN A 1729 -12.23 -8.62 18.37
C ASN A 1729 -12.62 -7.67 17.23
N SER A 1730 -13.34 -6.56 17.52
CA SER A 1730 -13.77 -5.58 16.54
C SER A 1730 -12.58 -4.73 16.21
N MET A 1731 -11.83 -4.30 17.21
CA MET A 1731 -10.65 -3.49 16.97
C MET A 1731 -9.61 -4.20 16.12
N ILE A 1732 -9.47 -5.52 16.30
CA ILE A 1732 -8.56 -6.30 15.48
C ILE A 1732 -8.94 -6.16 14.02
N CYS A 1733 -10.21 -6.41 13.71
CA CYS A 1733 -10.69 -6.31 12.34
C CYS A 1733 -10.58 -4.91 11.77
N LEU A 1734 -10.91 -3.91 12.58
CA LEU A 1734 -10.86 -2.52 12.11
C LEU A 1734 -9.44 -2.06 11.80
N PHE A 1735 -8.48 -2.46 12.63
CA PHE A 1735 -7.09 -2.11 12.36
C PHE A 1735 -6.67 -2.73 11.03
N GLN A 1736 -7.07 -3.98 10.80
CA GLN A 1736 -6.73 -4.65 9.56
C GLN A 1736 -7.28 -3.90 8.34
N ILE A 1737 -8.51 -3.39 8.42
CA ILE A 1737 -9.12 -2.72 7.26
C ILE A 1737 -8.80 -1.22 7.16
N THR A 1738 -8.09 -0.66 8.12
CA THR A 1738 -7.67 0.73 8.02
C THR A 1738 -6.69 0.79 6.87
N THR A 1739 -6.03 -0.32 6.59
CA THR A 1739 -5.12 -0.40 5.52
C THR A 1739 -5.82 -0.90 4.27
N SER A 1740 -7.08 -1.33 4.29
CA SER A 1740 -7.92 -1.87 3.23
C SER A 1740 -7.75 -3.34 3.03
N ALA A 1741 -7.09 -4.01 3.91
CA ALA A 1741 -6.77 -5.40 3.76
C ALA A 1741 -7.83 -6.29 4.25
N GLY A 1742 -8.29 -7.18 3.43
CA GLY A 1742 -9.36 -8.03 3.74
C GLY A 1742 -10.75 -7.56 3.91
N TRP A 1743 -11.11 -6.38 3.50
CA TRP A 1743 -12.45 -5.83 3.76
C TRP A 1743 -13.57 -6.58 3.08
N ASP A 1744 -13.30 -7.08 1.89
CA ASP A 1744 -14.18 -7.80 1.10
C ASP A 1744 -14.49 -9.11 1.75
N GLY A 1745 -13.48 -9.74 2.39
CA GLY A 1745 -13.75 -10.95 3.19
C GLY A 1745 -14.71 -10.66 4.36
N LEU A 1746 -14.55 -9.52 5.04
CA LEU A 1746 -15.51 -9.08 6.10
C LEU A 1746 -16.93 -8.73 5.59
N LEU A 1747 -17.06 -8.02 4.45
CA LEU A 1747 -18.39 -7.80 3.87
C LEU A 1747 -19.16 -9.06 3.36
N ALA A 1748 -18.50 -10.02 2.73
CA ALA A 1748 -19.17 -11.16 2.07
C ALA A 1748 -20.28 -11.80 2.95
N PRO A 1749 -19.95 -12.21 4.18
CA PRO A 1749 -20.96 -12.82 5.07
C PRO A 1749 -22.10 -11.79 5.49
N ILE A 1750 -21.83 -10.51 5.55
CA ILE A 1750 -22.86 -9.46 5.84
C ILE A 1750 -23.86 -9.32 4.66
N LEU A 1751 -23.53 -9.85 3.47
CA LEU A 1751 -24.43 -9.94 2.30
C LEU A 1751 -25.29 -11.12 2.25
N ASN A 1752 -25.14 -12.06 3.16
CA ASN A 1752 -26.11 -13.16 3.21
C ASN A 1752 -27.36 -12.66 3.90
N SER A 1753 -28.45 -12.54 3.15
CA SER A 1753 -29.72 -12.11 3.73
C SER A 1753 -30.85 -13.09 3.39
N LYS A 1754 -30.72 -13.82 2.29
CA LYS A 1754 -31.79 -14.72 1.86
C LYS A 1754 -31.36 -16.19 1.87
N PRO A 1755 -32.15 -17.06 2.51
CA PRO A 1755 -31.82 -18.50 2.57
C PRO A 1755 -31.88 -19.17 1.21
N PRO A 1756 -30.80 -19.89 0.81
CA PRO A 1756 -30.11 -20.83 1.70
C PRO A 1756 -28.79 -20.28 2.23
N ASP A 1757 -28.57 -18.98 2.11
CA ASP A 1757 -27.34 -18.36 2.59
C ASP A 1757 -27.31 -18.29 4.10
N CYS A 1758 -28.44 -17.90 4.70
CA CYS A 1758 -28.53 -17.79 6.14
C CYS A 1758 -29.76 -18.46 6.70
N ASP A 1759 -29.85 -18.57 8.01
CA ASP A 1759 -31.04 -19.12 8.63
C ASP A 1759 -31.67 -17.97 9.39
N PRO A 1760 -32.90 -17.57 9.03
CA PRO A 1760 -33.62 -16.51 9.75
C PRO A 1760 -33.95 -16.89 11.18
N LYS A 1761 -34.26 -18.16 11.42
CA LYS A 1761 -34.67 -18.62 12.75
C LYS A 1761 -33.55 -19.25 13.58
N LYS A 1762 -32.29 -19.07 13.18
CA LYS A 1762 -31.19 -19.72 13.87
C LYS A 1762 -31.16 -19.38 15.36
N VAL A 1763 -30.98 -20.41 16.20
CA VAL A 1763 -30.97 -20.20 17.64
C VAL A 1763 -29.54 -20.11 18.15
N HIS A 1764 -29.27 -19.14 19.02
CA HIS A 1764 -27.99 -18.98 19.54
C HIS A 1764 -28.01 -19.27 21.03
N PRO A 1765 -27.35 -20.31 21.49
CA PRO A 1765 -27.30 -20.63 22.93
C PRO A 1765 -26.70 -19.54 23.85
N GLY A 1766 -27.35 -18.98 24.87
CA GLY A 1766 -26.94 -17.84 25.68
C GLY A 1766 -27.64 -16.55 25.32
N SER A 1767 -28.26 -16.42 24.16
CA SER A 1767 -29.00 -15.28 23.70
C SER A 1767 -30.44 -15.59 23.26
N SER A 1768 -31.32 -14.59 23.32
CA SER A 1768 -32.70 -14.68 22.82
C SER A 1768 -32.73 -14.16 21.39
N VAL A 1769 -31.63 -13.59 20.88
CA VAL A 1769 -31.47 -13.18 19.46
C VAL A 1769 -31.58 -14.32 18.44
N GLU A 1770 -32.21 -14.08 17.31
CA GLU A 1770 -32.42 -15.10 16.33
C GLU A 1770 -31.85 -14.79 14.94
N GLY A 1771 -31.41 -15.81 14.23
CA GLY A 1771 -30.85 -15.70 12.92
C GLY A 1771 -29.38 -15.32 12.76
N ASP A 1772 -28.79 -15.77 11.69
CA ASP A 1772 -27.40 -15.47 11.41
C ASP A 1772 -27.20 -14.62 10.13
N CYS A 1773 -28.26 -13.95 9.72
CA CYS A 1773 -28.22 -13.17 8.51
C CYS A 1773 -27.57 -11.82 8.68
N GLY A 1774 -27.27 -11.15 7.58
CA GLY A 1774 -26.68 -9.82 7.65
C GLY A 1774 -27.46 -8.92 6.71
N ASN A 1775 -27.46 -7.62 6.99
CA ASN A 1775 -28.19 -6.66 6.17
C ASN A 1775 -27.22 -6.01 5.19
N PRO A 1776 -27.37 -6.28 3.89
CA PRO A 1776 -26.45 -5.74 2.89
C PRO A 1776 -26.41 -4.21 2.87
N SER A 1777 -27.56 -3.56 2.97
CA SER A 1777 -27.62 -2.10 2.97
C SER A 1777 -26.73 -1.53 4.08
N VAL A 1778 -26.94 -1.99 5.31
CA VAL A 1778 -26.12 -1.54 6.45
C VAL A 1778 -24.62 -1.94 6.25
N GLY A 1779 -24.35 -3.20 5.95
CA GLY A 1779 -23.00 -3.66 5.67
C GLY A 1779 -22.22 -2.90 4.65
N ILE A 1780 -22.81 -2.59 3.51
CA ILE A 1780 -22.10 -1.96 2.41
C ILE A 1780 -21.77 -0.60 2.91
N PHE A 1781 -22.76 0.06 3.46
CA PHE A 1781 -22.56 1.39 4.00
C PHE A 1781 -21.36 1.44 4.95
N TYR A 1782 -21.35 0.58 5.97
CA TYR A 1782 -20.30 0.49 6.96
C TYR A 1782 -18.89 0.40 6.36
N PHE A 1783 -18.68 -0.65 5.63
CA PHE A 1783 -17.35 -0.91 5.07
C PHE A 1783 -16.91 0.21 4.10
N VAL A 1784 -17.80 0.68 3.23
CA VAL A 1784 -17.39 1.69 2.23
C VAL A 1784 -17.06 2.99 3.03
N SER A 1785 -17.92 3.35 3.99
CA SER A 1785 -17.73 4.58 4.76
C SER A 1785 -16.39 4.55 5.47
N TYR A 1786 -16.09 3.42 6.15
CA TYR A 1786 -14.87 3.28 6.87
C TYR A 1786 -13.64 3.34 5.97
N ILE A 1787 -13.66 2.60 4.88
CA ILE A 1787 -12.52 2.67 3.94
C ILE A 1787 -12.30 4.09 3.37
N ILE A 1788 -13.34 4.82 3.06
CA ILE A 1788 -13.16 6.17 2.57
C ILE A 1788 -12.57 7.15 3.68
N ILE A 1789 -13.10 7.02 4.89
CA ILE A 1789 -12.62 7.91 6.00
C ILE A 1789 -11.23 7.56 6.29
N SER A 1790 -10.93 6.26 6.20
CA SER A 1790 -9.63 5.74 6.48
C SER A 1790 -8.69 6.35 5.52
N PHE A 1791 -8.99 6.27 4.24
CA PHE A 1791 -8.15 6.75 3.21
C PHE A 1791 -7.89 8.21 3.41
N LEU A 1792 -8.92 8.93 3.76
CA LEU A 1792 -8.82 10.38 3.99
C LEU A 1792 -7.90 10.80 5.11
N VAL A 1793 -8.01 10.13 6.25
CA VAL A 1793 -7.16 10.42 7.38
C VAL A 1793 -5.68 10.03 7.10
N VAL A 1794 -5.40 8.98 6.35
CA VAL A 1794 -4.02 8.63 5.92
C VAL A 1794 -3.46 9.56 4.85
N VAL A 1795 -4.33 10.16 4.03
CA VAL A 1795 -3.84 11.22 3.14
C VAL A 1795 -3.27 12.28 4.04
N ASN A 1796 -4.02 12.65 5.06
CA ASN A 1796 -3.44 13.60 6.01
C ASN A 1796 -2.12 13.18 6.71
N MET A 1797 -2.01 11.93 7.14
CA MET A 1797 -0.72 11.46 7.66
C MET A 1797 0.41 11.71 6.64
N TYR A 1798 0.28 11.26 5.42
CA TYR A 1798 1.22 11.62 4.35
C TYR A 1798 1.49 13.14 4.16
N ILE A 1799 0.49 14.02 4.10
CA ILE A 1799 0.74 15.46 4.06
C ILE A 1799 1.66 15.86 5.18
N ALA A 1800 1.25 15.54 6.40
CA ALA A 1800 2.06 15.90 7.55
C ALA A 1800 3.54 15.44 7.43
N VAL A 1801 3.71 14.18 7.09
CA VAL A 1801 5.05 13.68 6.94
C VAL A 1801 5.84 14.37 5.84
N ILE A 1802 5.28 14.50 4.66
CA ILE A 1802 5.94 15.20 3.53
C ILE A 1802 6.29 16.61 3.92
N LEU A 1803 5.39 17.34 4.57
CA LEU A 1803 5.72 18.69 5.05
C LEU A 1803 7.01 18.64 5.86
N GLU A 1804 7.04 17.80 6.89
CA GLU A 1804 8.29 17.64 7.66
C GLU A 1804 9.52 17.29 6.86
N ASN A 1805 9.45 16.25 6.01
CA ASN A 1805 10.59 15.82 5.25
C ASN A 1805 11.10 16.89 4.37
N PHE A 1806 10.20 17.57 3.68
CA PHE A 1806 10.55 18.61 2.73
C PHE A 1806 11.21 19.79 3.40
N SER A 1807 10.80 20.15 4.61
CA SER A 1807 11.58 21.28 5.21
C SER A 1807 12.87 20.74 5.81
N VAL A 1808 12.77 19.63 6.53
CA VAL A 1808 13.94 19.02 7.19
C VAL A 1808 15.06 18.90 6.20
N ALA A 1809 14.65 18.64 4.97
CA ALA A 1809 15.67 18.35 3.98
C ALA A 1809 16.14 19.60 3.24
N THR A 1810 15.33 20.66 3.22
CA THR A 1810 15.79 21.92 2.63
C THR A 1810 16.01 23.10 3.61
N GLU A 1811 16.33 22.83 4.88
CA GLU A 1811 16.46 23.92 5.87
C GLU A 1811 17.74 23.95 6.72
N GLU A 1812 18.35 25.14 6.88
CA GLU A 1812 19.54 25.30 7.75
C GLU A 1812 19.52 26.62 8.54
N SER A 1813 20.06 26.63 9.76
CA SER A 1813 20.10 27.85 10.59
C SER A 1813 21.38 28.04 11.43
N THR A 1814 21.78 29.31 11.66
CA THR A 1814 22.97 29.65 12.45
C THR A 1814 23.09 31.18 12.68
N GLU A 1815 23.73 31.60 13.78
CA GLU A 1815 23.91 33.04 14.08
C GLU A 1815 25.36 33.48 14.30
N PRO A 1816 25.80 34.59 13.67
CA PRO A 1816 27.22 34.98 13.78
C PRO A 1816 27.58 36.44 14.16
N LEU A 1817 27.39 36.88 15.41
CA LEU A 1817 27.84 38.24 15.84
C LEU A 1817 28.37 38.30 17.27
N SER A 1818 29.09 39.38 17.62
CA SER A 1818 29.54 39.53 19.02
C SER A 1818 29.65 40.91 19.67
N GLU A 1819 29.88 40.94 20.98
CA GLU A 1819 30.02 42.17 21.77
C GLU A 1819 31.17 43.07 21.27
N ASP A 1820 32.28 42.48 20.81
CA ASP A 1820 33.41 43.23 20.22
C ASP A 1820 33.04 43.97 18.92
N ASP A 1821 32.03 43.49 18.20
CA ASP A 1821 31.59 44.18 16.99
C ASP A 1821 30.97 45.52 17.36
N PHE A 1822 30.13 45.52 18.40
CA PHE A 1822 29.53 46.77 18.87
C PHE A 1822 30.61 47.67 19.46
N GLU A 1823 31.60 47.08 20.11
CA GLU A 1823 32.71 47.87 20.63
C GLU A 1823 33.44 48.52 19.47
N MET A 1824 33.65 47.79 18.38
CA MET A 1824 34.30 48.35 17.20
C MET A 1824 33.45 49.50 16.66
N PHE A 1825 32.13 49.30 16.61
CA PHE A 1825 31.22 50.33 16.16
C PHE A 1825 31.41 51.60 16.98
N TYR A 1826 31.48 51.47 18.31
CA TYR A 1826 31.62 52.65 19.17
C TYR A 1826 33.02 53.26 19.07
N GLU A 1827 34.06 52.42 19.08
CA GLU A 1827 35.44 52.91 18.90
C GLU A 1827 35.62 53.66 17.57
N VAL A 1828 34.90 53.27 16.52
CA VAL A 1828 34.87 54.02 15.27
C VAL A 1828 33.97 55.25 15.39
N TRP A 1829 32.83 55.15 16.09
CA TRP A 1829 31.92 56.29 16.32
C TRP A 1829 32.59 57.47 17.05
N GLU A 1830 33.36 57.20 18.11
CA GLU A 1830 34.11 58.22 18.87
C GLU A 1830 35.08 59.05 18.00
N LYS A 1831 35.50 58.54 16.83
CA LYS A 1831 36.35 59.25 15.87
C LYS A 1831 35.58 60.26 15.00
N PHE A 1832 34.25 60.13 14.89
CA PHE A 1832 33.38 61.02 14.10
C PHE A 1832 32.48 61.93 14.97
N ASP A 1833 32.21 61.55 16.22
CA ASP A 1833 31.41 62.27 17.22
C ASP A 1833 32.22 62.47 18.54
N PRO A 1834 33.30 63.28 18.52
CA PRO A 1834 34.24 63.39 19.64
C PRO A 1834 33.66 64.05 20.91
N ASP A 1835 32.56 64.79 20.78
CA ASP A 1835 31.84 65.42 21.90
C ASP A 1835 30.83 64.48 22.58
N ALA A 1836 30.62 63.28 21.99
CA ALA A 1836 29.61 62.28 22.34
C ALA A 1836 28.17 62.85 22.30
N THR A 1837 27.80 63.45 21.16
CA THR A 1837 26.46 64.01 20.90
C THR A 1837 25.41 62.97 20.54
N GLN A 1838 25.83 61.74 20.22
CA GLN A 1838 24.99 60.64 19.69
C GLN A 1838 24.50 60.86 18.24
N PHE A 1839 24.99 61.89 17.54
CA PHE A 1839 24.62 62.21 16.17
C PHE A 1839 25.83 62.38 15.24
N ILE A 1840 25.71 61.94 13.99
CA ILE A 1840 26.61 62.34 12.90
C ILE A 1840 25.85 63.03 11.77
N GLU A 1841 26.55 63.89 11.02
CA GLU A 1841 26.05 64.42 9.76
C GLU A 1841 25.94 63.32 8.69
N PHE A 1842 24.90 63.37 7.85
CA PHE A 1842 24.76 62.47 6.69
C PHE A 1842 25.97 62.53 5.72
N SER A 1843 26.70 63.64 5.69
CA SER A 1843 27.96 63.82 4.96
C SER A 1843 29.01 62.76 5.35
N LYS A 1844 29.17 62.51 6.66
CA LYS A 1844 30.20 61.64 7.27
C LYS A 1844 29.84 60.16 7.23
N LEU A 1845 28.55 59.82 7.13
CA LEU A 1845 28.05 58.43 7.15
C LEU A 1845 28.75 57.52 6.11
N SER A 1846 29.07 58.05 4.93
CA SER A 1846 29.77 57.30 3.86
C SER A 1846 31.26 57.07 4.10
N ASP A 1847 31.84 57.74 5.10
CA ASP A 1847 33.22 57.55 5.53
C ASP A 1847 33.26 56.70 6.82
N PHE A 1848 32.35 56.95 7.77
CA PHE A 1848 32.09 56.09 8.93
C PHE A 1848 31.86 54.63 8.54
N ALA A 1849 30.90 54.39 7.63
CA ALA A 1849 30.56 53.03 7.18
C ALA A 1849 31.69 52.35 6.39
N ALA A 1850 32.72 53.08 5.96
CA ALA A 1850 33.92 52.57 5.30
C ALA A 1850 35.16 52.50 6.24
N ALA A 1851 34.97 52.84 7.52
CA ALA A 1851 35.98 52.78 8.58
C ALA A 1851 35.64 51.76 9.69
N LEU A 1852 34.47 51.11 9.59
CA LEU A 1852 34.11 49.91 10.35
C LEU A 1852 34.77 48.67 9.74
N ASP A 1853 35.14 47.70 10.56
CA ASP A 1853 35.65 46.40 10.12
C ASP A 1853 34.51 45.41 9.78
N PRO A 1854 34.78 44.33 9.01
CA PRO A 1854 33.81 43.24 8.82
C PRO A 1854 33.45 42.58 10.17
N PRO A 1855 32.16 42.26 10.43
CA PRO A 1855 31.05 42.14 9.48
C PRO A 1855 30.30 43.45 9.16
N LEU A 1856 30.47 44.53 9.95
CA LEU A 1856 29.70 45.76 9.80
C LEU A 1856 30.17 46.65 8.62
N LEU A 1857 31.38 46.43 8.10
CA LEU A 1857 31.96 47.15 6.95
C LEU A 1857 31.00 47.31 5.76
N ILE A 1858 31.00 48.51 5.20
CA ILE A 1858 30.46 48.82 3.87
C ILE A 1858 31.60 49.39 3.01
N ALA A 1859 32.02 48.66 1.98
CA ALA A 1859 33.10 49.11 1.10
C ALA A 1859 32.65 50.23 0.15
N LYS A 1860 33.59 51.12 -0.22
CA LYS A 1860 33.34 52.20 -1.18
C LYS A 1860 33.16 51.61 -2.59
N PRO A 1861 32.06 51.94 -3.32
CA PRO A 1861 31.12 53.05 -3.09
C PRO A 1861 29.84 52.72 -2.28
N ASN A 1862 29.86 53.00 -0.97
CA ASN A 1862 28.78 52.73 0.00
C ASN A 1862 27.42 53.38 -0.38
N LYS A 1863 27.46 54.53 -1.04
CA LYS A 1863 26.36 55.52 -1.06
C LYS A 1863 25.05 54.96 -1.60
N VAL A 1864 25.09 53.98 -2.51
CA VAL A 1864 23.87 53.34 -3.03
C VAL A 1864 23.23 52.43 -1.97
N GLN A 1865 24.04 51.69 -1.20
CA GLN A 1865 23.55 50.80 -0.14
C GLN A 1865 23.00 51.60 1.05
N LEU A 1866 23.70 52.67 1.47
CA LEU A 1866 23.26 53.57 2.55
C LEU A 1866 21.94 54.31 2.24
N ILE A 1867 21.66 54.59 0.95
CA ILE A 1867 20.37 55.17 0.52
C ILE A 1867 19.27 54.09 0.47
N ALA A 1868 19.61 52.83 0.24
CA ALA A 1868 18.67 51.71 0.25
C ALA A 1868 18.28 51.23 1.66
N MET A 1869 19.00 51.65 2.70
CA MET A 1869 18.72 51.34 4.11
C MET A 1869 17.63 52.23 4.74
N ASP A 1870 17.25 53.32 4.08
CA ASP A 1870 16.20 54.27 4.47
C ASP A 1870 16.26 54.80 5.92
N LEU A 1871 17.47 55.19 6.35
CA LEU A 1871 17.74 55.73 7.68
C LEU A 1871 16.92 57.02 7.95
N PRO A 1872 16.33 57.21 9.15
CA PRO A 1872 15.70 58.48 9.54
C PRO A 1872 16.73 59.60 9.71
N MET A 1873 16.30 60.84 9.50
CA MET A 1873 17.10 62.06 9.68
C MET A 1873 16.38 63.09 10.53
N VAL A 1874 17.11 63.58 11.52
CA VAL A 1874 16.73 64.58 12.52
C VAL A 1874 17.14 65.98 12.01
N SER A 1875 16.65 67.04 12.68
CA SER A 1875 16.97 68.44 12.39
C SER A 1875 18.47 68.69 12.12
N GLY A 1876 18.76 69.24 10.95
CA GLY A 1876 20.13 69.58 10.50
C GLY A 1876 20.84 68.51 9.66
N ASP A 1877 20.12 67.66 8.92
CA ASP A 1877 20.66 66.54 8.13
C ASP A 1877 21.58 65.61 8.98
N ARG A 1878 21.18 65.39 10.24
CA ARG A 1878 21.85 64.53 11.23
C ARG A 1878 21.13 63.18 11.38
N ILE A 1879 21.88 62.13 11.67
CA ILE A 1879 21.39 60.76 11.90
C ILE A 1879 21.89 60.29 13.28
N HIS A 1880 21.02 59.59 14.02
CA HIS A 1880 21.32 59.12 15.37
C HIS A 1880 22.08 57.78 15.37
N CYS A 1881 22.86 57.56 16.43
CA CYS A 1881 23.71 56.38 16.60
C CYS A 1881 22.95 55.05 16.52
N LEU A 1882 21.80 54.93 17.19
CA LEU A 1882 21.01 53.69 17.21
C LEU A 1882 20.42 53.32 15.85
N ASP A 1883 20.00 54.29 15.04
CA ASP A 1883 19.40 54.03 13.73
C ASP A 1883 20.40 53.40 12.76
N ILE A 1884 21.65 53.90 12.80
CA ILE A 1884 22.75 53.38 11.99
C ILE A 1884 23.16 51.99 12.47
N LEU A 1885 23.27 51.80 13.79
CA LEU A 1885 23.56 50.49 14.38
C LEU A 1885 22.51 49.47 13.98
N PHE A 1886 21.23 49.75 14.23
CA PHE A 1886 20.12 48.86 13.90
C PHE A 1886 20.06 48.51 12.40
N ALA A 1887 20.27 49.48 11.51
CA ALA A 1887 20.31 49.23 10.07
C ALA A 1887 21.48 48.35 9.63
N PHE A 1888 22.63 48.44 10.30
CA PHE A 1888 23.80 47.61 10.00
C PHE A 1888 23.65 46.21 10.61
N THR A 1889 23.17 46.09 11.84
CA THR A 1889 22.74 44.82 12.48
C THR A 1889 21.73 44.09 11.60
N LYS A 1890 20.67 44.78 11.18
CA LYS A 1890 19.68 44.18 10.28
C LYS A 1890 20.32 43.67 8.99
N ARG A 1891 21.33 44.37 8.50
CA ARG A 1891 22.02 43.94 7.28
C ARG A 1891 22.69 42.58 7.44
N VAL A 1892 23.32 42.35 8.59
CA VAL A 1892 24.01 41.09 8.83
C VAL A 1892 23.05 39.97 9.20
N LEU A 1893 22.15 40.24 10.14
CA LEU A 1893 21.22 39.19 10.61
C LEU A 1893 20.07 38.90 9.64
N GLY A 1894 19.67 39.87 8.81
CA GLY A 1894 18.51 39.78 7.93
C GLY A 1894 17.20 40.19 8.60
N GLU A 1895 16.08 39.69 8.08
CA GLU A 1895 14.73 39.99 8.60
C GLU A 1895 14.16 38.78 9.37
N SER A 1896 14.68 38.54 10.57
CA SER A 1896 14.13 37.57 11.53
C SER A 1896 13.16 38.24 12.51
N GLY A 1897 12.38 37.45 13.25
CA GLY A 1897 11.46 37.96 14.26
C GLY A 1897 12.18 38.53 15.50
N GLU A 1898 13.38 38.01 15.83
CA GLU A 1898 14.16 38.53 16.96
C GLU A 1898 14.66 39.96 16.72
N MET A 1899 14.80 40.40 15.45
CA MET A 1899 15.23 41.76 15.14
C MET A 1899 14.28 42.82 15.69
N ASP A 1900 12.96 42.58 15.67
CA ASP A 1900 11.97 43.55 16.15
C ASP A 1900 11.83 43.50 17.69
N SER A 1901 12.08 42.35 18.34
CA SER A 1901 12.15 42.29 19.81
C SER A 1901 13.45 42.91 20.35
N LEU A 1902 14.58 42.61 19.71
CA LEU A 1902 15.82 43.27 20.11
C LEU A 1902 15.63 44.76 19.93
N ARG A 1903 14.96 45.15 18.84
CA ARG A 1903 14.71 46.57 18.59
C ARG A 1903 13.87 47.19 19.68
N SER A 1904 12.85 46.46 20.13
CA SER A 1904 12.01 46.98 21.19
C SER A 1904 12.83 47.20 22.45
N GLN A 1905 13.70 46.25 22.77
CA GLN A 1905 14.56 46.38 23.95
C GLN A 1905 15.46 47.59 23.81
N MET A 1906 16.03 47.79 22.63
CA MET A 1906 16.90 48.93 22.40
C MET A 1906 16.15 50.24 22.59
N GLU A 1907 14.91 50.31 22.09
CA GLU A 1907 14.10 51.51 22.28
C GLU A 1907 13.80 51.74 23.74
N GLU A 1908 13.46 50.69 24.47
CA GLU A 1908 13.12 50.82 25.88
C GLU A 1908 14.34 51.25 26.67
N ARG A 1909 15.46 50.58 26.43
CA ARG A 1909 16.70 50.89 27.17
C ARG A 1909 17.24 52.29 26.84
N PHE A 1910 16.98 52.82 25.64
CA PHE A 1910 17.34 54.18 25.29
C PHE A 1910 16.39 55.21 25.90
N MET A 1911 15.07 54.96 25.88
CA MET A 1911 14.08 55.83 26.52
C MET A 1911 14.25 55.91 28.05
N SER A 1912 14.69 54.83 28.71
CA SER A 1912 15.02 54.87 30.14
C SER A 1912 16.32 55.62 30.45
N ALA A 1913 17.24 55.75 29.48
CA ALA A 1913 18.52 56.44 29.64
C ALA A 1913 18.49 57.93 29.27
N ASN A 1914 17.59 58.36 28.37
CA ASN A 1914 17.49 59.72 27.84
C ASN A 1914 16.03 60.24 27.89
N PRO A 1915 15.61 60.91 28.98
CA PRO A 1915 14.22 61.41 29.10
C PRO A 1915 13.86 62.57 28.15
N SER A 1916 14.82 63.14 27.43
CA SER A 1916 14.64 64.32 26.57
C SER A 1916 14.10 63.99 25.16
N LYS A 1917 12.81 63.62 25.05
CA LYS A 1917 12.16 63.27 23.76
C LYS A 1917 12.30 64.30 22.63
N VAL A 1918 12.43 65.59 22.95
CA VAL A 1918 12.34 66.73 22.00
C VAL A 1918 13.41 66.72 20.91
N SER A 1919 14.57 66.08 21.13
CA SER A 1919 15.69 66.09 20.17
C SER A 1919 15.68 64.96 19.14
N TYR A 1920 14.72 64.03 19.17
CA TYR A 1920 14.75 62.79 18.37
C TYR A 1920 13.69 62.71 17.25
N GLU A 1921 12.86 63.74 17.05
CA GLU A 1921 11.79 63.68 16.03
C GLU A 1921 12.35 63.60 14.58
N PRO A 1922 12.04 62.53 13.81
CA PRO A 1922 12.56 62.33 12.47
C PRO A 1922 11.74 63.12 11.43
N ILE A 1923 12.42 63.94 10.63
CA ILE A 1923 11.78 64.86 9.66
C ILE A 1923 11.69 64.23 8.26
N THR A 1924 12.74 63.50 7.86
CA THR A 1924 12.85 62.81 6.57
C THR A 1924 13.62 61.51 6.73
N THR A 1925 13.72 60.70 5.67
CA THR A 1925 14.53 59.48 5.62
C THR A 1925 15.51 59.54 4.43
N THR A 1926 16.58 58.74 4.39
CA THR A 1926 17.61 58.86 3.34
C THR A 1926 17.06 58.57 1.94
N LEU A 1927 16.10 57.66 1.78
CA LEU A 1927 15.44 57.41 0.49
C LEU A 1927 14.52 58.58 0.12
N LYS A 1928 13.65 58.99 1.04
CA LYS A 1928 12.80 60.14 0.80
C LYS A 1928 13.63 61.36 0.39
N ARG A 1929 14.73 61.58 1.09
CA ARG A 1929 15.60 62.72 0.78
C ARG A 1929 16.15 62.61 -0.63
N LYS A 1930 16.62 61.43 -1.02
CA LYS A 1930 17.14 61.24 -2.36
C LYS A 1930 16.05 61.50 -3.39
N GLN A 1931 14.84 61.03 -3.13
CA GLN A 1931 13.72 61.27 -4.05
C GLN A 1931 13.47 62.77 -4.20
N GLU A 1932 13.46 63.49 -3.09
CA GLU A 1932 13.28 64.94 -3.14
C GLU A 1932 14.36 65.61 -3.96
N ASP A 1933 15.61 65.17 -3.77
CA ASP A 1933 16.73 65.74 -4.52
C ASP A 1933 16.57 65.49 -6.01
N VAL A 1934 16.13 64.29 -6.39
CA VAL A 1934 15.92 63.98 -7.80
C VAL A 1934 14.77 64.79 -8.39
N GLY B 20 -23.27 -16.82 19.04
CA GLY B 20 -22.84 -18.10 18.56
C GLY B 20 -23.21 -19.00 19.68
N CYS B 21 -22.27 -19.43 20.49
CA CYS B 21 -22.63 -20.21 21.67
C CYS B 21 -21.99 -19.54 22.85
N VAL B 22 -22.77 -19.24 23.84
CA VAL B 22 -22.26 -18.65 25.04
C VAL B 22 -22.77 -19.41 26.26
N GLU B 23 -21.85 -19.87 27.04
CA GLU B 23 -22.19 -20.61 28.27
C GLU B 23 -22.66 -19.77 29.44
N VAL B 24 -23.95 -19.65 29.62
CA VAL B 24 -24.48 -18.88 30.73
C VAL B 24 -24.95 -19.78 31.88
N ASP B 25 -24.49 -19.49 33.04
CA ASP B 25 -24.91 -20.26 34.22
C ASP B 25 -26.33 -20.01 34.56
N SER B 26 -26.86 -20.95 35.19
CA SER B 26 -28.26 -20.90 35.50
C SER B 26 -28.62 -20.02 36.70
N GLU B 27 -29.86 -19.61 36.79
CA GLU B 27 -30.39 -18.90 37.92
C GLU B 27 -30.57 -19.89 39.05
N THR B 28 -30.30 -19.55 40.28
CA THR B 28 -30.39 -20.54 41.38
C THR B 28 -31.60 -20.49 42.27
N GLU B 29 -32.61 -19.75 41.85
CA GLU B 29 -33.78 -19.57 42.70
C GLU B 29 -35.07 -19.66 41.98
N ALA B 30 -35.96 -20.48 42.47
CA ALA B 30 -37.21 -20.72 41.87
C ALA B 30 -38.36 -20.57 42.85
N VAL B 31 -39.49 -20.06 42.37
CA VAL B 31 -40.58 -19.77 43.26
C VAL B 31 -41.69 -20.72 43.15
N TYR B 32 -42.18 -21.18 44.29
CA TYR B 32 -43.22 -22.16 44.33
C TYR B 32 -44.41 -21.83 43.55
N GLY B 33 -44.89 -22.77 42.83
CA GLY B 33 -46.03 -22.58 42.05
C GLY B 33 -45.77 -22.04 40.72
N MET B 34 -44.63 -21.50 40.40
CA MET B 34 -44.44 -21.05 39.05
C MET B 34 -43.62 -21.96 38.16
N THR B 35 -43.16 -21.50 37.02
CA THR B 35 -42.36 -22.25 36.14
C THR B 35 -40.91 -21.84 36.28
N PHE B 36 -39.96 -22.73 36.02
CA PHE B 36 -38.54 -22.39 36.04
C PHE B 36 -37.75 -23.03 34.93
N LYS B 37 -36.77 -22.33 34.37
CA LYS B 37 -35.91 -22.92 33.35
C LYS B 37 -34.49 -23.09 33.86
N ILE B 38 -34.12 -24.31 34.21
CA ILE B 38 -32.74 -24.56 34.62
C ILE B 38 -31.88 -24.48 33.37
N LEU B 39 -30.75 -23.79 33.43
CA LEU B 39 -29.93 -23.61 32.24
C LEU B 39 -28.67 -24.42 32.21
N CYS B 40 -28.51 -25.27 31.21
CA CYS B 40 -27.26 -25.99 31.04
C CYS B 40 -26.82 -25.75 29.62
N ILE B 41 -25.68 -25.10 29.44
CA ILE B 41 -25.18 -24.85 28.10
C ILE B 41 -23.74 -25.33 27.99
N SER B 42 -23.47 -26.24 27.06
CA SER B 42 -22.09 -26.68 26.84
C SER B 42 -21.73 -26.40 25.40
N CYS B 43 -20.68 -25.64 25.17
CA CYS B 43 -20.32 -25.27 23.82
C CYS B 43 -19.17 -26.12 23.28
N LYS B 44 -19.28 -26.64 22.06
CA LYS B 44 -18.12 -27.36 21.49
C LYS B 44 -16.97 -26.39 21.27
N ARG B 45 -15.74 -26.83 21.58
CA ARG B 45 -14.57 -25.91 21.55
C ARG B 45 -14.33 -25.19 20.21
N ARG B 46 -14.80 -25.74 19.12
CA ARG B 46 -14.77 -25.11 17.82
C ARG B 46 -16.15 -25.34 17.14
N SER B 47 -16.78 -24.29 16.70
CA SER B 47 -18.10 -24.35 16.05
C SER B 47 -18.30 -25.10 14.69
N GLU B 48 -17.35 -25.09 13.74
CA GLU B 48 -17.33 -25.85 12.46
C GLU B 48 -17.30 -27.33 12.62
N THR B 49 -16.96 -27.84 13.75
CA THR B 49 -17.00 -29.27 14.05
C THR B 49 -18.34 -29.90 14.05
N ASN B 50 -18.40 -31.15 13.77
CA ASN B 50 -19.63 -31.90 13.82
C ASN B 50 -19.70 -32.97 14.94
N ALA B 51 -20.75 -32.97 15.77
CA ALA B 51 -20.96 -33.95 16.80
C ALA B 51 -22.36 -34.57 16.99
N GLU B 52 -22.48 -35.57 17.81
CA GLU B 52 -23.74 -36.18 18.15
C GLU B 52 -23.75 -36.23 19.66
N THR B 53 -24.53 -35.37 20.28
CA THR B 53 -24.62 -35.23 21.73
C THR B 53 -25.86 -35.79 22.41
N PHE B 54 -25.79 -36.32 23.64
CA PHE B 54 -26.90 -36.75 24.45
C PHE B 54 -26.70 -36.26 25.86
N THR B 55 -27.78 -36.14 26.59
CA THR B 55 -27.67 -35.75 27.95
C THR B 55 -28.34 -36.61 28.97
N GLU B 56 -27.79 -36.63 30.17
CA GLU B 56 -28.42 -37.33 31.28
C GLU B 56 -28.39 -36.39 32.48
N TRP B 57 -29.48 -36.34 33.23
CA TRP B 57 -29.56 -35.44 34.38
C TRP B 57 -29.74 -36.18 35.69
N THR B 58 -28.98 -35.81 36.71
CA THR B 58 -29.13 -36.43 38.03
C THR B 58 -29.49 -35.38 39.08
N PHE B 59 -30.37 -35.74 40.00
CA PHE B 59 -30.82 -34.77 41.02
C PHE B 59 -30.69 -35.28 42.45
N ARG B 60 -30.13 -34.46 43.32
CA ARG B 60 -30.02 -34.81 44.73
C ARG B 60 -30.79 -33.78 45.54
N GLN B 61 -31.86 -34.20 46.20
CA GLN B 61 -32.68 -33.27 46.98
C GLN B 61 -31.98 -32.83 48.26
N LYS B 62 -32.34 -31.65 48.78
CA LYS B 62 -31.77 -31.18 50.03
C LYS B 62 -31.85 -32.20 51.17
N GLY B 63 -30.73 -32.40 51.86
CA GLY B 63 -30.69 -33.36 52.94
C GLY B 63 -30.86 -34.81 52.51
N THR B 64 -30.69 -35.15 51.25
CA THR B 64 -30.70 -36.57 50.81
C THR B 64 -29.37 -36.68 50.22
N GLU B 65 -28.65 -37.76 50.39
CA GLU B 65 -27.24 -37.77 49.90
C GLU B 65 -26.88 -38.40 48.54
N GLU B 66 -27.83 -39.05 47.86
CA GLU B 66 -27.54 -39.57 46.55
C GLU B 66 -28.12 -38.90 45.30
N PHE B 67 -27.31 -38.51 44.31
CA PHE B 67 -27.81 -38.05 43.00
C PHE B 67 -28.55 -39.18 42.19
N VAL B 68 -29.82 -39.11 41.93
CA VAL B 68 -30.60 -40.08 41.18
C VAL B 68 -30.86 -39.59 39.77
N LYS B 69 -30.96 -40.49 38.78
CA LYS B 69 -31.30 -40.03 37.41
C LYS B 69 -32.72 -39.66 37.24
N ILE B 70 -32.94 -38.48 36.65
CA ILE B 70 -34.30 -37.98 36.47
C ILE B 70 -34.70 -37.88 35.01
N LEU B 71 -33.73 -37.76 34.10
CA LEU B 71 -34.04 -37.71 32.67
C LEU B 71 -32.91 -38.03 31.72
N ARG B 72 -33.25 -38.38 30.49
CA ARG B 72 -32.25 -38.64 29.47
C ARG B 72 -32.82 -38.12 28.16
N TYR B 73 -32.07 -37.28 27.46
CA TYR B 73 -32.53 -36.78 26.16
C TYR B 73 -31.57 -37.20 25.07
N GLU B 74 -32.09 -37.87 24.05
CA GLU B 74 -31.24 -38.35 22.96
C GLU B 74 -32.03 -38.49 21.68
N ASN B 75 -31.42 -38.16 20.53
CA ASN B 75 -32.08 -38.36 19.23
C ASN B 75 -33.48 -37.72 19.13
N GLU B 76 -33.59 -36.45 19.52
CA GLU B 76 -34.88 -35.73 19.48
C GLU B 76 -36.00 -36.39 20.30
N VAL B 77 -35.68 -36.97 21.45
CA VAL B 77 -36.73 -37.53 22.32
C VAL B 77 -36.34 -37.52 23.79
N LEU B 78 -37.23 -37.02 24.64
CA LEU B 78 -36.98 -37.01 26.05
C LEU B 78 -37.47 -38.26 26.61
N GLN B 79 -36.63 -38.93 27.41
CA GLN B 79 -37.06 -40.10 28.16
C GLN B 79 -36.98 -39.67 29.62
N LEU B 80 -38.12 -39.59 30.29
CA LEU B 80 -38.18 -39.11 31.69
C LEU B 80 -38.30 -40.28 32.59
N GLU B 81 -37.63 -40.27 33.72
CA GLU B 81 -37.60 -41.43 34.62
C GLU B 81 -38.82 -41.54 35.50
N GLU B 82 -39.12 -42.67 36.04
CA GLU B 82 -40.33 -42.75 36.87
C GLU B 82 -40.08 -42.15 38.29
N ASP B 83 -40.19 -40.82 38.44
CA ASP B 83 -40.03 -40.15 39.71
C ASP B 83 -41.23 -39.36 39.93
N GLU B 84 -41.68 -39.29 41.16
CA GLU B 84 -42.84 -38.46 41.50
C GLU B 84 -42.56 -37.04 41.44
N ARG B 85 -41.40 -36.64 41.91
CA ARG B 85 -41.18 -35.26 42.03
C ARG B 85 -41.03 -34.61 40.66
N PHE B 86 -40.95 -35.28 39.55
CA PHE B 86 -40.74 -34.58 38.27
C PHE B 86 -41.70 -34.99 37.18
N GLU B 87 -42.59 -35.91 37.52
CA GLU B 87 -43.55 -36.42 36.55
C GLU B 87 -44.60 -35.40 36.21
N GLY B 88 -44.86 -35.27 34.92
CA GLY B 88 -45.87 -34.35 34.46
C GLY B 88 -45.39 -32.92 34.51
N ARG B 89 -44.20 -32.70 34.98
CA ARG B 89 -43.66 -31.37 35.25
C ARG B 89 -42.37 -30.94 34.53
N VAL B 90 -41.72 -31.79 33.78
CA VAL B 90 -40.53 -31.44 32.97
C VAL B 90 -40.62 -31.53 31.42
N VAL B 91 -40.24 -30.51 30.70
CA VAL B 91 -40.23 -30.47 29.28
C VAL B 91 -38.82 -30.14 28.88
N TRP B 92 -38.52 -30.30 27.60
CA TRP B 92 -37.20 -30.01 27.10
C TRP B 92 -37.11 -28.58 26.65
N ASN B 93 -36.26 -27.78 27.30
CA ASN B 93 -36.07 -26.39 26.88
C ASN B 93 -34.80 -26.11 26.08
N GLY B 94 -34.09 -27.15 25.67
CA GLY B 94 -32.85 -26.94 24.96
C GLY B 94 -32.86 -27.07 23.46
N SER B 95 -31.70 -27.29 22.87
CA SER B 95 -31.56 -27.46 21.37
C SER B 95 -32.55 -28.38 20.68
N ARG B 96 -33.06 -27.92 19.58
CA ARG B 96 -34.08 -28.67 18.83
C ARG B 96 -33.74 -28.85 17.34
N GLY B 97 -34.12 -29.98 16.80
CA GLY B 97 -33.83 -30.28 15.39
C GLY B 97 -32.51 -30.83 14.93
N THR B 98 -31.62 -31.21 15.85
CA THR B 98 -30.33 -31.69 15.55
C THR B 98 -29.95 -32.78 16.51
N LYS B 99 -28.85 -33.48 16.22
CA LYS B 99 -28.29 -34.39 17.10
C LYS B 99 -27.10 -33.57 17.74
N ASP B 100 -26.78 -32.39 17.20
CA ASP B 100 -25.69 -31.55 17.69
C ASP B 100 -26.10 -30.49 18.71
N LEU B 101 -26.29 -30.89 19.94
CA LEU B 101 -26.74 -30.04 21.01
C LEU B 101 -25.73 -29.30 21.80
N GLN B 102 -25.97 -28.03 21.97
CA GLN B 102 -25.13 -27.22 22.76
C GLN B 102 -25.93 -26.63 23.90
N ASP B 103 -27.23 -26.86 23.95
CA ASP B 103 -28.12 -26.33 24.91
C ASP B 103 -28.89 -27.45 25.44
N LEU B 104 -28.70 -27.71 26.68
CA LEU B 104 -29.30 -28.85 27.30
C LEU B 104 -30.19 -28.47 28.42
N SER B 105 -30.80 -27.33 28.29
CA SER B 105 -31.68 -26.81 29.28
C SER B 105 -33.02 -27.49 29.42
N ILE B 106 -33.43 -27.60 30.64
CA ILE B 106 -34.73 -28.18 30.97
C ILE B 106 -35.73 -27.11 31.57
N PHE B 107 -36.98 -27.43 31.69
CA PHE B 107 -37.97 -26.48 32.16
C PHE B 107 -38.96 -27.12 33.02
N ILE B 108 -39.15 -26.55 34.13
CA ILE B 108 -40.07 -27.06 35.10
C ILE B 108 -41.36 -26.24 34.96
N THR B 109 -42.45 -26.90 34.74
CA THR B 109 -43.71 -26.24 34.51
C THR B 109 -44.46 -25.89 35.79
N ASN B 110 -44.34 -26.63 36.85
CA ASN B 110 -44.96 -26.29 38.11
C ASN B 110 -44.00 -26.57 39.30
N VAL B 111 -43.30 -25.57 39.83
CA VAL B 111 -42.30 -25.77 40.91
C VAL B 111 -42.77 -26.19 42.30
N THR B 112 -42.27 -27.28 42.80
CA THR B 112 -42.58 -27.66 44.16
C THR B 112 -41.35 -27.54 45.08
N TYR B 113 -41.55 -27.69 46.36
CA TYR B 113 -40.45 -27.71 47.32
C TYR B 113 -39.56 -28.98 47.25
N ASN B 114 -39.95 -29.96 46.49
CA ASN B 114 -39.13 -31.13 46.28
C ASN B 114 -38.17 -30.92 45.13
N HIS B 115 -37.98 -29.71 44.67
CA HIS B 115 -37.12 -29.50 43.56
C HIS B 115 -35.99 -28.74 43.99
N SER B 116 -35.88 -28.52 45.25
CA SER B 116 -34.79 -27.84 45.86
C SER B 116 -33.73 -28.86 46.04
N GLY B 117 -32.49 -28.48 45.84
CA GLY B 117 -31.41 -29.39 45.85
C GLY B 117 -30.33 -29.06 44.88
N ASP B 118 -29.57 -30.07 44.52
CA ASP B 118 -28.47 -29.90 43.57
C ASP B 118 -28.70 -30.79 42.32
N TYR B 119 -28.28 -30.29 41.15
CA TYR B 119 -28.48 -31.02 39.91
C TYR B 119 -27.20 -31.19 39.15
N GLU B 120 -27.02 -32.34 38.51
CA GLU B 120 -25.85 -32.51 37.67
C GLU B 120 -26.28 -32.68 36.23
N CYS B 121 -25.72 -31.87 35.35
CA CYS B 121 -26.06 -31.95 33.94
C CYS B 121 -24.90 -32.64 33.27
N HIS B 122 -25.15 -33.80 32.68
CA HIS B 122 -24.08 -34.56 32.08
C HIS B 122 -24.16 -34.49 30.58
N VAL B 123 -23.09 -34.05 29.94
CA VAL B 123 -23.09 -33.89 28.50
C VAL B 123 -22.19 -34.96 27.91
N TYR B 124 -22.71 -35.73 26.97
CA TYR B 124 -21.93 -36.79 26.35
C TYR B 124 -21.78 -36.55 24.86
N ARG B 125 -20.68 -35.92 24.48
CA ARG B 125 -20.45 -35.56 23.04
C ARG B 125 -19.50 -36.45 22.21
N LEU B 126 -19.96 -36.97 21.10
CA LEU B 126 -19.17 -37.74 20.16
C LEU B 126 -18.81 -36.92 18.93
N LEU B 127 -17.54 -36.51 18.89
CA LEU B 127 -17.07 -35.69 17.78
C LEU B 127 -16.62 -36.52 16.60
N PHE B 128 -16.98 -36.08 15.41
CA PHE B 128 -16.59 -36.79 14.18
C PHE B 128 -15.57 -36.08 13.36
N PHE B 129 -14.37 -36.54 13.48
CA PHE B 129 -13.28 -35.96 12.74
C PHE B 129 -12.88 -36.80 11.49
N GLU B 130 -11.74 -36.50 10.86
CA GLU B 130 -11.21 -37.26 9.67
C GLU B 130 -10.41 -38.45 10.14
N ASN B 131 -10.96 -39.67 10.03
CA ASN B 131 -10.33 -40.94 10.50
C ASN B 131 -10.33 -41.09 12.02
N TYR B 132 -11.23 -40.43 12.73
CA TYR B 132 -11.16 -40.32 14.17
C TYR B 132 -12.40 -39.86 14.82
N GLU B 133 -12.88 -40.58 15.81
CA GLU B 133 -14.04 -40.25 16.58
C GLU B 133 -13.60 -40.05 17.99
N HIS B 134 -13.90 -38.93 18.61
CA HIS B 134 -13.57 -38.71 19.97
C HIS B 134 -14.80 -38.54 20.88
N ASN B 135 -14.91 -39.44 21.83
CA ASN B 135 -16.02 -39.44 22.81
C ASN B 135 -15.62 -38.60 24.00
N THR B 136 -16.36 -37.56 24.27
CA THR B 136 -16.04 -36.62 25.36
C THR B 136 -17.20 -36.47 26.35
N SER B 137 -16.91 -35.88 27.50
CA SER B 137 -17.91 -35.74 28.54
C SER B 137 -17.66 -34.46 29.32
N VAL B 138 -18.73 -33.82 29.76
CA VAL B 138 -18.62 -32.53 30.49
C VAL B 138 -19.66 -32.61 31.57
N VAL B 139 -19.44 -32.09 32.75
CA VAL B 139 -20.47 -32.00 33.82
C VAL B 139 -20.67 -30.64 34.41
N LYS B 140 -21.86 -30.16 34.35
CA LYS B 140 -22.21 -28.94 35.02
C LYS B 140 -23.06 -29.18 36.21
N LYS B 141 -22.78 -28.47 37.23
CA LYS B 141 -23.54 -28.59 38.48
C LYS B 141 -24.39 -27.35 38.74
N ILE B 142 -25.64 -27.55 39.05
CA ILE B 142 -26.57 -26.45 39.36
C ILE B 142 -27.27 -26.60 40.71
N HIS B 143 -27.17 -25.60 41.53
CA HIS B 143 -27.88 -25.59 42.83
C HIS B 143 -29.20 -24.81 42.77
N ILE B 144 -30.26 -25.43 43.17
CA ILE B 144 -31.53 -24.71 43.19
C ILE B 144 -32.30 -24.56 44.52
N GLU B 145 -32.56 -23.33 44.92
CA GLU B 145 -33.41 -23.13 46.15
C GLU B 145 -34.81 -22.73 45.89
N VAL B 146 -35.73 -23.47 46.44
CA VAL B 146 -37.16 -23.17 46.15
C VAL B 146 -37.77 -22.23 47.22
N VAL B 147 -38.31 -21.12 46.82
CA VAL B 147 -38.79 -20.07 47.73
C VAL B 147 -40.19 -19.69 47.50
N ASP B 148 -40.80 -19.06 48.47
CA ASP B 148 -42.20 -18.57 48.37
C ASP B 148 -42.35 -17.35 47.53
N LYS B 149 -41.39 -16.43 47.54
CA LYS B 149 -41.40 -15.24 46.75
C LYS B 149 -40.02 -14.84 46.21
N ALA B 150 -39.98 -14.27 45.02
CA ALA B 150 -38.73 -13.88 44.39
C ALA B 150 -37.85 -12.87 45.10
N ASN B 151 -37.02 -13.29 46.05
CA ASN B 151 -36.06 -12.38 46.66
C ASN B 151 -35.32 -11.69 45.57
N ARG B 152 -35.39 -10.35 45.53
CA ARG B 152 -34.71 -9.54 44.51
C ARG B 152 -33.18 -9.44 44.70
N ASP B 153 -32.42 -9.04 43.68
CA ASP B 153 -30.94 -9.06 43.76
C ASP B 153 -30.22 -7.89 44.44
N MET B 154 -29.13 -8.17 45.15
CA MET B 154 -28.33 -7.15 45.78
C MET B 154 -27.89 -6.14 44.76
N ALA B 155 -27.51 -6.56 43.57
CA ALA B 155 -27.02 -5.68 42.59
C ALA B 155 -28.06 -4.66 42.28
N SER B 156 -29.26 -5.04 41.89
CA SER B 156 -30.25 -4.08 41.54
C SER B 156 -30.50 -3.16 42.68
N ILE B 157 -30.67 -3.68 43.87
CA ILE B 157 -30.96 -2.84 44.97
C ILE B 157 -29.87 -1.77 45.18
N VAL B 158 -28.65 -2.21 45.45
CA VAL B 158 -27.59 -1.25 45.72
C VAL B 158 -27.30 -0.34 44.54
N SER B 159 -27.59 -0.77 43.30
CA SER B 159 -27.23 0.06 42.18
C SER B 159 -28.27 1.12 42.01
N GLU B 160 -29.53 0.82 42.27
CA GLU B 160 -30.56 1.82 42.28
C GLU B 160 -30.32 2.82 43.43
N ILE B 161 -29.92 2.36 44.58
CA ILE B 161 -29.78 3.34 45.64
C ILE B 161 -28.58 4.21 45.31
N MET B 162 -27.53 3.64 44.78
CA MET B 162 -26.33 4.30 44.55
C MET B 162 -26.50 5.35 43.46
N MET B 163 -27.33 5.06 42.46
CA MET B 163 -27.64 6.02 41.47
C MET B 163 -28.39 7.16 42.11
N TYR B 164 -29.44 6.88 42.89
CA TYR B 164 -30.15 7.95 43.56
C TYR B 164 -29.25 8.78 44.48
N VAL B 165 -28.32 8.18 45.22
CA VAL B 165 -27.51 9.01 46.10
C VAL B 165 -26.55 9.88 45.27
N LEU B 166 -25.91 9.31 44.26
CA LEU B 166 -24.95 10.08 43.48
C LEU B 166 -25.63 11.25 42.80
N ILE B 167 -26.80 11.02 42.22
CA ILE B 167 -27.51 12.09 41.54
C ILE B 167 -27.86 13.23 42.51
N VAL B 168 -28.37 12.88 43.69
CA VAL B 168 -28.75 13.92 44.64
C VAL B 168 -27.50 14.69 45.07
N VAL B 169 -26.39 13.99 45.29
CA VAL B 169 -25.16 14.67 45.68
C VAL B 169 -24.71 15.65 44.61
N LEU B 170 -24.76 15.23 43.34
CA LEU B 170 -24.37 16.10 42.26
C LEU B 170 -25.27 17.32 42.21
N THR B 171 -26.57 17.12 42.39
CA THR B 171 -27.51 18.22 42.33
C THR B 171 -27.19 19.22 43.44
N ILE B 172 -26.93 18.71 44.64
CA ILE B 172 -26.65 19.59 45.77
C ILE B 172 -25.38 20.37 45.50
N TRP B 173 -24.36 19.72 44.96
CA TRP B 173 -23.10 20.38 44.69
C TRP B 173 -23.29 21.48 43.65
N LEU B 174 -24.07 21.22 42.61
CA LEU B 174 -24.34 22.21 41.59
C LEU B 174 -25.07 23.41 42.19
N VAL B 175 -26.04 23.14 43.07
CA VAL B 175 -26.75 24.24 43.73
C VAL B 175 -25.81 25.07 44.58
N ALA B 176 -25.02 24.42 45.44
CA ALA B 176 -24.13 25.15 46.34
C ALA B 176 -23.24 26.11 45.57
N GLU B 177 -22.59 25.61 44.53
CA GLU B 177 -21.76 26.48 43.70
C GLU B 177 -22.58 27.58 43.02
N MET B 178 -23.80 27.26 42.54
CA MET B 178 -24.61 28.32 41.97
C MET B 178 -24.86 29.38 43.00
N ILE B 179 -25.31 29.01 44.19
CA ILE B 179 -25.58 29.99 45.26
C ILE B 179 -24.40 30.92 45.52
N TYR B 180 -23.24 30.36 45.85
CA TYR B 180 -22.10 31.20 46.22
C TYR B 180 -21.66 32.14 45.11
N CYS B 181 -21.56 31.65 43.89
CA CYS B 181 -21.19 32.51 42.77
C CYS B 181 -22.22 33.57 42.48
N TYR B 182 -23.50 33.24 42.60
CA TYR B 182 -24.52 34.26 42.42
C TYR B 182 -24.33 35.34 43.46
N LYS B 183 -24.09 34.95 44.71
CA LYS B 183 -23.96 35.96 45.75
C LYS B 183 -22.75 36.83 45.42
N LYS B 184 -21.67 36.21 44.98
CA LYS B 184 -20.45 36.95 44.67
C LYS B 184 -20.67 37.97 43.55
N ILE B 185 -21.35 37.56 42.48
CA ILE B 185 -21.61 38.49 41.38
C ILE B 185 -22.54 39.62 41.83
N ALA B 186 -23.52 39.32 42.68
CA ALA B 186 -24.38 40.38 43.19
C ALA B 186 -23.56 41.37 43.99
N ALA B 187 -22.63 40.86 44.80
CA ALA B 187 -21.78 41.74 45.58
C ALA B 187 -20.95 42.62 44.67
N ALA B 188 -20.42 42.03 43.59
CA ALA B 188 -19.61 42.79 42.65
C ALA B 188 -20.43 43.89 41.99
N THR B 189 -21.68 43.58 41.63
CA THR B 189 -22.57 44.56 41.01
C THR B 189 -22.83 45.71 41.99
N GLU B 190 -23.07 45.38 43.26
CA GLU B 190 -23.26 46.45 44.25
C GLU B 190 -22.01 47.31 44.42
N THR B 191 -20.83 46.69 44.39
CA THR B 191 -19.59 47.44 44.51
C THR B 191 -19.44 48.38 43.32
N ALA B 192 -19.80 47.91 42.13
CA ALA B 192 -19.70 48.74 40.93
C ALA B 192 -20.69 49.90 40.97
N MET C 30 8.87 -36.86 -21.04
CA MET C 30 9.97 -37.03 -20.11
C MET C 30 11.26 -37.23 -20.88
N GLU C 31 12.25 -36.41 -20.58
CA GLU C 31 13.56 -36.54 -21.22
C GLU C 31 14.30 -37.71 -20.61
N VAL C 32 14.67 -38.67 -21.45
CA VAL C 32 15.45 -39.84 -21.04
C VAL C 32 16.71 -39.85 -21.88
N THR C 33 17.85 -39.92 -21.21
CA THR C 33 19.15 -39.84 -21.88
C THR C 33 19.78 -41.22 -21.89
N VAL C 34 19.99 -41.75 -23.10
CA VAL C 34 20.68 -43.02 -23.32
C VAL C 34 21.52 -42.88 -24.57
N PRO C 35 22.53 -43.74 -24.72
CA PRO C 35 23.24 -43.81 -26.01
C PRO C 35 22.39 -44.58 -27.00
N ALA C 36 22.17 -43.99 -28.18
CA ALA C 36 21.38 -44.67 -29.19
C ALA C 36 22.05 -45.97 -29.63
N THR C 37 23.37 -45.99 -29.71
CA THR C 37 24.15 -47.17 -30.06
C THR C 37 25.20 -47.35 -28.99
N LEU C 38 25.37 -48.58 -28.52
CA LEU C 38 26.39 -48.90 -27.53
C LEU C 38 27.17 -50.10 -28.05
N ASN C 39 28.45 -49.91 -28.30
CA ASN C 39 29.32 -50.93 -28.87
C ASN C 39 30.23 -51.45 -27.77
N VAL C 40 30.17 -52.75 -27.52
CA VAL C 40 30.88 -53.38 -26.40
C VAL C 40 31.60 -54.62 -26.91
N LEU C 41 32.82 -54.83 -26.42
CA LEU C 41 33.58 -56.02 -26.80
C LEU C 41 33.00 -57.26 -26.13
N ASN C 42 32.96 -58.32 -26.87
CA ASN C 42 32.59 -59.62 -26.34
C ASN C 42 33.42 -59.94 -25.10
N GLY C 43 32.76 -60.33 -24.02
CA GLY C 43 33.42 -60.68 -22.79
C GLY C 43 33.59 -59.55 -21.81
N SER C 44 33.46 -58.30 -22.24
CA SER C 44 33.55 -57.17 -21.33
CA SER C 44 33.55 -57.17 -21.33
C SER C 44 32.20 -56.93 -20.65
N ASP C 45 32.20 -56.03 -19.68
CA ASP C 45 30.98 -55.62 -19.01
C ASP C 45 30.40 -54.43 -19.75
N ALA C 46 29.09 -54.45 -19.95
CA ALA C 46 28.40 -53.38 -20.65
C ALA C 46 27.46 -52.69 -19.67
N ARG C 47 27.78 -51.45 -19.32
CA ARG C 47 26.83 -50.63 -18.59
C ARG C 47 25.93 -49.94 -19.60
N LEU C 48 24.63 -50.16 -19.45
CA LEU C 48 23.63 -49.51 -20.27
C LEU C 48 23.18 -48.25 -19.53
N PRO C 49 23.72 -47.08 -19.87
CA PRO C 49 23.39 -45.87 -19.09
C PRO C 49 22.00 -45.37 -19.42
N CYS C 50 21.29 -44.94 -18.38
CA CYS C 50 19.98 -44.34 -18.58
C CYS C 50 19.70 -43.43 -17.40
N THR C 51 19.58 -42.13 -17.67
CA THR C 51 19.13 -41.15 -16.69
C THR C 51 17.89 -40.44 -17.23
N PHE C 52 17.08 -39.84 -16.36
CA PHE C 52 15.83 -39.19 -16.81
C PHE C 52 15.59 -37.87 -16.07
N ASN C 53 15.25 -36.82 -16.78
CA ASN C 53 15.08 -35.52 -16.13
C ASN C 53 13.65 -35.30 -15.68
N SER C 54 13.29 -35.91 -14.55
CA SER C 54 11.96 -35.68 -14.00
C SER C 54 12.12 -34.79 -12.79
N CYS C 55 11.44 -33.65 -12.81
CA CYS C 55 11.53 -32.70 -11.70
C CYS C 55 11.03 -33.25 -10.37
N TYR C 56 9.95 -34.01 -10.39
CA TYR C 56 9.37 -34.53 -9.15
C TYR C 56 10.32 -35.50 -8.45
N THR C 57 10.34 -35.46 -7.13
CA THR C 57 11.21 -36.36 -6.37
C THR C 57 10.81 -37.81 -6.58
N VAL C 58 11.78 -38.71 -6.58
CA VAL C 58 11.49 -40.13 -6.82
C VAL C 58 10.95 -40.82 -5.57
N ASN C 59 9.67 -41.14 -5.60
CA ASN C 59 9.04 -41.83 -4.48
C ASN C 59 9.12 -43.33 -4.75
N HIS C 60 9.94 -44.03 -3.96
CA HIS C 60 10.13 -45.45 -4.21
C HIS C 60 8.84 -46.24 -4.09
N LYS C 61 7.83 -45.71 -3.41
CA LYS C 61 6.57 -46.45 -3.27
C LYS C 61 5.68 -46.31 -4.51
N GLN C 62 6.02 -45.40 -5.43
CA GLN C 62 5.23 -45.20 -6.64
C GLN C 62 6.05 -45.26 -7.92
N PHE C 63 7.35 -45.05 -7.85
CA PHE C 63 8.20 -45.06 -9.04
C PHE C 63 8.12 -46.40 -9.75
N SER C 64 8.14 -46.36 -11.08
CA SER C 64 8.05 -47.56 -11.89
C SER C 64 9.15 -47.54 -12.95
N LEU C 65 9.83 -48.67 -13.09
CA LEU C 65 10.86 -48.86 -14.11
C LEU C 65 10.69 -50.25 -14.70
N ASN C 66 10.70 -50.34 -16.02
CA ASN C 66 10.72 -51.63 -16.72
C ASN C 66 11.86 -51.58 -17.72
N TRP C 67 12.72 -52.60 -17.71
CA TRP C 67 13.71 -52.82 -18.75
C TRP C 67 13.32 -54.03 -19.57
N THR C 68 13.25 -53.86 -20.88
CA THR C 68 12.85 -54.95 -21.76
C THR C 68 13.89 -55.19 -22.83
N TYR C 69 13.72 -56.27 -23.59
CA TYR C 69 14.68 -56.59 -24.63
C TYR C 69 14.00 -57.14 -25.89
N GLN C 70 14.23 -56.51 -27.02
CA GLN C 70 13.69 -57.02 -28.28
C GLN C 70 14.81 -57.20 -29.30
N GLU C 71 14.77 -58.30 -30.04
CA GLU C 71 15.80 -58.57 -31.03
C GLU C 71 15.75 -57.57 -32.17
N CYS C 72 14.57 -57.02 -32.45
CA CYS C 72 14.42 -56.11 -33.57
C CYS C 72 13.24 -55.19 -33.27
N ASN C 73 13.15 -54.11 -34.05
CA ASN C 73 12.12 -53.10 -33.79
C ASN C 73 10.71 -53.68 -33.89
N ASN C 74 10.55 -54.73 -34.68
CA ASN C 74 9.24 -55.34 -34.90
C ASN C 74 9.17 -56.74 -34.29
N CYS C 75 9.99 -56.99 -33.26
CA CYS C 75 10.08 -58.28 -32.58
C CYS C 75 9.52 -58.18 -31.17
N SER C 76 9.43 -59.33 -30.49
CA SER C 76 8.83 -59.34 -29.16
C SER C 76 9.74 -58.81 -28.06
N GLU C 77 9.18 -58.04 -27.14
CA GLU C 77 9.93 -57.52 -26.01
C GLU C 77 9.86 -58.49 -24.83
N GLU C 78 11.01 -58.71 -24.19
CA GLU C 78 11.12 -59.56 -23.02
C GLU C 78 11.55 -58.70 -21.84
N MET C 79 10.67 -58.53 -20.85
CA MET C 79 11.04 -57.78 -19.65
C MET C 79 12.07 -58.58 -18.86
N PHE C 80 13.16 -57.91 -18.47
CA PHE C 80 14.19 -58.61 -17.69
C PHE C 80 14.49 -58.00 -16.34
N LEU C 81 14.07 -56.77 -16.08
CA LEU C 81 14.25 -56.16 -14.78
C LEU C 81 13.15 -55.14 -14.59
N GLN C 82 12.64 -55.04 -13.36
CA GLN C 82 11.54 -54.13 -13.07
C GLN C 82 11.65 -53.58 -11.67
N PHE C 83 11.42 -52.27 -11.50
CA PHE C 83 11.39 -51.68 -10.17
C PHE C 83 9.95 -51.38 -9.84
N ARG C 84 9.37 -52.10 -8.89
CA ARG C 84 8.01 -51.79 -8.45
C ARG C 84 8.16 -51.15 -7.10
N MET C 85 8.34 -51.94 -6.06
CA MET C 85 8.61 -51.40 -4.74
C MET C 85 10.10 -51.51 -4.56
N LYS C 86 10.70 -52.53 -5.14
CA LYS C 86 12.15 -52.73 -5.08
C LYS C 86 12.63 -53.30 -6.40
N ILE C 87 13.93 -53.48 -6.54
CA ILE C 87 14.48 -54.07 -7.77
C ILE C 87 14.09 -55.55 -7.94
N ILE C 88 13.38 -55.86 -9.02
CA ILE C 88 13.01 -57.24 -9.30
C ILE C 88 13.77 -57.65 -10.54
N ASN C 89 14.69 -58.60 -10.38
CA ASN C 89 15.44 -59.16 -11.50
C ASN C 89 14.73 -60.43 -11.92
N LEU C 90 14.22 -60.47 -13.15
CA LEU C 90 13.42 -61.60 -13.60
C LEU C 90 14.26 -62.83 -13.92
N LYS C 91 15.59 -62.68 -13.99
CA LYS C 91 16.49 -63.80 -14.20
C LYS C 91 16.13 -64.59 -15.46
N LEU C 92 15.95 -63.86 -16.56
CA LEU C 92 15.63 -64.52 -17.83
C LEU C 92 16.74 -65.49 -18.20
N GLU C 93 16.34 -66.65 -18.73
CA GLU C 93 17.32 -67.66 -19.11
C GLU C 93 18.32 -67.11 -20.11
N ARG C 94 17.87 -66.21 -21.01
CA ARG C 94 18.76 -65.74 -22.06
C ARG C 94 19.93 -64.93 -21.51
N PHE C 95 19.82 -64.41 -20.29
CA PHE C 95 20.92 -63.63 -19.71
C PHE C 95 21.68 -64.38 -18.63
N GLN C 96 21.25 -65.58 -18.26
CA GLN C 96 21.82 -66.31 -17.13
C GLN C 96 21.66 -65.42 -15.90
N ASP C 97 22.72 -65.17 -15.14
CA ASP C 97 22.69 -64.27 -13.99
C ASP C 97 23.61 -63.09 -14.24
N ARG C 98 23.67 -62.65 -15.49
CA ARG C 98 24.61 -61.59 -15.88
C ARG C 98 24.01 -60.19 -15.79
N VAL C 99 22.69 -60.06 -15.61
CA VAL C 99 22.05 -58.75 -15.46
C VAL C 99 22.18 -58.28 -14.01
N GLU C 100 22.52 -57.01 -13.85
CA GLU C 100 22.50 -56.35 -12.55
C GLU C 100 21.93 -54.95 -12.73
N PHE C 101 21.20 -54.49 -11.72
CA PHE C 101 20.90 -53.07 -11.67
C PHE C 101 22.16 -52.29 -11.35
N SER C 102 22.30 -51.13 -11.97
CA SER C 102 23.50 -50.32 -11.78
C SER C 102 23.16 -48.85 -11.68
N GLY C 103 21.97 -48.55 -11.16
CA GLY C 103 21.53 -47.18 -11.02
C GLY C 103 21.24 -46.77 -9.60
N ASN C 104 20.45 -45.73 -9.47
CA ASN C 104 20.10 -45.13 -8.20
C ASN C 104 18.87 -44.28 -8.49
N PRO C 105 17.66 -44.81 -8.29
CA PRO C 105 16.46 -44.08 -8.75
C PRO C 105 16.33 -42.70 -8.14
N SER C 106 16.68 -42.53 -6.86
CA SER C 106 16.55 -41.23 -6.23
CA SER C 106 16.56 -41.23 -6.22
C SER C 106 17.44 -40.19 -6.87
N LYS C 107 18.53 -40.62 -7.51
CA LYS C 107 19.41 -39.74 -8.28
C LYS C 107 19.10 -39.77 -9.76
N TYR C 108 17.91 -40.26 -10.13
CA TYR C 108 17.42 -40.19 -11.50
C TYR C 108 18.25 -41.05 -12.46
N ASP C 109 18.84 -42.12 -11.94
CA ASP C 109 19.68 -43.01 -12.72
C ASP C 109 19.07 -44.41 -12.64
N VAL C 110 18.74 -44.98 -13.80
CA VAL C 110 18.12 -46.31 -13.86
C VAL C 110 18.94 -47.26 -14.71
N SER C 111 20.25 -47.04 -14.75
CA SER C 111 21.14 -47.83 -15.58
CA SER C 111 21.12 -47.83 -15.60
C SER C 111 21.17 -49.29 -15.14
N VAL C 112 21.50 -50.16 -16.09
CA VAL C 112 21.69 -51.58 -15.83
C VAL C 112 23.09 -51.97 -16.32
N MET C 113 23.54 -53.11 -15.82
CA MET C 113 24.85 -53.67 -16.16
C MET C 113 24.62 -55.07 -16.70
N LEU C 114 25.27 -55.37 -17.81
CA LEU C 114 25.27 -56.71 -18.36
C LEU C 114 26.70 -57.21 -18.29
N ARG C 115 26.98 -58.11 -17.36
CA ARG C 115 28.34 -58.61 -17.18
C ARG C 115 28.71 -59.58 -18.29
N ASN C 116 30.00 -59.58 -18.63
CA ASN C 116 30.60 -60.60 -19.49
C ASN C 116 29.74 -60.81 -20.74
N VAL C 117 29.62 -59.73 -21.52
CA VAL C 117 28.70 -59.69 -22.65
C VAL C 117 29.00 -60.81 -23.63
N GLN C 118 27.94 -61.41 -24.16
CA GLN C 118 28.01 -62.48 -25.14
C GLN C 118 27.43 -62.02 -26.47
N PRO C 119 27.79 -62.67 -27.58
CA PRO C 119 27.26 -62.21 -28.88
C PRO C 119 25.75 -62.21 -28.96
N GLU C 120 25.07 -63.14 -28.29
CA GLU C 120 23.62 -63.20 -28.33
C GLU C 120 22.96 -62.02 -27.62
N ASP C 121 23.71 -61.25 -26.83
CA ASP C 121 23.15 -60.08 -26.16
C ASP C 121 22.90 -58.92 -27.13
N GLU C 122 23.46 -58.97 -28.34
CA GLU C 122 23.17 -57.95 -29.32
C GLU C 122 21.66 -57.80 -29.49
N GLY C 123 21.19 -56.55 -29.55
CA GLY C 123 19.79 -56.28 -29.76
C GLY C 123 19.41 -54.92 -29.21
N ILE C 124 18.12 -54.77 -28.92
CA ILE C 124 17.54 -53.51 -28.49
C ILE C 124 17.13 -53.62 -27.03
N TYR C 125 17.55 -52.65 -26.21
CA TYR C 125 17.16 -52.62 -24.79
C TYR C 125 16.38 -51.35 -24.50
N ASN C 126 15.28 -51.47 -23.76
CA ASN C 126 14.42 -50.29 -23.51
C ASN C 126 14.24 -49.91 -22.04
N CYS C 127 14.55 -48.66 -21.67
CA CYS C 127 14.27 -48.21 -20.30
C CYS C 127 12.94 -47.43 -20.20
N TYR C 128 11.92 -48.04 -19.62
CA TYR C 128 10.60 -47.38 -19.45
C TYR C 128 10.55 -46.79 -18.07
N ILE C 129 9.98 -45.59 -17.92
CA ILE C 129 10.07 -44.92 -16.63
C ILE C 129 8.78 -44.17 -16.36
N MET C 130 8.21 -44.36 -15.17
CA MET C 130 7.11 -43.55 -14.69
C MET C 130 7.47 -43.04 -13.31
N ASN C 131 7.30 -41.74 -13.10
CA ASN C 131 7.63 -41.08 -11.84
C ASN C 131 6.42 -40.29 -11.39
N PRO C 132 5.38 -40.97 -10.86
CA PRO C 132 4.17 -40.27 -10.42
C PRO C 132 4.52 -39.19 -9.39
N PRO C 133 3.81 -38.04 -9.42
CA PRO C 133 2.64 -37.72 -10.25
C PRO C 133 3.00 -37.10 -11.60
N ASP C 134 4.27 -37.16 -12.00
CA ASP C 134 4.64 -36.72 -13.34
C ASP C 134 3.80 -37.49 -14.35
N ARG C 135 3.18 -36.75 -15.28
CA ARG C 135 2.19 -37.38 -16.15
C ARG C 135 2.84 -38.24 -17.22
N HIS C 136 3.94 -37.78 -17.81
CA HIS C 136 4.48 -38.43 -19.00
C HIS C 136 5.42 -39.58 -18.65
N ARG C 137 5.27 -40.67 -19.38
CA ARG C 137 6.11 -41.85 -19.27
C ARG C 137 7.34 -41.64 -20.15
N GLY C 138 8.50 -42.04 -19.64
CA GLY C 138 9.75 -41.94 -20.38
C GLY C 138 10.11 -43.26 -21.05
N HIS C 139 10.86 -43.15 -22.16
CA HIS C 139 11.29 -44.33 -22.89
C HIS C 139 12.66 -44.07 -23.48
N GLY C 140 13.65 -44.86 -23.08
CA GLY C 140 14.97 -44.84 -23.69
C GLY C 140 15.19 -46.14 -24.45
N LYS C 141 15.87 -46.05 -25.59
CA LYS C 141 16.13 -47.22 -26.43
C LYS C 141 17.60 -47.26 -26.79
N ILE C 142 18.28 -48.36 -26.47
CA ILE C 142 19.69 -48.54 -26.76
C ILE C 142 19.85 -49.73 -27.71
N HIS C 143 20.62 -49.53 -28.77
CA HIS C 143 21.02 -50.62 -29.66
C HIS C 143 22.39 -51.09 -29.23
N LEU C 144 22.44 -52.27 -28.62
CA LEU C 144 23.69 -52.85 -28.15
C LEU C 144 24.28 -53.71 -29.25
N GLN C 145 25.53 -53.42 -29.62
CA GLN C 145 26.25 -54.20 -30.62
C GLN C 145 27.47 -54.83 -29.96
N VAL C 146 27.72 -56.10 -30.27
CA VAL C 146 28.79 -56.87 -29.64
C VAL C 146 29.92 -57.03 -30.64
N LEU C 147 31.08 -56.51 -30.30
CA LEU C 147 32.25 -56.55 -31.14
C LEU C 147 33.10 -57.78 -30.84
N MET C 148 33.91 -58.17 -31.82
CA MET C 148 34.78 -59.34 -31.69
C MET C 148 35.78 -59.14 -30.55
C1 NAG D . -20.06 -33.18 -4.97
C2 NAG D . -20.38 -34.34 -5.90
C3 NAG D . -20.24 -35.69 -5.18
C4 NAG D . -18.91 -35.79 -4.44
C5 NAG D . -18.77 -34.57 -3.54
C6 NAG D . -17.47 -34.57 -2.74
C7 NAG D . -22.02 -34.33 -7.71
C8 NAG D . -23.48 -34.41 -8.02
N2 NAG D . -21.72 -34.22 -6.41
O3 NAG D . -20.35 -36.73 -6.16
O4 NAG D . -18.88 -36.99 -3.67
O5 NAG D . -18.80 -33.39 -4.34
O6 NAG D . -16.34 -34.54 -3.62
O7 NAG D . -21.16 -34.38 -8.57
C1 NAG D . -18.01 -37.90 -2.87
C2 NAG D . -18.57 -39.18 -3.47
C3 NAG D . -17.75 -40.36 -2.99
C4 NAG D . -16.29 -40.15 -3.37
C5 NAG D . -15.80 -38.81 -2.83
C6 NAG D . -14.37 -38.53 -3.30
C7 NAG D . -20.94 -39.02 -3.97
C8 NAG D . -21.64 -40.16 -4.63
N2 NAG D . -19.97 -39.35 -3.12
O3 NAG D . -18.23 -41.57 -3.59
O4 NAG D . -15.48 -41.19 -2.82
O5 NAG D . -16.65 -37.75 -3.29
O6 NAG D . -13.85 -37.38 -2.62
O7 NAG D . -21.25 -37.86 -4.18
C1 NAG E . -28.91 -26.71 -22.28
C2 NAG E . -29.72 -26.29 -23.50
C3 NAG E . -30.53 -27.47 -24.01
C4 NAG E . -29.59 -28.64 -24.29
C5 NAG E . -28.74 -28.96 -23.06
C6 NAG E . -27.71 -30.02 -23.32
C7 NAG E . -30.97 -24.26 -24.10
C8 NAG E . -31.85 -23.16 -23.58
N2 NAG E . -30.59 -25.16 -23.19
O3 NAG E . -31.22 -27.12 -25.20
O4 NAG E . -30.36 -29.78 -24.62
O5 NAG E . -28.04 -27.78 -22.63
O6 NAG E . -28.06 -31.26 -22.73
O7 NAG E . -30.64 -24.32 -25.27
C1 NAG E . -31.06 -30.94 -25.17
C2 NAG E . -30.95 -31.39 -26.61
C3 NAG E . -32.07 -32.36 -26.91
C4 NAG E . -32.07 -33.51 -25.91
C5 NAG E . -31.90 -33.05 -24.46
C6 NAG E . -31.51 -34.17 -23.54
C7 NAG E . -30.41 -30.30 -28.73
C8 NAG E . -30.51 -29.04 -29.54
N2 NAG E . -30.96 -30.27 -27.53
O3 NAG E . -31.94 -32.86 -28.24
O4 NAG E . -33.30 -34.22 -26.01
O5 NAG E . -30.89 -32.05 -24.32
O6 NAG E . -30.11 -34.42 -23.63
O7 NAG E . -29.85 -31.30 -29.16
C1 NAG F . -19.20 -42.53 24.92
C2 NAG F . -19.67 -43.87 24.37
C3 NAG F . -20.95 -44.36 25.04
C4 NAG F . -20.78 -44.33 26.55
C5 NAG F . -20.51 -42.89 26.91
C6 NAG F . -20.45 -42.61 28.41
C7 NAG F . -19.30 -44.56 22.07
C8 NAG F . -19.67 -44.41 20.63
N2 NAG F . -19.95 -43.81 22.95
O3 NAG F . -21.23 -45.65 24.51
O4 NAG F . -21.99 -44.74 27.16
O5 NAG F . -19.27 -42.50 26.33
O6 NAG F . -19.22 -42.98 29.03
O7 NAG F . -18.45 -45.35 22.42
C1 NAG F . -21.88 -45.75 28.17
C2 NAG F . -23.10 -45.62 29.09
C3 NAG F . -22.97 -46.61 30.23
C4 NAG F . -22.91 -47.99 29.62
C5 NAG F . -21.83 -48.09 28.56
C6 NAG F . -21.96 -49.41 27.80
C7 NAG F . -24.23 -43.49 29.27
C8 NAG F . -24.42 -42.29 30.10
N2 NAG F . -23.24 -44.29 29.64
O3 NAG F . -24.06 -46.57 31.14
O4 NAG F . -22.65 -48.89 30.70
O5 NAG F . -21.87 -47.05 27.59
O6 NAG F . -20.67 -49.99 27.74
O7 NAG F . -24.95 -43.72 28.33
C1 NAG G . 4.26 -51.09 22.11
C2 NAG G . 2.97 -51.85 22.42
C3 NAG G . 3.15 -53.34 22.12
C4 NAG G . 3.65 -53.53 20.69
C5 NAG G . 4.92 -52.71 20.45
C6 NAG G . 5.39 -52.77 19.02
C7 NAG G . 1.39 -51.13 24.15
C8 NAG G . 1.13 -51.01 25.62
N2 NAG G . 2.56 -51.66 23.81
O3 NAG G . 1.92 -54.02 22.30
O4 NAG G . 3.93 -54.91 20.46
O5 NAG G . 4.66 -51.33 20.75
O6 NAG G . 6.67 -53.40 18.92
O7 NAG G . 0.57 -50.77 23.32
C P5S H . -21.58 39.88 29.90
N P5S H . -19.69 38.34 30.31
O P5S H . -22.29 40.57 29.20
C1 P5S H . -23.83 38.00 24.90
C2 P5S H . -24.85 37.42 25.86
C3 P5S H . -24.17 36.31 26.65
CA P5S H . -20.67 38.82 29.30
CB P5S H . -21.45 37.63 28.70
OG P5S H . -22.83 37.90 28.47
P12 P5S H . -24.03 37.09 29.16
O13 P5S H . -23.61 36.25 30.26
O15 P5S H . -25.11 38.14 29.71
O16 P5S H . -24.69 36.24 27.97
O19 P5S H . -23.62 37.17 23.78
O37 P5S H . -25.95 36.88 25.14
C38 P5S H . -26.94 37.87 24.83
C39 P5S H . -27.74 37.75 23.57
C40 P5S H . -29.15 37.41 23.96
C41 P5S H . -29.49 36.01 23.51
C42 P5S H . -30.98 35.92 23.30
C43 P5S H . -31.42 34.53 23.66
C44 P5S H . -32.04 34.49 25.04
C45 P5S H . -32.11 33.05 25.49
C46 P5S H . -32.07 32.98 27.01
O47 P5S H . -27.12 38.80 25.60
C48 P5S H . -31.63 31.62 27.51
C49 P5S H . -32.75 30.61 27.36
C50 P5S H . -33.15 30.04 28.70
C51 P5S H . -33.28 28.54 28.63
C52 P5S H . -34.22 28.09 29.74
C53 P5S H . -33.84 26.71 30.23
C54 P5S H . -35.04 25.78 30.24
C55 P5S H . -35.67 25.63 31.62
C56 P5S H . -34.65 25.27 32.68
OXT P5S H . -21.63 40.14 31.18
CAA Y01 I . -33.97 15.88 14.34
CBA Y01 I . -33.53 15.14 13.07
CAB Y01 I . -34.67 14.23 12.60
CAN Y01 I . -33.21 16.17 11.98
CAJ Y01 I . -32.00 16.99 12.40
CAO Y01 I . -31.67 18.02 11.30
CBB Y01 I . -30.46 18.84 11.72
CAC Y01 I . -29.23 17.94 11.81
CBE Y01 I . -30.22 19.95 10.69
CAP Y01 I . -31.43 20.90 10.62
CAQ Y01 I . -30.90 22.32 10.93
CBG Y01 I . -29.42 22.22 10.56
CBI Y01 I . -29.05 20.82 11.12
CAE Y01 I . -28.98 20.89 12.65
CAU Y01 I . -27.68 20.46 10.56
CAS Y01 I . -26.68 21.48 11.12
CBF Y01 I . -27.07 22.92 10.78
CBD Y01 I . -28.51 23.24 11.21
CAK Y01 I . -28.85 24.64 10.71
CAI Y01 I . -27.83 25.61 11.22
CAZ Y01 I . -26.62 25.28 11.54
CAV Y01 I . -25.68 26.36 12.04
CBH Y01 I . -26.09 23.88 11.43
CAD Y01 I . -25.78 23.37 12.84
CAT Y01 I . -24.77 23.90 10.64
CAR Y01 I . -23.81 24.88 11.29
CBC Y01 I . -24.38 26.29 11.22
OAW Y01 I . -23.43 27.25 11.75
CAY Y01 I . -23.45 28.48 11.25
OAG Y01 I . -24.24 28.78 10.39
CAM Y01 I . -22.48 29.52 11.76
CAL Y01 I . -22.71 30.84 11.02
CAX Y01 I . -21.74 31.88 11.53
OAH Y01 I . -21.76 33.12 11.02
OAF Y01 I . -20.95 31.59 12.40
CAA Y01 J . -41.03 25.05 20.98
CBA Y01 J . -40.31 25.26 22.31
CAB Y01 J . -40.70 24.15 23.29
CAN Y01 J . -38.80 25.24 22.08
CAJ Y01 J . -38.39 26.42 21.21
CAO Y01 J . -36.87 26.40 20.98
CBB Y01 J . -36.47 27.58 20.11
CAC Y01 J . -36.74 28.89 20.86
CBE Y01 J . -34.98 27.48 19.78
CAP Y01 J . -34.69 26.19 18.98
CAQ Y01 J . -34.04 26.63 17.63
CBG Y01 J . -33.45 28.00 17.99
CBI Y01 J . -34.57 28.62 18.85
CAE Y01 J . -35.75 29.02 17.95
CAU Y01 J . -33.99 29.85 19.52
CAS Y01 J . -33.65 30.86 18.41
CBF Y01 J . -32.68 30.26 17.38
CBD Y01 J . -33.19 28.93 16.82
CAK Y01 J . -32.11 28.34 15.91
CAI Y01 J . -31.75 29.35 14.85
CAZ Y01 J . -31.90 30.63 15.01
CAV Y01 J . -31.48 31.55 13.88
CBH Y01 J . -32.44 31.26 16.27
CAD Y01 J . -33.78 31.91 15.91
CAT Y01 J . -31.50 32.36 16.74
CAR Y01 J . -31.24 33.35 15.59
CBC Y01 J . -30.55 32.63 14.43
OAW Y01 J . -30.24 33.58 13.39
CAY Y01 J . -29.16 33.33 12.64
OAG Y01 J . -28.49 32.34 12.85
CAM Y01 J . -28.77 34.27 11.53
CAL Y01 J . -27.51 33.76 10.83
CAX Y01 J . -27.12 34.71 9.73
OAH Y01 J . -26.04 34.45 8.97
OAF Y01 J . -27.78 35.70 9.52
CAA Y01 K . -21.97 13.22 -17.24
CBA Y01 K . -23.19 12.28 -16.90
CAB Y01 K . -22.71 10.93 -16.24
CAN Y01 K . -24.22 13.00 -15.98
CAJ Y01 K . -23.57 13.31 -14.60
CAO Y01 K . -23.95 14.64 -13.85
CBB Y01 K . -23.32 15.94 -14.37
CAC Y01 K . -24.13 16.46 -15.56
CBE Y01 K . -23.31 16.98 -13.26
CAP Y01 K . -22.46 16.49 -12.06
CAQ Y01 K . -21.35 17.56 -11.84
CBG Y01 K . -21.97 18.82 -12.45
CBI Y01 K . -22.62 18.26 -13.75
CAE Y01 K . -21.54 17.91 -14.76
CAU Y01 K . -23.52 19.34 -14.30
CAS Y01 K . -22.62 20.52 -14.71
CBF Y01 K . -21.78 21.02 -13.53
CBD Y01 K . -20.98 19.90 -12.87
CAK Y01 K . -20.28 20.47 -11.64
CAI Y01 K . -19.43 21.64 -12.04
CAZ Y01 K . -19.70 22.37 -13.09
CAV Y01 K . -18.78 23.54 -13.39
CBH Y01 K . -20.85 22.12 -14.01
CAD Y01 K . -20.28 21.72 -15.38
CAT Y01 K . -21.63 23.43 -14.21
CAR Y01 K . -20.68 24.53 -14.67
CBC Y01 K . -19.63 24.80 -13.59
OAW Y01 K . -18.77 25.90 -14.04
CAY Y01 K . -17.72 26.25 -13.11
OAG Y01 K . -17.62 25.67 -12.08
CAM Y01 K . -16.71 27.39 -13.48
CAL Y01 K . -15.62 27.62 -12.39
CAX Y01 K . -14.52 28.63 -12.83
OAH Y01 K . -13.58 28.92 -12.04
OAF Y01 K . -14.56 29.17 -13.98
C01 9Z9 L . 2.86 14.08 -2.86
C02 9Z9 L . 4.32 13.69 -2.60
C03 9Z9 L . 4.50 12.17 -2.69
C04 9Z9 L . 4.51 11.91 -4.23
C05 9Z9 L . 4.91 13.25 -4.90
C06 9Z9 L . 5.23 14.19 -3.74
C07 9Z9 L . 4.95 15.66 -3.97
C08 9Z9 L . 5.35 16.41 -2.69
C09 9Z9 L . 4.62 15.85 -1.46
C10 9Z9 L . 4.80 14.34 -1.31
C11 9Z9 L . 5.08 17.90 -2.81
C12 9Z9 L . 3.61 18.15 -2.49
C13 9Z9 L . 5.36 18.44 -4.19
C14 9Z9 L . 5.67 17.69 -5.21
C15 9Z9 L . 5.79 16.19 -5.13
C16 9Z9 L . 5.27 19.94 -4.38
C17 9Z9 L . 6.13 20.63 -3.32
C18 9Z9 L . 5.68 20.16 -1.94
C19 9Z9 L . 5.93 18.67 -1.80
O20 9Z9 L . 5.98 22.03 -3.43
C21 9Z9 L . 6.91 22.67 -4.31
C22 9Z9 L . 6.66 24.18 -4.34
C23 9Z9 L . 7.66 24.84 -5.28
C24 9Z9 L . 7.42 24.36 -6.72
O25 9Z9 L . 8.42 24.89 -7.57
C26 9Z9 L . 8.28 24.50 -8.93
C48 9Z9 L . 7.48 26.36 -5.21
O49 9Z9 L . 8.51 26.99 -6.00
C50 9Z9 L . 8.43 28.42 -6.00
O72 9Z9 L . 3.12 11.63 -4.55
C73 9Z9 L . 2.63 10.84 -3.46
C74 9Z9 L . 3.22 11.47 -2.19
C75 9Z9 L . 3.57 10.39 -1.17
C76 9Z9 L . 1.10 10.91 -3.42
C77 9Z9 L . 0.53 10.23 -4.66
C78 9Z9 L . 1.06 8.80 -4.74
C79 9Z9 L . 2.58 8.83 -4.76
O80 9Z9 L . 3.06 9.50 -3.59
C81 9Z9 L . 0.54 8.13 -6.01
CAA Y01 M . 17.68 -1.54 -16.80
CBA Y01 M . 16.21 -1.75 -16.43
CAB Y01 M . 15.38 -0.58 -16.99
CAN Y01 M . 15.72 -3.07 -17.04
CAJ Y01 M . 16.47 -4.23 -16.41
CAO Y01 M . 15.97 -5.55 -17.01
CBB Y01 M . 16.71 -6.72 -16.37
CAC Y01 M . 16.35 -6.80 -14.89
CBE Y01 M . 16.32 -8.03 -17.07
CAP Y01 M . 16.71 -7.97 -18.56
CAQ Y01 M . 17.65 -9.19 -18.81
CBG Y01 M . 17.25 -10.16 -17.69
CBI Y01 M . 17.10 -9.20 -16.48
CAE Y01 M . 18.47 -8.73 -16.01
CAU Y01 M . 16.41 -9.98 -15.38
CAS Y01 M . 17.38 -11.10 -14.95
CBF Y01 M . 17.75 -11.99 -16.13
CBD Y01 M . 18.30 -11.19 -17.31
CAK Y01 M . 18.51 -12.15 -18.49
CAI Y01 M . 19.42 -13.27 -18.06
CAZ Y01 M . 19.52 -13.66 -16.82
CAV Y01 M . 20.46 -14.80 -16.49
CBH Y01 M . 18.77 -13.04 -15.68
CAD Y01 M . 19.77 -12.35 -14.75
CAT Y01 M . 18.06 -14.13 -14.87
CAR Y01 M . 19.09 -15.19 -14.44
CBC Y01 M . 19.69 -15.85 -15.68
OAW Y01 M . 20.60 -16.91 -15.27
CAY Y01 M . 20.73 -17.95 -16.09
OAG Y01 M . 20.11 -17.99 -17.13
CAM Y01 M . 21.66 -19.08 -15.73
CAL Y01 M . 21.63 -20.14 -16.84
CAX Y01 M . 22.56 -21.28 -16.48
OAH Y01 M . 22.68 -22.33 -17.30
OAF Y01 M . 23.17 -21.24 -15.44
C1 NAG N . -38.02 -32.37 -8.13
C2 NAG N . -39.38 -32.67 -8.76
C3 NAG N . -39.89 -34.05 -8.37
C4 NAG N . -38.80 -34.82 -7.64
C5 NAG N . -38.35 -34.05 -6.41
C6 NAG N . -37.19 -34.76 -5.72
C7 NAG N . -40.41 -30.49 -9.03
C8 NAG N . -40.59 -29.29 -8.16
N2 NAG N . -40.36 -31.66 -8.40
O3 NAG N . -40.28 -34.76 -9.55
O4 NAG N . -39.29 -36.10 -7.24
O5 NAG N . -37.95 -32.71 -6.74
O6 NAG N . -36.93 -34.15 -4.45
O7 NAG N . -40.31 -30.40 -10.25
CAA Y01 O . -2.86 -6.97 -33.43
CBA Y01 O . -1.69 -6.23 -32.69
CAB Y01 O . -1.89 -4.67 -32.74
CAN Y01 O . -1.57 -6.72 -31.21
CAJ Y01 O . -2.86 -6.32 -30.43
CAO Y01 O . -3.42 -7.28 -29.31
CBB Y01 O . -4.16 -8.53 -29.80
CAC Y01 O . -3.15 -9.62 -30.16
CBE Y01 O . -5.09 -9.03 -28.68
CAP Y01 O . -6.14 -7.95 -28.33
CAQ Y01 O . -7.53 -8.61 -28.54
CBG Y01 O . -7.23 -10.10 -28.39
CBI Y01 O . -5.89 -10.24 -29.16
CAE Y01 O . -6.15 -10.11 -30.67
CAU Y01 O . -5.32 -11.60 -28.85
CAS Y01 O . -6.29 -12.64 -29.43
CBF Y01 O . -7.70 -12.48 -28.87
CBD Y01 O . -8.22 -11.05 -29.06
CAK Y01 O . -9.58 -10.94 -28.35
CAI Y01 O . -10.50 -11.99 -28.88
CAZ Y01 O . -10.08 -13.10 -29.39
CAV Y01 O . -11.12 -14.10 -29.89
CBH Y01 O . -8.64 -13.48 -29.53
CAD Y01 O . -8.29 -13.54 -31.02
CAT Y01 O . -8.41 -14.87 -28.94
CAR Y01 O . -9.37 -15.86 -29.60
CBC Y01 O . -10.82 -15.47 -29.28
OAW Y01 O . -11.71 -16.47 -29.88
CAY Y01 O . -13.11 -16.22 -29.66
OAG Y01 O . -13.46 -15.27 -29.04
CAM Y01 O . -14.17 -17.20 -30.28
CAL Y01 O . -15.65 -16.76 -29.98
CAX Y01 O . -16.70 -17.63 -30.73
OAH Y01 O . -17.93 -17.39 -30.58
OAF Y01 O . -16.33 -18.58 -31.49
NA NA P . 0.17 -11.42 -3.33
C1 LPE Q . -35.89 3.55 -12.23
O1 LPE Q . -35.30 4.59 -13.01
C2 LPE Q . -36.33 2.43 -13.16
O2H LPE Q . -35.15 1.76 -13.64
C3 LPE Q . -37.23 1.45 -12.41
C11 LPE Q . -34.05 4.99 -12.46
C12 LPE Q . -34.33 5.98 -11.34
O3 LPE Q . -37.81 0.48 -13.29
P LPE Q . -37.07 -0.94 -13.48
O31 LPE Q . -35.91 -0.73 -14.41
O32 LPE Q . -36.86 -1.52 -12.11
O33 LPE Q . -38.15 -1.84 -14.26
C31 LPE Q . -39.35 -2.27 -13.65
C32 LPE Q . -39.41 -3.80 -13.63
N LPE Q . -40.71 -4.28 -13.12
C1N LPE Q . -40.58 -5.65 -12.60
C2N LPE Q . -41.17 -3.39 -12.03
C3N LPE Q . -41.70 -4.26 -14.21
C13 LPE Q . -33.95 7.39 -11.77
C14 LPE Q . -32.50 7.70 -11.44
C15 LPE Q . -32.25 9.19 -11.68
C16 LPE Q . -31.02 9.69 -10.92
C17 LPE Q . -30.74 11.14 -11.27
C18 LPE Q . -29.63 11.73 -10.40
C19 LPE Q . -28.40 10.85 -10.45
C1 LPE R . -28.18 -0.32 -0.62
O1 LPE R . -26.82 0.04 -0.37
C2 LPE R . -28.24 -1.70 -1.24
O2H LPE R . -27.46 -2.61 -0.47
C3 LPE R . -29.67 -2.23 -1.25
C11 LPE R . -26.66 1.45 -0.39
C12 LPE R . -25.40 1.78 0.39
O3 LPE R . -29.61 -3.49 -1.91
P LPE R . -30.44 -4.79 -1.45
O31 LPE R . -31.80 -4.72 -2.11
O32 LPE R . -29.55 -5.99 -1.65
O33 LPE R . -30.65 -4.60 0.14
C31 LPE R . -30.72 -5.75 0.98
C32 LPE R . -32.10 -6.38 0.88
N LPE R . -32.20 -7.53 1.78
C13 LPE R . -24.63 2.88 -0.31
C14 LPE R . -23.38 3.26 0.45
C15 LPE R . -22.62 4.31 -0.32
C16 LPE R . -22.16 5.43 0.59
C17 LPE R . -21.12 4.96 1.59
C18 LPE R . -20.68 6.12 2.45
C19 LPE R . -20.12 7.25 1.61
C20 LPE R . -19.71 8.46 2.46
C21 LPE R . -18.41 8.21 3.20
C22 LPE R . -17.94 9.47 3.92
CAA 1PW S . -19.17 14.07 3.75
CAJ 1PW S . -19.33 12.77 2.99
CAL 1PW S . -18.24 12.49 1.97
CAN 1PW S . -16.82 12.47 2.50
CAP 1PW S . -15.74 12.71 1.46
CAR 1PW S . -15.70 11.72 0.30
CAT 1PW S . -14.32 11.57 -0.30
CAU 1PW S . -14.18 10.44 -1.30
CAS 1PW S . -12.72 10.15 -1.67
CAQ 1PW S . -12.53 9.32 -2.92
CAO 1PW S . -12.88 7.85 -2.76
CAM 1PW S . -11.90 7.04 -1.93
CAK 1PW S . -11.70 5.61 -2.41
CAH 1PW S . -11.02 4.76 -1.41
CAI 1PW S . -9.86 4.16 -1.56
CAZ 1PW S . -9.02 3.67 -0.43
OAE 1PW S . -9.76 2.76 0.35
CBA 1PW S . -7.69 3.01 -0.85
CAV 1PW S . -6.99 2.41 0.36
OAX 1PW S . -6.60 3.40 1.31
PBB 1PW S . -6.26 2.93 2.83
OAF 1PW S . -5.24 1.82 2.64
OAG 1PW S . -7.59 2.46 3.40
OAD 1PW S . -5.69 4.12 3.56
C1 LPE T . -29.80 7.05 -6.73
O1 LPE T . -29.46 8.39 -6.41
C2 LPE T . -31.29 6.85 -6.54
O2H LPE T . -32.03 7.56 -7.55
C3 LPE T . -31.62 5.38 -6.66
C11 LPE T . -28.27 8.79 -7.08
C12 LPE T . -27.23 9.22 -6.04
O3 LPE T . -32.86 5.16 -5.99
P LPE T . -34.23 4.88 -6.78
O31 LPE T . -35.32 5.57 -6.00
O32 LPE T . -34.04 5.22 -8.24
O33 LPE T . -34.39 3.29 -6.62
C31 LPE T . -35.28 2.52 -7.41
C32 LPE T . -35.32 1.09 -6.87
N LPE T . -36.13 0.18 -7.70
C1N LPE T . -36.59 -0.97 -6.91
C2N LPE T . -37.32 0.89 -8.22
C3N LPE T . -35.33 -0.30 -8.83
C13 LPE T . -25.94 9.62 -6.74
C14 LPE T . -24.93 10.17 -5.72
C1 PCW U . -33.18 -2.38 -6.01
C2 PCW U . -31.73 -2.11 -5.66
C3 PCW U . -30.85 -3.12 -6.40
C4 PCW U . -37.01 -5.10 -5.50
C5 PCW U . -38.20 -4.87 -6.42
C6 PCW U . -37.47 -6.99 -7.35
C7 PCW U . -39.53 -6.02 -8.03
C8 PCW U . -37.48 -5.00 -8.72
C11 PCW U . -28.57 -3.76 -5.61
C12 PCW U . -27.15 -3.35 -5.30
C13 PCW U . -27.12 -1.94 -4.76
C14 PCW U . -25.71 -1.50 -4.46
C15 PCW U . -25.74 -0.07 -4.00
C16 PCW U . -24.44 0.64 -4.26
C17 PCW U . -23.34 -0.05 -3.49
C18 PCW U . -22.01 0.53 -3.89
C19 PCW U . -21.97 2.00 -3.61
C20 PCW U . -20.81 2.64 -3.64
C21 PCW U . -19.56 1.90 -3.96
C22 PCW U . -18.30 2.73 -3.71
C23 PCW U . -18.20 4.06 -4.44
C24 PCW U . -16.78 4.59 -4.26
C25 PCW U . -16.62 5.99 -4.83
C26 PCW U . -15.21 6.30 -5.33
C27 PCW U . -15.31 6.93 -6.72
C28 PCW U . -14.02 7.56 -7.20
C31 PCW U . -30.89 0.02 -4.92
C32 PCW U . -29.79 1.04 -5.14
C33 PCW U . -29.64 1.96 -3.93
C34 PCW U . -28.35 2.76 -4.02
C35 PCW U . -28.14 3.27 -5.44
C36 PCW U . -26.74 3.83 -5.64
C37 PCW U . -26.48 3.90 -7.14
C38 PCW U . -25.03 4.26 -7.45
C39 PCW U . -24.79 5.70 -7.11
C40 PCW U . -23.75 6.06 -6.36
C41 PCW U . -22.80 5.03 -5.83
C42 PCW U . -21.54 5.77 -5.41
C43 PCW U . -21.76 6.48 -4.08
C44 PCW U . -21.08 7.85 -4.11
C45 PCW U . -20.95 8.44 -2.73
C46 PCW U . -19.79 7.79 -2.00
C47 PCW U . -18.46 8.43 -2.36
N PCW U . -38.15 -5.71 -7.62
O2 PCW U . -31.37 -0.77 -6.03
O3 PCW U . -29.47 -2.81 -6.23
O11 PCW U . -28.95 -4.88 -5.36
O31 PCW U . -31.37 -0.14 -3.81
O1P PCW U . -34.27 -5.98 -5.30
O2P PCW U . -34.12 -4.65 -7.53
O3P PCW U . -33.61 -3.54 -5.33
O4P PCW U . -35.97 -4.19 -5.87
P PCW U . -34.47 -4.70 -6.07
C1 LPE V . -17.81 9.54 12.63
O1 LPE V . -17.06 10.16 11.60
C2 LPE V . -17.98 8.08 12.35
O2H LPE V . -17.29 7.35 13.37
C3 LPE V . -19.49 7.87 12.32
C11 LPE V . -16.99 11.56 11.92
C12 LPE V . -15.56 12.06 11.84
O3 LPE V . -19.82 6.50 12.40
P LPE V . -20.83 5.81 11.36
O31 LPE V . -20.66 6.46 10.00
O32 LPE V . -22.21 5.78 11.97
O33 LPE V . -20.19 4.35 11.43
C31 LPE V . -20.86 3.17 11.09
C32 LPE V . -21.60 3.40 9.79
N LPE V . -22.98 3.03 9.99
C1N LPE V . -23.88 4.12 9.65
C2N LPE V . -23.25 1.89 9.09
C3N LPE V . -23.31 2.57 11.35
C13 LPE V . -15.00 12.43 13.21
C14 LPE V . -15.21 11.32 14.24
C15 LPE V . -14.51 11.61 15.56
C16 LPE V . -13.87 10.42 16.27
C1 LPE W . -19.43 18.21 12.52
O1 LPE W . -19.52 16.96 13.18
C2 LPE W . -18.59 19.18 13.33
O2H LPE W . -17.22 19.04 12.94
C3 LPE W . -18.98 20.60 12.99
C11 LPE W . -18.45 16.06 12.92
C12 LPE W . -18.93 14.88 12.10
O3 LPE W . -18.10 21.49 13.65
P LPE W . -17.12 22.45 12.82
O31 LPE W . -17.80 22.93 11.56
O32 LPE W . -15.77 21.82 12.72
O33 LPE W . -17.01 23.73 13.77
C31 LPE W . -16.09 24.76 13.44
C32 LPE W . -15.03 24.76 14.53
N LPE W . -15.10 25.99 15.33
C1N LPE W . -14.06 25.93 16.36
C2N LPE W . -14.85 27.13 14.44
C3N LPE W . -16.40 26.14 15.98
C13 LPE W . -20.07 14.14 12.78
C14 LPE W . -20.48 12.93 11.96
C15 LPE W . -21.83 12.37 12.38
C16 LPE W . -22.11 11.09 11.63
C17 LPE W . -23.51 10.58 11.93
C18 LPE W . -23.74 9.21 11.28
C19 LPE W . -25.03 8.59 11.77
C20 LPE W . -25.25 7.20 11.16
C21 LPE W . -26.34 6.47 11.93
C22 LPE W . -26.87 5.26 11.17
C1 PCW X . 16.97 -20.69 3.23
C2 PCW X . 17.41 -19.68 2.20
C3 PCW X . 18.14 -20.41 1.08
C4 PCW X . 13.92 -24.64 3.01
C5 PCW X . 12.62 -24.42 2.23
C6 PCW X . 10.71 -23.09 2.46
C7 PCW X . 10.64 -25.30 3.24
C8 PCW X . 11.93 -23.60 4.40
C11 PCW X . 18.85 -19.37 -1.08
C12 PCW X . 19.44 -18.20 -1.82
C13 PCW X . 18.57 -16.96 -1.64
C14 PCW X . 19.04 -15.87 -2.58
C15 PCW X . 18.22 -14.62 -2.34
C16 PCW X . 18.64 -13.49 -3.28
C17 PCW X . 17.91 -12.21 -2.90
C18 PCW X . 18.17 -11.13 -3.93
C19 PCW X . 17.42 -9.89 -3.52
C20 PCW X . 17.44 -8.79 -4.26
C21 PCW X . 18.21 -8.71 -5.54
C22 PCW X . 17.55 -7.73 -6.50
C23 PCW X . 17.27 -6.39 -5.83
C24 PCW X . 16.83 -5.33 -6.83
C25 PCW X . 17.93 -5.09 -7.85
C26 PCW X . 17.57 -3.98 -8.84
C31 PCW X . 15.97 -17.75 2.38
C32 PCW X . 15.06 -16.74 1.79
C33 PCW X . 15.81 -15.42 1.77
C34 PCW X . 14.88 -14.27 1.52
C35 PCW X . 15.68 -13.01 1.75
C36 PCW X . 14.85 -11.77 1.59
C37 PCW X . 14.96 -11.33 0.16
C38 PCW X . 15.14 -9.82 0.08
C39 PCW X . 13.81 -9.15 0.30
C40 PCW X . 13.76 -7.83 0.23
C41 PCW X . 15.01 -7.03 -0.04
C42 PCW X . 14.62 -5.59 -0.27
C43 PCW X . 14.18 -5.39 -1.71
N PCW X . 11.49 -24.11 3.10
O2 PCW X . 16.26 -19.00 1.70
O3 PCW X . 18.93 -19.47 0.35
O11 PCW X . 18.28 -20.25 -1.69
O31 PCW X . 16.48 -17.55 3.44
O1P PCW X . 15.30 -22.85 4.61
O2P PCW X . 17.32 -23.78 3.26
O3P PCW X . 16.20 -21.68 2.60
O4P PCW X . 14.97 -23.91 2.39
P PCW X . 15.99 -23.09 3.30
N P5S Y . 20.30 18.07 11.46
C1 P5S Y . 20.97 14.39 18.69
C2 P5S Y . 20.74 13.92 17.26
C3 P5S Y . 20.95 15.12 16.35
CA P5S Y . 19.02 17.89 12.12
CB P5S Y . 19.40 17.30 13.45
OG P5S Y . 20.23 16.17 13.17
P12 P5S Y . 21.53 15.92 14.04
O13 P5S Y . 22.56 15.28 13.17
O15 P5S Y . 21.82 17.11 14.90
O16 P5S Y . 20.76 14.88 14.96
C17 P5S Y . 19.86 13.01 20.48
O18 P5S Y . 19.10 13.91 20.79
O19 P5S Y . 20.92 13.23 19.53
C20 P5S Y . 19.71 11.60 21.01
C21 P5S Y . 18.55 11.54 21.97
C22 P5S Y . 18.28 10.11 22.37
C23 P5S Y . 17.90 9.29 21.16
C24 P5S Y . 17.57 7.89 21.65
C25 P5S Y . 17.14 6.90 20.57
C26 P5S Y . 18.22 6.69 19.53
C27 P5S Y . 17.74 5.58 18.63
C28 P5S Y . 17.31 5.84 17.40
C29 P5S Y . 16.84 4.67 16.56
C30 P5S Y . 15.32 4.70 16.58
C31 P5S Y . 14.71 3.59 15.74
C32 P5S Y . 13.20 3.67 15.84
C33 P5S Y . 12.72 5.04 15.36
C34 P5S Y . 11.21 5.16 15.51
C35 P5S Y . 10.78 4.99 16.96
O37 P5S Y . 19.40 13.41 17.14
C38 P5S Y . 19.29 11.97 17.33
C39 P5S Y . 18.02 11.28 17.77
C40 P5S Y . 16.82 11.38 16.83
C41 P5S Y . 15.73 10.61 17.53
C42 P5S Y . 14.43 10.53 16.76
C43 P5S Y . 13.39 9.75 17.56
C44 P5S Y . 12.07 9.60 16.80
C45 P5S Y . 11.04 8.87 17.64
C46 P5S Y . 11.55 7.50 18.01
O47 P5S Y . 20.28 11.27 17.17
C1 PCW Z . 17.46 15.85 24.06
C2 PCW Z . 17.15 14.38 23.90
C3 PCW Z . 17.69 13.72 25.16
C4 PCW Z . 22.11 17.58 24.69
C5 PCW Z . 23.47 17.00 24.49
C6 PCW Z . 23.56 15.67 22.47
C7 PCW Z . 23.00 17.97 22.32
C8 PCW Z . 25.23 17.32 22.96
C11 PCW Z . 18.16 11.60 26.29
C12 PCW Z . 18.10 10.10 26.34
C13 PCW Z . 16.85 9.67 25.60
C14 PCW Z . 16.71 8.16 25.65
C15 PCW Z . 16.47 7.71 27.07
C16 PCW Z . 16.55 6.20 27.17
C17 PCW Z . 15.48 5.48 26.38
C18 PCW Z . 15.80 4.00 26.37
C19 PCW Z . 14.66 3.23 25.77
C20 PCW Z . 14.87 2.15 25.03
C21 PCW Z . 16.24 1.62 24.75
C22 PCW Z . 16.20 0.10 24.76
C23 PCW Z . 15.15 -0.49 23.83
C24 PCW Z . 15.22 -2.00 23.94
C25 PCW Z . 13.93 -2.70 23.51
C26 PCW Z . 13.72 -2.68 22.00
C27 PCW Z . 12.57 -3.59 21.62
C31 PCW Z . 15.33 13.36 22.69
C32 PCW Z . 14.63 12.08 23.09
C33 PCW Z . 14.53 11.06 21.98
C34 PCW Z . 14.05 9.78 22.65
C35 PCW Z . 13.82 8.65 21.67
C36 PCW Z . 13.74 7.34 22.43
C37 PCW Z . 13.45 6.22 21.43
C38 PCW Z . 13.71 4.86 22.06
C39 PCW Z . 13.48 3.79 21.02
N PCW Z . 23.80 16.99 23.07
O2 PCW Z . 15.74 14.25 23.76
O3 PCW Z . 17.59 12.30 25.18
O11 PCW Z . 18.70 12.24 27.18
O31 PCW Z . 15.52 13.66 21.53
O1P PCW Z . 19.64 17.75 23.22
O2P PCW Z . 20.31 15.29 22.93
O3P PCW Z . 18.73 15.97 24.70
O4P PCW Z . 21.16 16.54 24.87
P PCW Z . 19.97 16.42 23.81
C1 LPE AA . 4.79 12.28 20.49
O1 LPE AA . 3.61 11.65 20.95
C2 LPE AA . 5.14 13.51 21.31
O2H LPE AA . 6.44 14.01 20.95
C3 LPE AA . 4.13 14.57 20.97
C11 LPE AA . 3.90 10.30 21.28
C12 LPE AA . 2.93 9.39 20.56
O3 LPE AA . 2.93 14.31 21.68
P LPE AA . 1.94 15.56 21.80
O31 LPE AA . 1.42 15.79 20.42
O32 LPE AA . 0.96 15.32 22.93
O33 LPE AA . 2.99 16.71 22.22
C31 LPE AA . 2.59 18.01 22.62
C32 LPE AA . 2.88 18.25 24.09
N LPE AA . 1.81 19.08 24.66
C1N LPE AA . 1.81 20.40 24.04
C2N LPE AA . 0.51 18.46 24.39
C3N LPE AA . 1.98 19.21 26.11
C13 LPE AA . 3.09 9.49 19.06
C14 LPE AA . 2.11 8.52 18.44
C15 LPE AA . 2.00 8.64 16.94
C16 LPE AA . 0.80 7.79 16.58
C17 LPE AA . 0.60 7.60 15.09
C18 LPE AA . -0.46 6.53 14.92
C19 LPE AA . -0.74 6.19 13.48
C1 LPE BA . 11.61 18.40 23.49
O1 LPE BA . 11.45 17.32 24.39
C2 LPE BA . 12.11 19.61 24.29
O2H LPE BA . 13.31 20.05 23.73
C3 LPE BA . 11.08 20.74 24.24
C11 LPE BA . 10.71 16.22 23.88
C12 LPE BA . 11.43 15.71 22.61
O3 LPE BA . 11.61 21.90 24.85
P LPE BA . 10.85 22.53 26.18
O31 LPE BA . 10.13 21.41 26.89
O32 LPE BA . 11.89 23.11 27.11
O33 LPE BA . 9.76 23.71 25.78
C31 LPE BA . 9.29 24.58 26.80
C32 LPE BA . 7.85 24.14 27.19
N LPE BA . 7.32 24.93 28.33
C1N LPE BA . 5.96 24.48 28.69
C2N LPE BA . 8.19 24.63 29.50
C3N LPE BA . 7.18 26.33 27.89
C13 LPE BA . 10.52 14.78 21.77
C14 LPE BA . 9.78 13.73 22.65
C15 LPE BA . 10.43 12.34 22.53
C16 LPE BA . 9.44 11.19 22.86
C17 LPE BA . 9.46 10.08 21.79
C18 LPE BA . 8.40 8.98 22.06
C19 LPE BA . 8.97 7.55 21.93
C1 LPE CA . -6.56 -4.88 22.13
O1 LPE CA . -5.69 -3.99 21.45
C2 LPE CA . -6.03 -6.30 22.03
O2H LPE CA . -4.67 -6.35 22.50
C3 LPE CA . -6.90 -7.22 22.86
C11 LPE CA . -6.15 -2.65 21.50
C12 LPE CA . -4.96 -1.70 21.44
O3 LPE CA . -6.38 -8.54 22.76
P LPE CA . -6.18 -9.42 24.10
O31 LPE CA . -5.71 -8.51 25.20
O32 LPE CA . -5.36 -10.62 23.73
O33 LPE CA . -7.65 -9.95 24.49
C31 LPE CA . -7.72 -11.01 25.44
C32 LPE CA . -9.15 -11.24 25.93
N LPE CA . -9.13 -12.32 26.94
C1N LPE CA . -8.73 -13.58 26.32
C2N LPE CA . -8.16 -11.98 27.99
C3N LPE CA . -10.45 -12.46 27.54
C13 LPE CA . -5.43 -0.25 21.45
C14 LPE CA . -6.24 0.06 20.20
C15 LPE CA . -5.41 -0.13 18.95
C16 LPE CA . -6.20 0.21 17.69
C17 LPE CA . -5.36 0.09 16.43
C18 LPE CA . -4.18 1.05 16.46
C19 LPE CA . -4.64 2.50 16.43
C1 LPE DA . -13.57 -9.71 26.98
O1 LPE DA . -13.12 -8.91 25.89
C2 LPE DA . -14.33 -10.93 26.49
O2H LPE DA . -15.55 -10.51 25.87
C3 LPE DA . -13.46 -11.70 25.49
C11 LPE DA . -11.98 -8.15 26.27
C12 LPE DA . -11.82 -6.95 25.35
O3 LPE DA . -14.09 -12.93 25.17
P LPE DA . -13.32 -14.03 24.29
O31 LPE DA . -13.76 -13.88 22.84
O32 LPE DA . -11.85 -13.98 24.64
O33 LPE DA . -13.92 -15.41 24.86
C31 LPE DA . -14.06 -15.59 26.26
C32 LPE DA . -15.04 -16.73 26.51
N LPE DA . -15.38 -16.80 27.95
C1N LPE DA . -14.16 -17.11 28.72
C2N LPE DA . -15.92 -15.50 28.39
C3N LPE DA . -16.37 -17.85 28.15
C13 LPE DA . -10.67 -6.07 25.82
C14 LPE DA . -10.37 -5.01 24.77
C15 LPE DA . -9.25 -4.08 25.20
C16 LPE DA . -9.65 -3.19 26.36
C17 LPE DA . -8.71 -2.00 26.46
C18 LPE DA . -8.75 -1.18 25.17
C19 LPE DA . -7.90 0.07 25.28
C1 LPE EA . -11.33 0.98 27.42
O1 LPE EA . -11.34 2.03 26.46
C2 LPE EA . -12.51 0.04 27.18
O2H LPE EA . -12.50 -0.40 25.82
C3 LPE EA . -12.39 -1.16 28.10
C11 LPE EA . -12.11 3.15 26.90
C12 LPE EA . -12.16 4.19 25.79
O3 LPE EA . -13.61 -1.90 28.07
P LPE EA . -13.64 -3.45 27.64
O31 LPE EA . -13.11 -3.57 26.24
O32 LPE EA . -15.02 -3.98 27.96
O33 LPE EA . -12.57 -4.14 28.64
C31 LPE EA . -13.01 -4.92 29.75
C32 LPE EA . -13.14 -6.38 29.33
N LPE EA . -13.76 -7.21 30.38
C1N LPE EA . -13.06 -8.50 30.44
C2N LPE EA . -13.67 -6.58 31.71
C3N LPE EA . -15.17 -7.44 30.04
C13 LPE EA . -13.15 5.29 26.11
C14 LPE EA . -13.32 6.24 24.93
C15 LPE EA . -12.01 6.93 24.58
C16 LPE EA . -12.24 8.05 23.57
C17 LPE EA . -10.99 8.90 23.43
C18 LPE EA . -11.30 10.17 22.65
C19 LPE EA . -10.12 11.13 22.66
C1 LPE FA . 22.46 -2.67 9.16
O1 LPE FA . 21.94 -3.73 8.35
C2 LPE FA . 23.23 -1.65 8.32
O2H LPE FA . 22.31 -0.91 7.53
C3 LPE FA . 23.96 -0.69 9.26
C11 LPE FA . 22.55 -4.95 8.76
C12 LPE FA . 21.86 -6.16 8.15
O3 LPE FA . 24.71 0.32 8.54
P LPE FA . 25.13 1.66 9.32
O31 LPE FA . 23.84 2.33 9.74
O32 LPE FA . 26.16 1.29 10.35
O33 LPE FA . 25.90 2.63 8.28
C31 LPE FA . 26.64 3.76 8.76
C32 LPE FA . 27.43 4.43 7.64
N LPE FA . 28.22 5.60 8.08
C1N LPE FA . 27.30 6.63 8.58
C2N LPE FA . 29.18 5.24 9.15
C3N LPE FA . 28.98 6.14 6.95
C13 LPE FA . 22.15 -6.30 6.67
C14 LPE FA . 21.54 -7.58 6.11
C15 LPE FA . 20.03 -7.47 6.13
C16 LPE FA . 19.42 -7.93 4.82
C17 LPE FA . 19.47 -9.44 4.72
C18 LPE FA . 18.62 -9.94 3.58
C19 LPE FA . 18.46 -11.44 3.74
C1 LPE GA . -34.99 34.91 28.12
O1 LPE GA . -35.71 33.77 27.65
C2 LPE GA . -35.42 36.15 27.34
O2H LPE GA . -36.27 36.97 28.14
C3 LPE GA . -34.18 36.96 26.93
C11 LPE GA . -36.72 33.35 28.55
C12 LPE GA . -37.06 31.88 28.36
O3 LPE GA . -33.33 37.26 28.03
P LPE GA . -31.97 38.08 27.76
O31 LPE GA . -30.86 37.54 28.60
O32 LPE GA . -31.80 38.15 26.27
O33 LPE GA . -32.29 39.56 28.28
C31 LPE GA . -32.00 40.67 27.44
C32 LPE GA . -30.59 41.17 27.72
N LPE GA . -30.14 42.15 26.70
C1N LPE GA . -28.68 42.26 26.81
C2N LPE GA . -30.52 41.71 25.35
C3N LPE GA . -30.75 43.47 26.97
C13 LPE GA . -37.43 31.58 26.92
C14 LPE GA . -38.26 30.31 26.78
C15 LPE GA . -37.55 29.09 27.34
C16 LPE GA . -38.33 27.82 27.05
C17 LPE GA . -37.62 26.56 27.55
C18 LPE GA . -38.26 25.31 26.96
C19 LPE GA . -37.54 24.04 27.41
C1 LPE HA . -35.30 33.28 22.16
O1 LPE HA . -36.23 32.21 22.14
C2 LPE HA . -35.93 34.47 22.84
O2H LPE HA . -36.08 34.22 24.23
C3 LPE HA . -35.02 35.68 22.63
C11 LPE HA . -37.36 32.57 21.33
O3 LPE HA . -34.82 35.84 21.23
P LPE HA . -33.36 36.11 20.65
O31 LPE HA . -32.82 37.39 21.24
O32 LPE HA . -32.58 34.83 20.75
O33 LPE HA . -33.60 36.37 19.11
C31 LPE HA . -32.58 35.99 18.19
C32 LPE HA . -32.84 36.68 16.86
N LPE HA . -32.02 37.87 16.68
C1N LPE HA . -30.84 37.48 15.90
C2N LPE HA . -32.79 38.87 15.94
C3N LPE HA . -31.57 38.47 17.93
C1 PCW IA . 13.59 14.88 27.54
C2 PCW IA . 14.40 13.60 27.38
C3 PCW IA . 15.76 13.74 28.07
C4 PCW IA . 16.29 19.16 26.70
C5 PCW IA . 17.62 19.15 25.95
C6 PCW IA . 18.48 19.69 28.14
C7 PCW IA . 19.96 19.43 26.28
C8 PCW IA . 18.49 21.33 26.40
C11 PCW IA . 16.61 13.93 30.44
C12 PCW IA . 16.64 12.71 31.32
C13 PCW IA . 17.27 11.55 30.58
C14 PCW IA . 16.79 10.23 31.14
C15 PCW IA . 15.34 9.99 30.72
C16 PCW IA . 14.86 8.66 31.26
C17 PCW IA . 15.72 7.52 30.74
C18 PCW IA . 15.14 6.17 31.11
C19 PCW IA . 13.81 6.00 30.43
C20 PCW IA . 13.36 4.81 30.09
C21 PCW IA . 14.18 3.58 30.38
C22 PCW IA . 13.27 2.49 30.91
C23 PCW IA . 12.35 1.94 29.83
C24 PCW IA . 13.07 0.91 28.97
C25 PCW IA . 12.14 0.29 27.93
C26 PCW IA . 11.68 1.32 26.91
C27 PCW IA . 11.04 0.65 25.69
C31 PCW IA . 12.97 11.69 27.05
C32 PCW IA . 12.71 10.24 27.41
C33 PCW IA . 12.04 9.50 26.27
C34 PCW IA . 11.13 8.44 26.84
C35 PCW IA . 11.92 7.27 27.39
C36 PCW IA . 11.93 6.13 26.39
C37 PCW IA . 10.52 5.87 25.91
C38 PCW IA . 10.48 4.89 24.75
C39 PCW IA . 9.07 4.73 24.28
N PCW IA . 18.63 19.90 26.69
O2 PCW IA . 13.69 12.52 27.98
O3 PCW IA . 15.56 14.06 29.45
O11 PCW IA . 17.47 14.79 30.56
O31 PCW IA . 12.57 12.16 25.99
O1P PCW IA . 15.42 17.04 28.74
O2P PCW IA . 13.36 18.14 27.58
O3P PCW IA . 14.24 15.90 26.80
O4P PCW IA . 15.60 17.94 26.40
P PCW IA . 14.62 17.30 27.49
C1 PCW JA . 24.98 13.15 37.13
C2 PCW JA . 23.69 12.43 37.51
C3 PCW JA . 22.60 12.73 36.49
C4 PCW JA . 27.41 14.77 40.53
C5 PCW JA . 28.23 14.68 41.81
C6 PCW JA . 27.66 17.04 41.93
C7 PCW JA . 26.83 15.50 43.58
C8 PCW JA . 29.16 16.06 43.53
C11 PCW JA . 22.01 12.26 34.11
C12 PCW JA . 21.58 11.01 33.37
C13 PCW JA . 20.95 10.02 34.33
C14 PCW JA . 20.37 8.83 33.58
C15 PCW JA . 19.67 7.90 34.55
C16 PCW JA . 18.90 6.80 33.83
C17 PCW JA . 18.19 5.91 34.83
C18 PCW JA . 17.18 4.98 34.16
C19 PCW JA . 17.90 3.98 33.29
C20 PCW JA . 17.67 2.68 33.45
C21 PCW JA . 16.69 2.21 34.50
C22 PCW JA . 15.70 1.22 33.91
C23 PCW JA . 16.38 -0.09 33.55
C24 PCW JA . 15.34 -1.09 33.07
C25 PCW JA . 15.97 -2.46 32.80
C26 PCW JA . 14.95 -3.44 32.26
C27 PCW JA . 14.33 -2.94 30.96
C31 PCW JA . 23.58 10.43 38.85
C32 PCW JA . 23.55 8.92 39.01
C33 PCW JA . 22.59 8.30 38.01
C34 PCW JA . 22.43 6.81 38.31
C35 PCW JA . 21.53 6.14 37.28
C36 PCW JA . 21.31 4.67 37.63
C37 PCW JA . 22.64 3.93 37.73
C38 PCW JA . 22.42 2.45 38.04
C39 PCW JA . 21.71 2.31 39.36
N PCW JA . 27.97 15.82 42.70
O2 PCW JA . 23.92 11.01 37.56
O3 PCW JA . 22.95 12.17 35.22
O11 PCW JA . 21.58 13.36 33.78
O31 PCW JA . 23.32 11.14 39.81
O1P PCW JA . 27.05 15.08 37.73
O2P PCW JA . 28.48 12.92 37.43
O3P PCW JA . 26.02 12.79 38.03
O4P PCW JA . 27.66 13.63 39.72
P PCW JA . 27.37 13.66 38.14
C P5S KA . 30.73 18.05 39.36
N P5S KA . 30.34 15.75 38.72
O P5S KA . 29.85 18.36 38.51
C1 P5S KA . 35.48 11.08 37.55
C2 P5S KA . 34.09 11.68 37.75
C3 P5S KA . 34.26 12.99 38.51
CA P5S KA . 30.92 16.59 39.75
CB P5S KA . 32.39 16.24 39.95
OG P5S KA . 32.44 15.06 40.70
P12 P5S KA . 32.19 13.62 39.94
O13 P5S KA . 32.67 12.51 40.83
O15 P5S KA . 30.73 13.40 39.62
O16 P5S KA . 33.05 13.65 38.54
C17 P5S KA . 35.72 9.41 39.18
O18 P5S KA . 35.35 9.18 40.29
O19 P5S KA . 36.02 10.72 38.77
C20 P5S KA . 35.84 8.28 38.18
C21 P5S KA . 34.91 7.11 38.47
C22 P5S KA . 33.74 7.02 37.50
C23 P5S KA . 32.76 5.92 37.89
C24 P5S KA . 32.98 4.63 37.11
C25 P5S KA . 32.41 3.42 37.84
O37 P5S KA . 33.30 10.81 38.52
C38 P5S KA . 32.08 10.40 37.95
C39 P5S KA . 30.91 10.05 38.87
C40 P5S KA . 29.64 9.66 38.13
C41 P5S KA . 29.50 8.14 37.93
C42 P5S KA . 28.06 7.70 37.70
C43 P5S KA . 27.37 7.30 39.01
C44 P5S KA . 26.24 6.30 38.76
C45 P5S KA . 26.42 4.98 39.52
C46 P5S KA . 26.99 5.19 40.93
O47 P5S KA . 31.96 10.34 36.77
OXT P5S KA . 31.46 18.94 39.87
CAA Y01 LA . -22.67 8.20 -11.52
CBA Y01 LA . -24.09 8.80 -11.22
CAB Y01 LA . -23.98 10.02 -10.23
CAN Y01 LA . -25.05 7.70 -10.65
CAJ Y01 LA . -26.52 8.24 -10.50
CAO Y01 LA . -27.52 7.15 -9.95
CBB Y01 LA . -28.30 6.33 -11.06
CAC Y01 LA . -28.18 7.03 -12.45
CBE Y01 LA . -27.87 4.93 -11.14
CAP Y01 LA . -27.03 4.48 -9.92
CAQ Y01 LA . -27.71 3.19 -9.38
CBG Y01 LA . -28.46 2.65 -10.61
CBI Y01 LA . -29.04 3.95 -11.22
CAE Y01 LA . -30.20 4.45 -10.35
CAU Y01 LA . -29.55 3.61 -12.60
CAS Y01 LA . -30.72 2.62 -12.43
CBF Y01 LA . -30.28 1.37 -11.66
CBD Y01 LA . -29.62 1.73 -10.32
CAK Y01 LA . -29.09 0.42 -9.69
CAI Y01 LA . -30.22 -0.55 -9.56
CAZ Y01 LA . -31.26 -0.55 -10.34
CAV Y01 LA . -32.33 -1.59 -10.13
CBH Y01 LA . -31.47 0.46 -11.45
CAD Y01 LA . -32.68 1.33 -11.08
CAT Y01 LA . -31.81 -0.27 -12.75
CAR Y01 LA . -33.00 -1.21 -12.51
CBC Y01 LA . -32.77 -2.18 -11.54
OAW Y01 LA . -33.98 -3.00 -11.37
CAY Y01 LA . -33.77 -4.32 -10.84
OAG Y01 LA . -32.67 -4.70 -10.55
CAM Y01 LA . -35.01 -5.28 -10.66
CAL Y01 LA . -34.60 -6.69 -10.08
CAX Y01 LA . -35.82 -7.63 -9.91
OAH Y01 LA . -35.65 -8.80 -9.45
OAF Y01 LA . -36.99 -7.25 -10.23
C1 LPE MA . -21.78 20.19 38.78
O1 LPE MA . -21.99 18.94 38.15
C2 LPE MA . -20.29 20.40 39.02
O2H LPE MA . -19.57 20.15 37.81
C3 LPE MA . -20.04 21.83 39.47
C11 LPE MA . -22.99 19.04 37.13
O3 LPE MA . -18.64 22.11 39.50
P LPE MA . -18.12 23.47 38.87
O31 LPE MA . -19.29 24.41 38.87
O32 LPE MA . -17.42 23.13 37.57
O33 LPE MA . -17.04 24.07 39.88
C31 LPE MA . -17.25 25.34 40.49
C32 LPE MA . -16.87 26.47 39.54
N LPE MA . -17.17 27.77 40.15
C1N LPE MA . -16.71 27.80 41.54
C2N LPE MA . -16.46 28.82 39.41
C3N LPE MA . -18.60 28.05 40.12
C1 NAG NA . -39.47 -24.08 26.99
C2 NAG NA . -39.67 -23.60 25.54
C3 NAG NA . -40.91 -22.72 25.42
C4 NAG NA . -42.07 -23.36 26.12
C5 NAG NA . -41.72 -23.59 27.57
C6 NAG NA . -42.91 -24.18 28.30
C7 NAG NA . -37.51 -23.42 24.46
C8 NAG NA . -36.30 -22.57 24.28
N2 NAG NA . -38.53 -22.83 25.08
O3 NAG NA . -41.29 -22.55 24.06
O4 NAG NA . -43.24 -22.53 26.01
O5 NAG NA . -40.65 -24.52 27.61
O6 NAG NA . -43.35 -25.35 27.63
O7 NAG NA . -37.55 -24.55 24.07
C1 NAG OA . -49.58 -26.06 40.40
C2 NAG OA . -50.61 -25.00 40.01
C3 NAG OA . -51.57 -24.76 41.17
C4 NAG OA . -52.20 -26.07 41.62
C5 NAG OA . -51.12 -27.11 41.92
C6 NAG OA . -51.67 -28.47 42.24
C7 NAG OA . -49.71 -23.46 38.33
C8 NAG OA . -49.03 -22.13 38.10
N2 NAG OA . -49.97 -23.76 39.61
O3 NAG OA . -52.59 -23.85 40.76
O4 NAG OA . -52.98 -25.87 42.79
O5 NAG OA . -50.26 -27.26 40.78
O6 NAG OA . -52.61 -28.90 41.26
O7 NAG OA . -49.99 -24.21 37.41
C1 NAG PA . -42.94 -33.71 47.83
C2 NAG PA . -44.21 -34.06 47.05
C3 NAG PA . -45.27 -34.65 47.96
C4 NAG PA . -44.70 -35.82 48.75
C5 NAG PA . -43.43 -35.40 49.48
C6 NAG PA . -42.75 -36.54 50.19
C7 NAG PA . -44.66 -32.73 45.03
C8 NAG PA . -45.25 -31.45 44.49
N2 NAG PA . -44.73 -32.89 46.35
O3 NAG PA . -46.38 -35.08 47.18
O4 NAG PA . -45.66 -36.27 49.71
O5 NAG PA . -42.48 -34.87 48.54
O6 NAG PA . -41.66 -36.07 50.99
O7 NAG PA . -44.15 -33.56 44.29
C1 LPE QA . -30.94 28.57 41.21
O1 LPE QA . -31.19 27.20 41.55
C2 LPE QA . -30.68 29.38 42.48
O2H LPE QA . -29.51 28.90 43.14
C3 LPE QA . -30.45 30.84 42.12
C11 LPE QA . -32.52 26.80 41.26
O3 LPE QA . -30.31 31.56 43.33
P LPE QA . -31.61 32.16 44.04
O31 LPE QA . -32.74 32.19 43.04
O32 LPE QA . -31.79 31.46 45.38
O33 LPE QA . -31.21 33.68 44.36
C31 LPE QA . -31.80 34.41 45.43
C32 LPE QA . -33.22 34.78 45.06
N LPE QA . -33.73 35.82 45.95
C1N LPE QA . -33.43 35.52 47.34
C2N LPE QA . -33.10 37.11 45.59
C3N LPE QA . -35.19 35.94 45.78
#